data_8CQ6
#
_entry.id   8CQ6
#
_cell.length_a   92.108
_cell.length_b   111.930
_cell.length_c   221.386
_cell.angle_alpha   90.000
_cell.angle_beta   90.000
_cell.angle_gamma   90.000
#
_symmetry.space_group_name_H-M   'P 21 21 21'
#
loop_
_entity.id
_entity.type
_entity.pdbx_description
1 polymer 'chorismate mutase'
2 non-polymer 'SODIUM ION'
3 non-polymer 'CHLORIDE ION'
4 water water
#
_entity_poly.entity_id   1
_entity_poly.type   'polypeptide(L)'
_entity_poly.pdbx_seq_one_letter_code
;MKRLLLSTLLVTALASAHAGRLEEIHARGVLRVGSTGDYKPFSYRAGANDFIGLDVEQAGELARAMGVKLEIVPTSWPTL
MTDFGADKFDIVLSGVSVTAERQQQALFSVSYLRDGKTPITRCENQLRFQTLEQINQPAVRLIVNPGGTNERFARAHAPH
AQLTVYPDNVTIFGQIVSGAADLMMTDAIETRLQQRLHPELCAVHPDAPFDTAEKAILLPRDAELKIYVDTWLQQRISSG
GLQKSFDRWLDYPWALEPLRQAIDERLLLAEAVARAKWNVQAPIEDLPREAQVIAAAVQQGRTLGLPDAWVAAVFKAQIE
ASKTVQRELYAKWKAQQAGHFDDAPDLANTIRPQLDRITTQLLRAMADNQATLKDTARLIRPLEAAALSPAAAAQALAPL
SAHVVVRFLEHHHHHH
;
_entity_poly.pdbx_strand_id   A,B,C,D
#
# COMPACT_ATOMS: atom_id res chain seq x y z
N GLY A 20 18.95 -5.27 -15.88
CA GLY A 20 19.24 -4.51 -17.11
C GLY A 20 19.06 -3.01 -16.91
N ARG A 21 17.80 -2.57 -16.83
CA ARG A 21 16.83 -2.68 -17.92
C ARG A 21 17.44 -2.24 -19.25
N LEU A 22 18.25 -1.17 -19.22
CA LEU A 22 18.88 -0.64 -20.42
C LEU A 22 19.68 -1.74 -21.13
N GLU A 23 20.25 -2.69 -20.37
CA GLU A 23 21.03 -3.78 -20.94
C GLU A 23 20.11 -4.85 -21.53
N GLU A 24 18.96 -5.10 -20.87
CA GLU A 24 18.00 -6.08 -21.34
C GLU A 24 17.47 -5.68 -22.72
N ILE A 25 17.34 -4.36 -22.95
CA ILE A 25 16.93 -3.83 -24.24
C ILE A 25 18.04 -4.08 -25.27
N HIS A 26 19.27 -3.70 -24.92
CA HIS A 26 20.42 -3.86 -25.81
C HIS A 26 20.59 -5.33 -26.17
N ALA A 27 20.37 -6.22 -25.18
CA ALA A 27 20.48 -7.67 -25.37
C ALA A 27 19.40 -8.17 -26.32
N ARG A 28 18.14 -7.89 -25.97
CA ARG A 28 16.97 -8.31 -26.74
C ARG A 28 16.99 -7.67 -28.14
N GLY A 29 17.67 -6.52 -28.26
CA GLY A 29 17.96 -5.92 -29.56
C GLY A 29 16.82 -5.05 -30.09
N VAL A 30 15.83 -4.77 -29.23
CA VAL A 30 14.59 -4.15 -29.64
C VAL A 30 14.01 -3.34 -28.47
N LEU A 31 13.57 -2.12 -28.79
CA LEU A 31 12.83 -1.28 -27.86
C LEU A 31 11.34 -1.48 -28.10
N ARG A 32 10.64 -2.02 -27.11
CA ARG A 32 9.19 -2.19 -27.17
C ARG A 32 8.51 -0.97 -26.57
N VAL A 33 7.69 -0.28 -27.38
CA VAL A 33 7.07 0.97 -26.99
C VAL A 33 5.55 0.85 -27.05
N GLY A 34 4.88 1.06 -25.93
CA GLY A 34 3.45 1.25 -25.92
C GLY A 34 3.02 2.49 -26.70
N SER A 35 1.91 2.36 -27.44
CA SER A 35 1.24 3.50 -28.06
C SER A 35 -0.23 3.16 -28.28
N THR A 36 -1.11 4.11 -27.95
CA THR A 36 -2.54 3.85 -27.94
C THR A 36 -3.03 3.82 -29.39
N GLY A 37 -2.43 4.68 -30.22
CA GLY A 37 -2.77 4.77 -31.62
C GLY A 37 -4.07 5.54 -31.88
N ASP A 38 -4.61 6.18 -30.84
CA ASP A 38 -5.93 6.78 -30.88
C ASP A 38 -5.84 8.31 -30.70
N TYR A 39 -4.61 8.83 -30.57
CA TYR A 39 -4.38 10.17 -30.07
C TYR A 39 -3.47 10.91 -31.04
N LYS A 40 -4.08 11.43 -32.12
CA LYS A 40 -3.45 12.43 -32.96
C LYS A 40 -3.23 13.70 -32.15
N PRO A 41 -2.10 14.43 -32.29
CA PRO A 41 -1.02 14.09 -33.21
C PRO A 41 0.14 13.27 -32.66
N PHE A 42 -0.08 12.59 -31.53
CA PHE A 42 1.01 11.94 -30.82
C PHE A 42 1.24 10.53 -31.38
N SER A 43 0.13 9.81 -31.60
CA SER A 43 0.16 8.38 -31.87
C SER A 43 -1.13 7.98 -32.57
N TYR A 44 -1.01 7.61 -33.85
CA TYR A 44 -2.14 7.21 -34.67
C TYR A 44 -1.83 5.92 -35.43
N ARG A 45 -2.76 4.98 -35.37
CA ARG A 45 -2.65 3.70 -36.05
C ARG A 45 -3.49 3.74 -37.32
N ALA A 46 -2.82 3.96 -38.47
CA ALA A 46 -3.50 4.13 -39.75
C ALA A 46 -3.87 2.78 -40.36
N GLY A 47 -3.03 1.77 -40.08
CA GLY A 47 -3.50 0.42 -39.84
C GLY A 47 -2.42 -0.43 -39.17
N ALA A 48 -2.55 -1.76 -39.29
CA ALA A 48 -1.47 -2.61 -39.79
C ALA A 48 -0.33 -2.68 -38.77
N ASN A 49 0.90 -2.67 -39.26
CA ASN A 49 2.03 -2.12 -38.52
C ASN A 49 2.36 -0.73 -39.06
N ASP A 50 1.38 0.18 -38.96
CA ASP A 50 1.54 1.52 -39.53
C ASP A 50 1.08 2.56 -38.49
N PHE A 51 1.95 2.83 -37.52
CA PHE A 51 1.75 3.92 -36.57
C PHE A 51 2.49 5.17 -37.09
N ILE A 52 1.91 6.35 -36.85
CA ILE A 52 2.59 7.61 -37.13
C ILE A 52 2.30 8.63 -36.02
N GLY A 53 3.17 9.65 -35.92
CA GLY A 53 2.90 10.82 -35.11
C GLY A 53 4.15 11.32 -34.39
N LEU A 54 3.97 12.31 -33.51
CA LEU A 54 5.08 12.93 -32.81
C LEU A 54 5.81 11.88 -31.99
N ASP A 55 5.06 11.11 -31.19
CA ASP A 55 5.66 10.25 -30.19
C ASP A 55 6.13 8.96 -30.84
N VAL A 56 5.61 8.63 -32.03
CA VAL A 56 6.14 7.53 -32.81
C VAL A 56 7.48 7.94 -33.44
N GLU A 57 7.59 9.18 -33.91
CA GLU A 57 8.85 9.70 -34.43
C GLU A 57 9.89 9.71 -33.32
N GLN A 58 9.50 10.07 -32.09
CA GLN A 58 10.42 10.17 -30.98
C GLN A 58 10.89 8.79 -30.55
N ALA A 59 9.95 7.86 -30.43
CA ALA A 59 10.26 6.47 -30.17
C ALA A 59 11.32 5.99 -31.16
N GLY A 60 11.14 6.36 -32.44
CA GLY A 60 12.12 6.08 -33.47
C GLY A 60 13.51 6.59 -33.11
N GLU A 61 13.59 7.86 -32.72
CA GLU A 61 14.87 8.52 -32.52
C GLU A 61 15.58 7.90 -31.32
N LEU A 62 14.80 7.48 -30.32
CA LEU A 62 15.32 6.90 -29.10
C LEU A 62 15.88 5.51 -29.39
N ALA A 63 15.14 4.73 -30.18
CA ALA A 63 15.61 3.42 -30.63
C ALA A 63 16.95 3.56 -31.36
N ARG A 64 17.01 4.46 -32.34
CA ARG A 64 18.25 4.71 -33.08
C ARG A 64 19.39 5.04 -32.12
N ALA A 65 19.09 5.87 -31.10
CA ALA A 65 20.12 6.35 -30.19
C ALA A 65 20.65 5.22 -29.33
N MET A 66 19.77 4.29 -28.93
CA MET A 66 20.17 3.09 -28.20
C MET A 66 20.83 2.08 -29.13
N GLY A 67 20.64 2.26 -30.45
CA GLY A 67 21.20 1.36 -31.46
C GLY A 67 20.42 0.05 -31.54
N VAL A 68 19.09 0.14 -31.61
CA VAL A 68 18.23 -1.03 -31.63
C VAL A 68 17.04 -0.75 -32.56
N LYS A 69 16.30 -1.83 -32.86
CA LYS A 69 15.08 -1.74 -33.63
C LYS A 69 13.95 -1.23 -32.75
N LEU A 70 12.94 -0.63 -33.40
CA LEU A 70 11.72 -0.19 -32.74
C LEU A 70 10.63 -1.23 -32.95
N GLU A 71 9.88 -1.53 -31.89
CA GLU A 71 8.59 -2.21 -32.04
C GLU A 71 7.52 -1.44 -31.26
N ILE A 72 6.57 -0.86 -32.01
CA ILE A 72 5.33 -0.39 -31.43
C ILE A 72 4.54 -1.60 -30.93
N VAL A 73 4.16 -1.57 -29.65
CA VAL A 73 3.15 -2.46 -29.11
C VAL A 73 1.85 -1.67 -28.91
N PRO A 74 0.74 -2.04 -29.59
CA PRO A 74 -0.57 -1.47 -29.32
C PRO A 74 -0.98 -1.51 -27.84
N THR A 75 -1.58 -0.41 -27.37
CA THR A 75 -2.31 -0.43 -26.11
C THR A 75 -3.53 0.49 -26.21
N SER A 76 -4.19 0.69 -25.05
CA SER A 76 -5.26 1.66 -24.92
C SER A 76 -5.26 2.23 -23.51
N TRP A 77 -6.05 3.28 -23.30
CA TRP A 77 -6.07 3.97 -22.01
C TRP A 77 -6.60 3.05 -20.92
N PRO A 78 -7.71 2.31 -21.14
CA PRO A 78 -8.25 1.41 -20.12
C PRO A 78 -7.30 0.28 -19.73
N THR A 79 -6.42 -0.13 -20.66
CA THR A 79 -5.58 -1.29 -20.45
C THR A 79 -4.14 -0.86 -20.14
N LEU A 80 -3.93 0.44 -19.93
CA LEU A 80 -2.60 1.01 -20.09
C LEU A 80 -1.65 0.40 -19.07
N MET A 81 -2.09 0.37 -17.81
CA MET A 81 -1.19 0.10 -16.69
C MET A 81 -1.13 -1.40 -16.44
N THR A 82 -2.23 -2.12 -16.71
CA THR A 82 -2.22 -3.58 -16.65
C THR A 82 -1.27 -4.15 -17.71
N ASP A 83 -1.28 -3.55 -18.91
CA ASP A 83 -0.37 -3.94 -19.98
C ASP A 83 1.08 -3.65 -19.56
N PHE A 84 1.27 -2.59 -18.78
CA PHE A 84 2.59 -2.23 -18.26
C PHE A 84 3.06 -3.29 -17.26
N GLY A 85 2.16 -3.68 -16.35
CA GLY A 85 2.48 -4.63 -15.29
C GLY A 85 2.76 -6.04 -15.83
N ALA A 86 2.19 -6.35 -17.00
CA ALA A 86 2.43 -7.62 -17.67
C ALA A 86 3.73 -7.58 -18.48
N ASP A 87 4.45 -6.46 -18.42
CA ASP A 87 5.69 -6.27 -19.18
C ASP A 87 5.44 -6.61 -20.65
N LYS A 88 4.48 -5.91 -21.26
CA LYS A 88 4.20 -6.04 -22.68
C LYS A 88 5.11 -5.11 -23.48
N PHE A 89 5.65 -4.07 -22.83
CA PHE A 89 6.57 -3.14 -23.46
C PHE A 89 7.52 -2.56 -22.42
N ASP A 90 8.52 -1.82 -22.91
CA ASP A 90 9.56 -1.25 -22.07
C ASP A 90 9.07 0.12 -21.56
N ILE A 91 8.60 0.97 -22.47
CA ILE A 91 8.19 2.32 -22.16
C ILE A 91 6.87 2.62 -22.86
N VAL A 92 6.30 3.79 -22.58
CA VAL A 92 5.14 4.28 -23.30
C VAL A 92 5.38 5.72 -23.74
N LEU A 93 5.25 5.93 -25.04
CA LEU A 93 5.36 7.26 -25.63
C LEU A 93 4.08 7.49 -26.44
N SER A 94 3.14 8.26 -25.89
CA SER A 94 1.80 8.31 -26.48
C SER A 94 1.01 9.52 -25.98
N GLY A 95 1.68 10.65 -25.74
CA GLY A 95 1.05 11.79 -25.13
C GLY A 95 0.46 11.48 -23.75
N VAL A 96 1.21 10.76 -22.92
CA VAL A 96 0.77 10.32 -21.60
C VAL A 96 0.93 11.48 -20.63
N SER A 97 -0.16 11.83 -19.94
CA SER A 97 -0.07 12.78 -18.84
C SER A 97 0.56 12.10 -17.63
N VAL A 98 1.45 12.82 -16.95
CA VAL A 98 1.91 12.46 -15.63
C VAL A 98 0.74 12.60 -14.65
N THR A 99 0.35 11.47 -14.05
CA THR A 99 -0.62 11.46 -12.96
C THR A 99 -0.16 10.53 -11.84
N ALA A 100 -0.78 10.71 -10.67
CA ALA A 100 -0.32 10.10 -9.43
C ALA A 100 -0.61 8.59 -9.43
N GLU A 101 -1.80 8.21 -9.94
CA GLU A 101 -2.14 6.81 -10.10
C GLU A 101 -1.04 6.09 -10.89
N ARG A 102 -0.53 6.75 -11.94
CA ARG A 102 0.43 6.14 -12.83
C ARG A 102 1.80 6.12 -12.16
N GLN A 103 2.07 7.14 -11.33
CA GLN A 103 3.32 7.25 -10.59
C GLN A 103 3.46 6.14 -9.55
N GLN A 104 2.34 5.48 -9.21
CA GLN A 104 2.32 4.42 -8.22
C GLN A 104 3.12 3.22 -8.72
N GLN A 105 3.01 2.92 -10.01
CA GLN A 105 3.56 1.70 -10.58
C GLN A 105 4.85 2.01 -11.34
N ALA A 106 5.08 3.30 -11.65
CA ALA A 106 5.92 3.67 -12.79
C ALA A 106 6.70 4.95 -12.49
N LEU A 107 7.85 5.09 -13.13
CA LEU A 107 8.54 6.36 -13.21
C LEU A 107 8.04 7.15 -14.42
N PHE A 108 8.28 8.47 -14.40
CA PHE A 108 8.14 9.29 -15.59
C PHE A 108 9.46 9.97 -15.90
N SER A 109 9.65 10.30 -17.18
CA SER A 109 10.70 11.21 -17.61
C SER A 109 10.38 12.63 -17.16
N VAL A 110 11.32 13.54 -17.43
CA VAL A 110 11.04 14.96 -17.50
C VAL A 110 9.94 15.19 -18.53
N SER A 111 9.16 16.25 -18.32
CA SER A 111 8.11 16.65 -19.24
C SER A 111 8.72 17.14 -20.56
N TYR A 112 8.07 16.79 -21.68
CA TYR A 112 8.34 17.44 -22.96
C TYR A 112 7.20 18.35 -23.39
N LEU A 113 6.14 18.42 -22.58
CA LEU A 113 5.06 19.37 -22.84
C LEU A 113 4.27 19.66 -21.58
N ARG A 114 3.81 20.91 -21.49
CA ARG A 114 2.92 21.35 -20.43
C ARG A 114 1.59 21.80 -21.05
N ASP A 115 0.51 21.17 -20.61
CA ASP A 115 -0.80 21.34 -21.24
C ASP A 115 -1.85 21.26 -20.14
N GLY A 116 -3.13 21.36 -20.52
CA GLY A 116 -4.17 20.52 -19.96
C GLY A 116 -5.54 20.85 -20.53
N LYS A 117 -6.58 20.57 -19.76
CA LYS A 117 -7.89 20.28 -20.32
C LYS A 117 -8.60 21.60 -20.65
N THR A 118 -9.25 21.61 -21.82
CA THR A 118 -10.06 22.73 -22.25
C THR A 118 -11.21 22.15 -23.08
N PRO A 119 -12.36 22.86 -23.20
CA PRO A 119 -13.52 22.30 -23.89
C PRO A 119 -13.35 22.40 -25.40
N ILE A 120 -14.05 21.49 -26.11
CA ILE A 120 -14.30 21.65 -27.52
C ILE A 120 -15.78 21.43 -27.80
N THR A 121 -16.34 22.32 -28.63
CA THR A 121 -17.77 22.35 -28.89
C THR A 121 -17.99 23.03 -30.24
N ARG A 122 -19.24 22.93 -30.72
CA ARG A 122 -19.64 23.57 -31.97
C ARG A 122 -19.47 25.08 -31.85
N CYS A 123 -19.13 25.73 -32.97
CA CYS A 123 -18.59 27.09 -32.97
C CYS A 123 -19.65 28.09 -32.49
N GLU A 124 -20.94 27.77 -32.68
CA GLU A 124 -22.02 28.56 -32.10
C GLU A 124 -21.88 28.62 -30.58
N ASN A 125 -21.63 27.47 -29.92
CA ASN A 125 -21.80 27.39 -28.47
C ASN A 125 -20.48 27.66 -27.74
N GLN A 126 -19.51 28.31 -28.40
CA GLN A 126 -18.23 28.65 -27.78
C GLN A 126 -18.49 29.38 -26.46
N LEU A 127 -19.46 30.31 -26.50
CA LEU A 127 -19.70 31.19 -25.37
C LEU A 127 -20.57 30.50 -24.32
N ARG A 128 -21.18 29.37 -24.68
CA ARG A 128 -22.05 28.65 -23.75
C ARG A 128 -21.21 27.82 -22.77
N PHE A 129 -19.91 27.61 -23.09
CA PHE A 129 -19.08 26.69 -22.33
C PHE A 129 -17.70 27.30 -22.08
N GLN A 130 -17.68 28.58 -21.67
CA GLN A 130 -16.45 29.26 -21.32
C GLN A 130 -15.94 28.74 -19.97
N THR A 131 -16.85 28.40 -19.06
CA THR A 131 -16.49 28.16 -17.67
C THR A 131 -17.01 26.80 -17.20
N LEU A 132 -16.35 26.26 -16.17
CA LEU A 132 -16.71 24.97 -15.60
C LEU A 132 -18.06 25.05 -14.89
N GLU A 133 -18.46 26.25 -14.46
CA GLU A 133 -19.78 26.48 -13.88
C GLU A 133 -20.86 26.34 -14.98
N GLN A 134 -20.63 27.00 -16.11
CA GLN A 134 -21.51 26.90 -17.27
C GLN A 134 -21.66 25.44 -17.70
N ILE A 135 -20.60 24.64 -17.54
CA ILE A 135 -20.52 23.30 -18.07
C ILE A 135 -21.14 22.32 -17.06
N ASN A 136 -20.95 22.58 -15.76
CA ASN A 136 -21.31 21.59 -14.75
C ASN A 136 -22.77 21.78 -14.34
N GLN A 137 -23.69 21.21 -15.12
CA GLN A 137 -25.11 21.31 -14.81
C GLN A 137 -25.89 20.29 -15.64
N PRO A 138 -27.11 19.87 -15.20
CA PRO A 138 -27.75 18.67 -15.72
C PRO A 138 -28.34 18.80 -17.12
N ALA A 139 -28.43 20.04 -17.63
CA ALA A 139 -28.87 20.32 -18.99
C ALA A 139 -27.88 19.76 -20.02
N VAL A 140 -26.59 19.67 -19.67
CA VAL A 140 -25.51 19.62 -20.64
C VAL A 140 -25.11 18.15 -20.86
N ARG A 141 -24.92 17.79 -22.14
CA ARG A 141 -24.54 16.45 -22.54
C ARG A 141 -23.03 16.41 -22.81
N LEU A 142 -22.30 15.80 -21.88
CA LEU A 142 -20.85 15.76 -21.95
C LEU A 142 -20.42 14.41 -22.49
N ILE A 143 -19.29 14.38 -23.20
CA ILE A 143 -18.77 13.12 -23.75
C ILE A 143 -17.26 13.03 -23.52
N VAL A 144 -16.80 11.81 -23.18
CA VAL A 144 -15.39 11.51 -23.01
C VAL A 144 -15.10 10.09 -23.49
N ASN A 145 -13.86 9.90 -23.94
CA ASN A 145 -13.29 8.57 -24.09
C ASN A 145 -12.93 7.98 -22.74
N PRO A 146 -13.00 6.64 -22.58
CA PRO A 146 -12.79 5.98 -21.29
C PRO A 146 -11.33 5.68 -20.97
N GLY A 147 -11.09 5.38 -19.69
CA GLY A 147 -9.79 4.96 -19.19
C GLY A 147 -8.95 6.14 -18.69
N GLY A 148 -9.36 7.35 -19.10
CA GLY A 148 -8.43 8.41 -19.44
C GLY A 148 -8.17 9.30 -18.23
N THR A 149 -7.32 10.32 -18.40
CA THR A 149 -7.43 11.52 -17.61
C THR A 149 -8.68 12.31 -17.99
N ASN A 150 -9.15 12.14 -19.22
CA ASN A 150 -10.28 12.91 -19.73
C ASN A 150 -11.55 12.50 -19.00
N GLU A 151 -11.65 11.20 -18.65
CA GLU A 151 -12.78 10.66 -17.90
C GLU A 151 -12.72 11.11 -16.46
N ARG A 152 -11.53 11.03 -15.85
CA ARG A 152 -11.35 11.40 -14.46
C ARG A 152 -11.70 12.87 -14.26
N PHE A 153 -11.27 13.72 -15.20
CA PHE A 153 -11.46 15.16 -15.11
C PHE A 153 -12.94 15.53 -15.25
N ALA A 154 -13.67 14.81 -16.08
CA ALA A 154 -15.08 15.09 -16.32
C ALA A 154 -15.94 14.69 -15.12
N ARG A 155 -15.55 13.59 -14.45
CA ARG A 155 -16.26 13.08 -13.29
C ARG A 155 -16.04 14.00 -12.09
N ALA A 156 -14.82 14.55 -11.98
CA ALA A 156 -14.42 15.33 -10.82
C ALA A 156 -15.00 16.74 -10.91
N HIS A 157 -15.00 17.34 -12.12
CA HIS A 157 -15.17 18.77 -12.27
C HIS A 157 -16.51 19.09 -12.95
N ALA A 158 -17.32 18.07 -13.23
CA ALA A 158 -18.60 18.29 -13.91
C ALA A 158 -19.58 17.15 -13.62
N PRO A 159 -19.78 16.74 -12.35
CA PRO A 159 -20.60 15.56 -12.05
C PRO A 159 -22.08 15.68 -12.43
N HIS A 160 -22.62 16.90 -12.41
CA HIS A 160 -24.05 17.12 -12.59
C HIS A 160 -24.46 16.95 -14.05
N ALA A 161 -23.49 17.14 -14.96
CA ALA A 161 -23.73 17.00 -16.39
C ALA A 161 -23.96 15.53 -16.74
N GLN A 162 -24.56 15.31 -17.92
CA GLN A 162 -24.89 14.00 -18.41
C GLN A 162 -23.72 13.46 -19.23
N LEU A 163 -23.17 12.32 -18.78
CA LEU A 163 -21.91 11.81 -19.29
C LEU A 163 -22.14 10.50 -20.03
N THR A 164 -22.04 10.56 -21.37
CA THR A 164 -21.87 9.36 -22.18
C THR A 164 -20.39 9.07 -22.40
N VAL A 165 -20.02 7.78 -22.32
CA VAL A 165 -18.64 7.33 -22.41
C VAL A 165 -18.47 6.53 -23.70
N TYR A 166 -17.74 7.09 -24.67
CA TYR A 166 -17.84 6.66 -26.06
C TYR A 166 -16.49 6.07 -26.51
N PRO A 167 -16.35 4.73 -26.64
CA PRO A 167 -15.06 4.07 -26.50
C PRO A 167 -14.21 4.05 -27.78
N ASP A 168 -14.26 5.13 -28.57
CA ASP A 168 -13.31 5.31 -29.67
C ASP A 168 -12.95 6.78 -29.84
N ASN A 169 -11.66 7.11 -29.74
CA ASN A 169 -11.22 8.47 -29.49
C ASN A 169 -11.03 9.25 -30.81
N VAL A 170 -11.00 8.55 -31.94
CA VAL A 170 -10.72 9.20 -33.22
C VAL A 170 -12.01 9.79 -33.79
N THR A 171 -13.15 9.08 -33.63
CA THR A 171 -14.41 9.49 -34.22
C THR A 171 -15.36 10.04 -33.15
N ILE A 172 -14.82 10.32 -31.96
CA ILE A 172 -15.62 10.83 -30.86
C ILE A 172 -16.03 12.27 -31.13
N PHE A 173 -15.21 12.99 -31.91
CA PHE A 173 -15.46 14.40 -32.18
C PHE A 173 -16.56 14.55 -33.22
N GLY A 174 -16.84 13.49 -33.98
CA GLY A 174 -18.05 13.40 -34.79
C GLY A 174 -19.34 13.59 -33.98
N GLN A 175 -19.35 13.05 -32.75
CA GLN A 175 -20.56 13.04 -31.94
C GLN A 175 -20.98 14.46 -31.55
N ILE A 176 -20.01 15.39 -31.49
CA ILE A 176 -20.28 16.78 -31.15
C ILE A 176 -20.79 17.50 -32.40
N VAL A 177 -20.07 17.34 -33.51
CA VAL A 177 -20.48 17.85 -34.81
C VAL A 177 -21.96 17.53 -35.02
N SER A 178 -22.37 16.28 -34.73
CA SER A 178 -23.69 15.79 -35.09
C SER A 178 -24.70 16.05 -33.97
N GLY A 179 -24.33 16.83 -32.96
CA GLY A 179 -25.27 17.29 -31.96
C GLY A 179 -25.60 16.23 -30.90
N ALA A 180 -24.96 15.05 -31.00
CA ALA A 180 -25.28 13.92 -30.13
C ALA A 180 -24.72 14.15 -28.72
N ALA A 181 -23.65 14.96 -28.62
CA ALA A 181 -23.26 15.58 -27.37
C ALA A 181 -22.91 17.05 -27.58
N ASP A 182 -22.86 17.80 -26.47
CA ASP A 182 -22.80 19.26 -26.48
C ASP A 182 -21.34 19.71 -26.62
N LEU A 183 -20.46 19.09 -25.80
CA LEU A 183 -19.04 19.36 -25.82
C LEU A 183 -18.27 18.16 -25.30
N MET A 184 -16.94 18.22 -25.49
CA MET A 184 -16.00 17.35 -24.82
C MET A 184 -14.91 18.21 -24.18
N MET A 185 -14.29 17.69 -23.10
CA MET A 185 -13.15 18.32 -22.49
C MET A 185 -11.93 17.40 -22.57
N THR A 186 -10.86 17.91 -23.19
CA THR A 186 -9.66 17.16 -23.50
C THR A 186 -8.47 18.09 -23.57
N ASP A 187 -7.27 17.53 -23.79
CA ASP A 187 -6.04 18.31 -23.83
C ASP A 187 -6.16 19.41 -24.88
N ALA A 188 -5.68 20.60 -24.53
CA ALA A 188 -5.87 21.79 -25.36
C ALA A 188 -5.19 21.61 -26.71
N ILE A 189 -4.15 20.78 -26.77
CA ILE A 189 -3.43 20.54 -28.00
C ILE A 189 -4.24 19.61 -28.93
N GLU A 190 -4.89 18.60 -28.36
CA GLU A 190 -5.84 17.78 -29.10
C GLU A 190 -6.94 18.67 -29.68
N THR A 191 -7.39 19.67 -28.90
CA THR A 191 -8.47 20.56 -29.30
C THR A 191 -8.02 21.50 -30.42
N ARG A 192 -6.78 21.95 -30.41
CA ARG A 192 -6.27 22.80 -31.48
C ARG A 192 -6.33 22.08 -32.81
N LEU A 193 -6.09 20.76 -32.78
CA LEU A 193 -5.99 19.94 -33.98
C LEU A 193 -7.39 19.60 -34.51
N GLN A 194 -8.30 19.24 -33.60
CA GLN A 194 -9.59 18.72 -33.99
C GLN A 194 -10.48 19.86 -34.53
N GLN A 195 -10.16 21.12 -34.19
CA GLN A 195 -10.89 22.26 -34.73
C GLN A 195 -10.50 22.50 -36.18
N ARG A 196 -9.26 22.14 -36.54
CA ARG A 196 -8.84 22.16 -37.94
C ARG A 196 -9.52 21.02 -38.72
N LEU A 197 -9.61 19.84 -38.11
CA LEU A 197 -10.10 18.65 -38.80
C LEU A 197 -11.60 18.74 -39.02
N HIS A 198 -12.35 19.12 -37.99
CA HIS A 198 -13.77 19.40 -38.11
C HIS A 198 -13.97 20.91 -38.12
N PRO A 199 -14.17 21.57 -39.30
CA PRO A 199 -14.34 23.03 -39.34
C PRO A 199 -15.52 23.53 -38.51
N GLU A 200 -16.48 22.64 -38.27
CA GLU A 200 -17.72 22.93 -37.54
C GLU A 200 -17.43 23.03 -36.04
N LEU A 201 -16.34 22.41 -35.57
CA LEU A 201 -15.93 22.46 -34.18
C LEU A 201 -14.92 23.58 -33.96
N CYS A 202 -14.91 24.09 -32.71
CA CYS A 202 -14.07 25.20 -32.29
C CYS A 202 -13.52 24.90 -30.90
N ALA A 203 -12.23 25.22 -30.71
CA ALA A 203 -11.57 25.12 -29.41
C ALA A 203 -12.00 26.28 -28.52
N VAL A 204 -12.24 25.97 -27.24
CA VAL A 204 -12.61 26.98 -26.26
C VAL A 204 -11.38 27.39 -25.44
N HIS A 205 -11.01 28.68 -25.57
CA HIS A 205 -9.86 29.29 -24.90
C HIS A 205 -8.74 28.28 -24.63
N PRO A 206 -8.08 27.73 -25.67
CA PRO A 206 -7.02 26.74 -25.48
C PRO A 206 -5.69 27.29 -24.97
N ASP A 207 -5.50 28.62 -25.10
CA ASP A 207 -4.36 29.29 -24.47
C ASP A 207 -4.58 29.49 -22.97
N ALA A 208 -5.79 29.21 -22.46
CA ALA A 208 -6.09 29.35 -21.04
C ALA A 208 -6.89 28.15 -20.55
N PRO A 209 -6.28 26.94 -20.46
CA PRO A 209 -7.00 25.73 -20.07
C PRO A 209 -7.50 25.84 -18.62
N PHE A 210 -8.34 24.87 -18.24
CA PHE A 210 -8.87 24.82 -16.88
C PHE A 210 -7.82 24.37 -15.88
N ASP A 211 -6.78 23.65 -16.33
CA ASP A 211 -5.80 23.10 -15.41
C ASP A 211 -4.45 22.94 -16.11
N THR A 212 -3.53 22.23 -15.44
CA THR A 212 -2.19 21.96 -15.96
C THR A 212 -1.81 20.49 -15.74
N ALA A 213 -1.05 19.95 -16.70
CA ALA A 213 -0.45 18.63 -16.58
C ALA A 213 0.81 18.58 -17.43
N GLU A 214 1.75 17.73 -17.02
CA GLU A 214 2.91 17.43 -17.81
C GLU A 214 2.54 16.28 -18.74
N LYS A 215 3.09 16.30 -19.97
CA LYS A 215 3.26 15.11 -20.78
C LYS A 215 4.70 14.62 -20.70
N ALA A 216 4.86 13.31 -20.46
CA ALA A 216 6.18 12.71 -20.30
C ALA A 216 6.13 11.24 -20.69
N ILE A 217 7.30 10.61 -20.65
CA ILE A 217 7.49 9.22 -21.08
C ILE A 217 7.30 8.33 -19.88
N LEU A 218 6.39 7.35 -19.98
CA LEU A 218 6.21 6.38 -18.93
C LEU A 218 7.38 5.40 -18.94
N LEU A 219 8.02 5.22 -17.78
CA LEU A 219 9.20 4.37 -17.67
C LEU A 219 8.99 3.37 -16.56
N PRO A 220 9.73 2.24 -16.57
CA PRO A 220 9.70 1.28 -15.46
C PRO A 220 10.64 1.71 -14.34
N ARG A 221 10.53 1.05 -13.19
CA ARG A 221 11.25 1.43 -11.99
C ARG A 221 12.71 1.01 -12.15
N ASP A 222 13.48 1.86 -12.84
CA ASP A 222 14.88 1.62 -13.12
C ASP A 222 15.56 2.98 -13.36
N ALA A 223 16.48 3.35 -12.48
CA ALA A 223 16.92 4.73 -12.37
C ALA A 223 17.94 5.05 -13.45
N GLU A 224 18.70 4.05 -13.90
CA GLU A 224 19.77 4.28 -14.87
C GLU A 224 19.14 4.61 -16.22
N LEU A 225 18.02 3.93 -16.52
CA LEU A 225 17.26 4.18 -17.74
C LEU A 225 16.67 5.59 -17.71
N LYS A 226 16.04 5.93 -16.58
CA LYS A 226 15.44 7.25 -16.42
C LYS A 226 16.49 8.32 -16.69
N ILE A 227 17.72 8.12 -16.20
CA ILE A 227 18.77 9.11 -16.40
C ILE A 227 19.10 9.19 -17.88
N TYR A 228 19.15 8.02 -18.55
CA TYR A 228 19.45 7.98 -19.97
C TYR A 228 18.40 8.77 -20.76
N VAL A 229 17.13 8.42 -20.55
CA VAL A 229 16.04 9.00 -21.32
C VAL A 229 16.00 10.50 -21.07
N ASP A 230 16.14 10.90 -19.80
CA ASP A 230 16.04 12.29 -19.40
C ASP A 230 17.14 13.10 -20.06
N THR A 231 18.38 12.58 -20.03
CA THR A 231 19.50 13.28 -20.66
C THR A 231 19.21 13.47 -22.14
N TRP A 232 18.69 12.41 -22.76
CA TRP A 232 18.32 12.43 -24.16
C TRP A 232 17.28 13.53 -24.41
N LEU A 233 16.24 13.53 -23.59
CA LEU A 233 15.11 14.44 -23.78
C LEU A 233 15.55 15.89 -23.56
N GLN A 234 16.30 16.13 -22.49
CA GLN A 234 16.74 17.47 -22.15
C GLN A 234 17.58 18.04 -23.29
N GLN A 235 18.37 17.17 -23.94
CA GLN A 235 19.13 17.58 -25.10
C GLN A 235 18.17 18.01 -26.21
N ARG A 236 17.18 17.16 -26.50
CA ARG A 236 16.24 17.41 -27.59
C ARG A 236 15.52 18.73 -27.33
N ILE A 237 15.14 18.98 -26.07
CA ILE A 237 14.37 20.17 -25.74
C ILE A 237 15.26 21.40 -25.92
N SER A 238 16.44 21.40 -25.32
CA SER A 238 17.25 22.60 -25.25
C SER A 238 17.74 23.01 -26.63
N SER A 239 17.85 22.04 -27.55
CA SER A 239 18.44 22.28 -28.87
C SER A 239 17.39 22.75 -29.88
N GLY A 240 16.11 22.72 -29.49
CA GLY A 240 15.02 23.19 -30.34
C GLY A 240 14.40 22.06 -31.17
N GLY A 241 14.93 20.85 -30.99
CA GLY A 241 14.58 19.71 -31.82
C GLY A 241 13.16 19.23 -31.54
N LEU A 242 12.72 19.32 -30.29
CA LEU A 242 11.35 18.97 -29.94
C LEU A 242 10.39 20.04 -30.45
N GLN A 243 10.72 21.31 -30.24
CA GLN A 243 9.94 22.40 -30.80
C GLN A 243 9.72 22.19 -32.29
N LYS A 244 10.80 21.87 -33.02
CA LYS A 244 10.72 21.59 -34.44
C LYS A 244 9.70 20.46 -34.69
N SER A 245 9.88 19.35 -33.99
CA SER A 245 9.03 18.16 -34.15
C SER A 245 7.56 18.50 -33.88
N PHE A 246 7.31 19.43 -32.95
CA PHE A 246 5.95 19.85 -32.65
C PHE A 246 5.35 20.61 -33.83
N ASP A 247 6.16 21.48 -34.45
CA ASP A 247 5.72 22.26 -35.59
C ASP A 247 5.35 21.33 -36.76
N ARG A 248 6.25 20.38 -37.06
CA ARG A 248 6.03 19.39 -38.10
C ARG A 248 4.66 18.74 -37.91
N TRP A 249 4.42 18.17 -36.74
CA TRP A 249 3.36 17.18 -36.56
C TRP A 249 2.02 17.84 -36.27
N LEU A 250 2.00 19.17 -36.07
CA LEU A 250 0.76 19.90 -36.00
C LEU A 250 0.38 20.46 -37.38
N ASP A 251 1.38 20.89 -38.15
CA ASP A 251 1.16 21.32 -39.52
C ASP A 251 1.02 20.11 -40.45
N TYR A 252 1.20 18.89 -39.92
CA TYR A 252 1.05 17.69 -40.74
C TYR A 252 -0.40 17.56 -41.19
N PRO A 253 -0.64 17.26 -42.50
CA PRO A 253 -1.99 17.14 -43.05
C PRO A 253 -2.70 15.85 -42.64
N TRP A 254 -3.19 15.85 -41.40
CA TRP A 254 -3.88 14.70 -40.84
C TRP A 254 -5.10 14.35 -41.66
N ALA A 255 -5.68 15.38 -42.29
CA ALA A 255 -6.88 15.26 -43.11
C ALA A 255 -6.71 14.20 -44.20
N LEU A 256 -5.46 13.96 -44.66
CA LEU A 256 -5.24 13.14 -45.83
C LEU A 256 -5.26 11.64 -45.50
N GLU A 257 -5.35 11.30 -44.21
CA GLU A 257 -5.10 9.93 -43.80
C GLU A 257 -6.25 9.01 -44.22
N PRO A 258 -7.52 9.46 -44.14
CA PRO A 258 -8.65 8.74 -44.74
C PRO A 258 -8.60 8.56 -46.25
N LEU A 259 -8.16 9.62 -46.95
CA LEU A 259 -8.01 9.57 -48.39
C LEU A 259 -7.05 8.44 -48.75
N ARG A 260 -5.93 8.41 -48.05
CA ARG A 260 -4.92 7.38 -48.23
C ARG A 260 -5.50 5.99 -47.91
N GLN A 261 -6.31 5.89 -46.85
CA GLN A 261 -6.92 4.62 -46.49
C GLN A 261 -7.82 4.12 -47.63
N ALA A 262 -8.51 5.04 -48.31
CA ALA A 262 -9.46 4.68 -49.34
C ALA A 262 -8.75 4.23 -50.62
N ILE A 263 -7.73 4.98 -51.04
CA ILE A 263 -6.90 4.59 -52.17
C ILE A 263 -6.32 3.21 -51.88
N ASP A 264 -5.85 3.00 -50.65
CA ASP A 264 -5.22 1.75 -50.28
C ASP A 264 -6.24 0.61 -50.39
N GLU A 265 -7.39 0.75 -49.72
CA GLU A 265 -8.36 -0.34 -49.66
C GLU A 265 -8.82 -0.74 -51.06
N ARG A 266 -8.95 0.27 -51.93
CA ARG A 266 -9.47 0.07 -53.28
C ARG A 266 -8.48 -0.76 -54.10
N LEU A 267 -7.20 -0.46 -53.93
CA LEU A 267 -6.15 -1.16 -54.66
C LEU A 267 -6.03 -2.60 -54.16
N LEU A 268 -6.19 -2.83 -52.86
CA LEU A 268 -6.05 -4.17 -52.31
C LEU A 268 -7.12 -5.09 -52.91
N LEU A 269 -8.25 -4.49 -53.30
CA LEU A 269 -9.34 -5.23 -53.91
C LEU A 269 -9.01 -5.69 -55.33
N ALA A 270 -8.04 -5.06 -55.99
CA ALA A 270 -7.66 -5.47 -57.34
C ALA A 270 -7.23 -6.93 -57.36
N GLU A 271 -6.70 -7.44 -56.24
CA GLU A 271 -6.39 -8.85 -56.07
C GLU A 271 -7.64 -9.70 -56.30
N ALA A 272 -8.75 -9.35 -55.66
CA ALA A 272 -10.00 -10.08 -55.84
C ALA A 272 -10.49 -9.98 -57.28
N VAL A 273 -10.43 -8.75 -57.84
CA VAL A 273 -10.86 -8.50 -59.21
C VAL A 273 -10.15 -9.47 -60.15
N ALA A 274 -8.84 -9.64 -59.94
CA ALA A 274 -8.03 -10.48 -60.81
C ALA A 274 -8.45 -11.94 -60.67
N ARG A 275 -8.59 -12.42 -59.43
CA ARG A 275 -9.03 -13.78 -59.16
C ARG A 275 -10.30 -14.10 -59.94
N ALA A 276 -11.27 -13.17 -59.89
CA ALA A 276 -12.58 -13.40 -60.48
C ALA A 276 -12.50 -13.43 -62.00
N LYS A 277 -11.76 -12.47 -62.57
CA LYS A 277 -11.59 -12.38 -64.01
C LYS A 277 -10.79 -13.58 -64.53
N TRP A 278 -9.89 -14.10 -63.71
CA TRP A 278 -9.05 -15.23 -64.09
C TRP A 278 -9.92 -16.48 -64.28
N ASN A 279 -10.91 -16.65 -63.41
CA ASN A 279 -11.75 -17.84 -63.43
C ASN A 279 -12.55 -17.91 -64.74
N VAL A 280 -12.96 -16.75 -65.27
CA VAL A 280 -13.69 -16.70 -66.53
C VAL A 280 -12.72 -16.39 -67.68
N GLN A 281 -11.41 -16.32 -67.36
CA GLN A 281 -10.38 -15.92 -68.30
C GLN A 281 -10.79 -14.64 -69.06
N ALA A 282 -11.34 -13.66 -68.34
CA ALA A 282 -11.68 -12.37 -68.92
C ALA A 282 -10.39 -11.60 -69.23
N PRO A 283 -10.41 -10.71 -70.26
CA PRO A 283 -9.28 -9.81 -70.51
C PRO A 283 -9.28 -8.66 -69.50
N ILE A 284 -8.12 -8.03 -69.33
CA ILE A 284 -7.90 -7.13 -68.22
C ILE A 284 -8.47 -5.75 -68.57
N GLU A 285 -8.10 -5.24 -69.75
CA GLU A 285 -8.62 -3.98 -70.25
C GLU A 285 -10.12 -4.14 -70.53
N ASP A 286 -10.92 -3.24 -69.96
CA ASP A 286 -12.36 -3.22 -70.17
C ASP A 286 -12.81 -1.77 -70.32
N LEU A 287 -12.81 -1.27 -71.55
CA LEU A 287 -12.90 0.17 -71.79
C LEU A 287 -14.29 0.70 -71.37
N PRO A 288 -15.38 -0.07 -71.56
CA PRO A 288 -16.68 0.30 -71.00
C PRO A 288 -16.66 0.55 -69.49
N ARG A 289 -16.04 -0.36 -68.72
CA ARG A 289 -16.04 -0.24 -67.26
C ARG A 289 -15.25 1.01 -66.87
N GLU A 290 -14.13 1.27 -67.58
CA GLU A 290 -13.31 2.43 -67.30
C GLU A 290 -14.11 3.71 -67.49
N ALA A 291 -14.81 3.83 -68.62
CA ALA A 291 -15.57 5.03 -68.91
C ALA A 291 -16.65 5.24 -67.85
N GLN A 292 -17.28 4.16 -67.39
CA GLN A 292 -18.40 4.27 -66.45
C GLN A 292 -17.87 4.74 -65.09
N VAL A 293 -16.79 4.11 -64.64
CA VAL A 293 -16.20 4.42 -63.35
C VAL A 293 -15.85 5.90 -63.30
N ILE A 294 -15.17 6.39 -64.35
CA ILE A 294 -14.72 7.77 -64.38
C ILE A 294 -15.93 8.70 -64.48
N ALA A 295 -16.89 8.33 -65.34
CA ALA A 295 -18.06 9.17 -65.58
C ALA A 295 -18.86 9.34 -64.30
N ALA A 296 -19.01 8.23 -63.56
CA ALA A 296 -19.78 8.21 -62.32
C ALA A 296 -19.05 8.95 -61.19
N ALA A 297 -17.71 8.83 -61.15
CA ALA A 297 -16.92 9.56 -60.17
C ALA A 297 -17.06 11.07 -60.39
N VAL A 298 -16.99 11.49 -61.65
CA VAL A 298 -17.04 12.91 -61.97
C VAL A 298 -18.38 13.48 -61.54
N GLN A 299 -19.46 12.76 -61.86
CA GLN A 299 -20.81 13.19 -61.53
C GLN A 299 -20.93 13.40 -60.02
N GLN A 300 -20.57 12.36 -59.26
CA GLN A 300 -20.61 12.40 -57.80
C GLN A 300 -19.74 13.53 -57.26
N GLY A 301 -18.58 13.73 -57.91
CA GLY A 301 -17.66 14.78 -57.51
C GLY A 301 -18.23 16.19 -57.71
N ARG A 302 -19.07 16.36 -58.74
CA ARG A 302 -19.68 17.64 -59.01
C ARG A 302 -20.63 18.02 -57.88
N THR A 303 -21.30 17.02 -57.31
CA THR A 303 -22.23 17.26 -56.20
C THR A 303 -21.45 17.69 -54.95
N LEU A 304 -20.19 17.25 -54.83
CA LEU A 304 -19.34 17.65 -53.73
C LEU A 304 -18.49 18.89 -54.09
N GLY A 305 -18.70 19.45 -55.27
CA GLY A 305 -18.04 20.68 -55.68
C GLY A 305 -16.57 20.50 -56.04
N LEU A 306 -16.12 19.24 -56.17
CA LEU A 306 -14.81 18.93 -56.74
C LEU A 306 -14.81 19.31 -58.23
N PRO A 307 -13.67 19.81 -58.75
CA PRO A 307 -13.54 20.01 -60.20
C PRO A 307 -13.28 18.70 -60.95
N ASP A 308 -13.84 18.61 -62.15
CA ASP A 308 -14.03 17.34 -62.82
C ASP A 308 -12.68 16.85 -63.36
N ALA A 309 -11.90 17.79 -63.93
CA ALA A 309 -10.62 17.45 -64.53
C ALA A 309 -9.77 16.67 -63.53
N TRP A 310 -9.80 17.10 -62.27
CA TRP A 310 -8.97 16.52 -61.24
C TRP A 310 -9.49 15.14 -60.84
N VAL A 311 -10.80 15.04 -60.58
CA VAL A 311 -11.41 13.78 -60.21
C VAL A 311 -11.11 12.74 -61.28
N ALA A 312 -11.20 13.14 -62.55
CA ALA A 312 -10.95 12.23 -63.66
C ALA A 312 -9.52 11.70 -63.60
N ALA A 313 -8.57 12.62 -63.44
CA ALA A 313 -7.16 12.25 -63.32
C ALA A 313 -6.99 11.27 -62.17
N VAL A 314 -7.56 11.59 -61.01
CA VAL A 314 -7.35 10.76 -59.82
C VAL A 314 -7.80 9.33 -60.14
N PHE A 315 -8.94 9.20 -60.82
CA PHE A 315 -9.60 7.91 -60.93
C PHE A 315 -9.00 7.13 -62.10
N LYS A 316 -8.66 7.84 -63.18
CA LYS A 316 -7.79 7.26 -64.21
C LYS A 316 -6.60 6.55 -63.58
N ALA A 317 -5.96 7.24 -62.63
CA ALA A 317 -4.77 6.68 -62.00
C ALA A 317 -5.15 5.43 -61.21
N GLN A 318 -6.28 5.48 -60.51
CA GLN A 318 -6.72 4.36 -59.70
C GLN A 318 -7.01 3.15 -60.58
N ILE A 319 -7.56 3.40 -61.77
CA ILE A 319 -7.89 2.34 -62.72
C ILE A 319 -6.58 1.75 -63.25
N GLU A 320 -5.68 2.62 -63.70
CA GLU A 320 -4.43 2.15 -64.30
C GLU A 320 -3.66 1.33 -63.27
N ALA A 321 -3.78 1.73 -62.00
CA ALA A 321 -3.06 1.07 -60.92
C ALA A 321 -3.63 -0.32 -60.69
N SER A 322 -4.96 -0.39 -60.59
CA SER A 322 -5.66 -1.67 -60.54
C SER A 322 -5.17 -2.61 -61.65
N LYS A 323 -5.07 -2.09 -62.88
CA LYS A 323 -4.78 -2.92 -64.03
C LYS A 323 -3.35 -3.46 -63.96
N THR A 324 -2.46 -2.68 -63.33
CA THR A 324 -1.08 -3.12 -63.15
C THR A 324 -1.02 -4.31 -62.21
N VAL A 325 -1.78 -4.24 -61.11
CA VAL A 325 -1.92 -5.37 -60.20
C VAL A 325 -2.43 -6.59 -60.97
N GLN A 326 -3.52 -6.41 -61.71
CA GLN A 326 -4.13 -7.50 -62.46
C GLN A 326 -3.09 -8.16 -63.37
N ARG A 327 -2.32 -7.33 -64.09
CA ARG A 327 -1.41 -7.83 -65.11
C ARG A 327 -0.30 -8.67 -64.46
N GLU A 328 0.18 -8.20 -63.31
CA GLU A 328 1.23 -8.90 -62.59
C GLU A 328 0.73 -10.27 -62.14
N LEU A 329 -0.52 -10.33 -61.66
CA LEU A 329 -1.08 -11.58 -61.17
C LEU A 329 -1.31 -12.54 -62.34
N TYR A 330 -1.85 -12.03 -63.44
CA TYR A 330 -2.13 -12.85 -64.61
C TYR A 330 -0.85 -13.53 -65.08
N ALA A 331 0.24 -12.76 -65.15
CA ALA A 331 1.55 -13.28 -65.53
C ALA A 331 1.95 -14.41 -64.58
N LYS A 332 1.85 -14.14 -63.28
CA LYS A 332 2.22 -15.10 -62.24
C LYS A 332 1.43 -16.39 -62.41
N TRP A 333 0.13 -16.26 -62.66
CA TRP A 333 -0.76 -17.41 -62.66
C TRP A 333 -0.60 -18.21 -63.96
N LYS A 334 -0.25 -17.55 -65.06
CA LYS A 334 0.00 -18.27 -66.30
C LYS A 334 1.23 -19.15 -66.12
N ALA A 335 2.24 -18.63 -65.42
CA ALA A 335 3.47 -19.37 -65.19
C ALA A 335 3.22 -20.59 -64.29
N GLN A 336 2.29 -20.46 -63.34
CA GLN A 336 2.03 -21.51 -62.36
C GLN A 336 1.09 -22.57 -62.92
N GLN A 337 0.50 -22.30 -64.09
CA GLN A 337 -0.78 -22.86 -64.50
C GLN A 337 -1.67 -23.05 -63.27
N ALA A 338 -1.98 -21.95 -62.58
CA ALA A 338 -2.98 -21.96 -61.53
C ALA A 338 -4.37 -22.20 -62.15
N GLY A 339 -5.30 -22.69 -61.33
CA GLY A 339 -6.50 -23.34 -61.83
C GLY A 339 -7.71 -22.44 -61.65
N HIS A 340 -8.60 -22.85 -60.74
CA HIS A 340 -9.81 -22.09 -60.41
C HIS A 340 -9.73 -21.69 -58.94
N PHE A 341 -10.03 -20.42 -58.66
CA PHE A 341 -10.06 -19.93 -57.30
C PHE A 341 -11.48 -20.07 -56.74
N ASP A 342 -11.63 -20.88 -55.68
CA ASP A 342 -12.91 -21.45 -55.33
C ASP A 342 -13.71 -20.44 -54.51
N ASP A 343 -13.04 -19.79 -53.55
CA ASP A 343 -13.66 -18.76 -52.73
C ASP A 343 -13.32 -17.37 -53.27
N ALA A 344 -13.33 -17.21 -54.60
CA ALA A 344 -13.27 -15.90 -55.23
C ALA A 344 -14.67 -15.31 -55.28
N PRO A 345 -14.88 -14.06 -54.80
CA PRO A 345 -16.21 -13.44 -54.81
C PRO A 345 -16.66 -13.12 -56.23
N ASP A 346 -17.95 -12.88 -56.39
CA ASP A 346 -18.53 -12.51 -57.66
C ASP A 346 -18.15 -11.06 -57.98
N LEU A 347 -17.85 -10.81 -59.26
CA LEU A 347 -17.43 -9.49 -59.70
C LEU A 347 -18.61 -8.51 -59.66
N ALA A 348 -19.69 -8.86 -60.37
CA ALA A 348 -20.83 -7.96 -60.54
C ALA A 348 -21.56 -7.72 -59.21
N ASN A 349 -21.59 -8.76 -58.35
CA ASN A 349 -22.56 -8.83 -57.26
C ASN A 349 -21.92 -8.46 -55.92
N THR A 350 -20.62 -8.72 -55.75
CA THR A 350 -19.96 -8.52 -54.46
C THR A 350 -18.92 -7.41 -54.56
N ILE A 351 -18.02 -7.53 -55.55
CA ILE A 351 -16.79 -6.78 -55.56
C ILE A 351 -17.08 -5.37 -56.06
N ARG A 352 -17.75 -5.26 -57.21
CA ARG A 352 -17.92 -3.98 -57.88
C ARG A 352 -18.72 -3.03 -56.98
N PRO A 353 -19.78 -3.50 -56.30
CA PRO A 353 -20.38 -2.77 -55.17
C PRO A 353 -19.41 -2.21 -54.14
N GLN A 354 -18.49 -3.04 -53.64
CA GLN A 354 -17.52 -2.60 -52.66
C GLN A 354 -16.67 -1.46 -53.23
N LEU A 355 -16.26 -1.60 -54.50
CA LEU A 355 -15.43 -0.60 -55.16
C LEU A 355 -16.15 0.74 -55.23
N ASP A 356 -17.47 0.69 -55.47
CA ASP A 356 -18.27 1.89 -55.64
C ASP A 356 -18.47 2.56 -54.28
N ARG A 357 -18.56 1.76 -53.22
CA ARG A 357 -18.63 2.27 -51.85
C ARG A 357 -17.37 3.06 -51.52
N ILE A 358 -16.23 2.56 -52.00
CA ILE A 358 -14.94 3.13 -51.62
C ILE A 358 -14.70 4.41 -52.42
N THR A 359 -15.16 4.40 -53.68
CA THR A 359 -15.16 5.59 -54.51
C THR A 359 -15.83 6.75 -53.76
N THR A 360 -17.02 6.50 -53.21
CA THR A 360 -17.70 7.47 -52.35
C THR A 360 -16.75 7.97 -51.28
N GLN A 361 -16.23 7.05 -50.45
CA GLN A 361 -15.36 7.43 -49.36
C GLN A 361 -14.22 8.30 -49.89
N LEU A 362 -13.62 7.87 -51.00
CA LEU A 362 -12.43 8.54 -51.54
C LEU A 362 -12.78 9.96 -51.95
N LEU A 363 -13.92 10.13 -52.63
CA LEU A 363 -14.35 11.44 -53.12
C LEU A 363 -14.60 12.37 -51.95
N ARG A 364 -15.21 11.87 -50.87
CA ARG A 364 -15.53 12.70 -49.72
C ARG A 364 -14.26 13.20 -49.05
N ALA A 365 -13.25 12.31 -48.97
CA ALA A 365 -11.96 12.68 -48.44
C ALA A 365 -11.30 13.75 -49.30
N MET A 366 -11.46 13.66 -50.62
CA MET A 366 -10.94 14.68 -51.52
C MET A 366 -11.65 15.99 -51.26
N ALA A 367 -12.97 15.92 -51.03
CA ALA A 367 -13.83 17.09 -50.96
C ALA A 367 -13.50 17.92 -49.73
N ASP A 368 -13.19 17.23 -48.63
CA ASP A 368 -12.80 17.88 -47.38
C ASP A 368 -11.45 18.59 -47.54
N ASN A 369 -10.50 17.97 -48.24
CA ASN A 369 -9.09 18.34 -48.12
C ASN A 369 -8.59 18.96 -49.42
N GLN A 370 -9.31 19.92 -49.98
CA GLN A 370 -8.92 20.50 -51.26
C GLN A 370 -7.80 21.52 -51.04
N ALA A 371 -7.93 22.28 -49.96
CA ALA A 371 -6.92 23.24 -49.54
C ALA A 371 -5.65 22.52 -49.10
N THR A 372 -5.83 21.53 -48.22
CA THR A 372 -4.72 20.76 -47.64
C THR A 372 -3.88 20.11 -48.73
N LEU A 373 -4.47 19.92 -49.93
CA LEU A 373 -3.83 19.19 -51.02
C LEU A 373 -3.04 20.15 -51.93
N LYS A 374 -2.83 21.40 -51.47
CA LYS A 374 -1.89 22.29 -52.12
C LYS A 374 -0.50 22.22 -51.48
N ASP A 375 -0.43 21.72 -50.24
CA ASP A 375 0.82 21.73 -49.47
C ASP A 375 1.65 20.49 -49.80
N THR A 376 1.23 19.28 -49.40
CA THR A 376 1.32 18.09 -50.22
C THR A 376 0.03 17.27 -50.03
N ILE A 380 5.65 11.07 -48.78
CA ILE A 380 4.68 10.13 -48.17
C ILE A 380 5.36 8.77 -48.01
N ARG A 381 4.90 7.99 -47.02
CA ARG A 381 5.34 6.62 -46.81
C ARG A 381 4.60 5.69 -47.78
N PRO A 382 4.95 4.38 -47.85
CA PRO A 382 4.27 3.44 -48.75
C PRO A 382 2.86 3.07 -48.29
N LEU A 383 2.01 2.71 -49.26
CA LEU A 383 0.74 2.04 -49.01
C LEU A 383 0.97 0.59 -48.60
N GLU A 384 -0.02 -0.03 -47.97
CA GLU A 384 0.00 -1.46 -47.67
C GLU A 384 0.14 -2.27 -48.95
N ALA A 385 -0.37 -1.70 -50.06
CA ALA A 385 -0.52 -2.43 -51.31
C ALA A 385 0.74 -2.32 -52.18
N ALA A 386 1.80 -1.71 -51.64
CA ALA A 386 3.14 -1.87 -52.20
C ALA A 386 3.65 -3.29 -52.00
N ALA A 387 3.10 -4.00 -50.99
CA ALA A 387 3.29 -5.44 -50.83
C ALA A 387 2.85 -6.17 -52.10
N LEU A 388 1.76 -5.69 -52.71
CA LEU A 388 1.12 -6.35 -53.83
C LEU A 388 1.84 -5.99 -55.12
N SER A 389 1.95 -4.67 -55.39
CA SER A 389 2.70 -4.15 -56.51
C SER A 389 3.19 -2.73 -56.20
N PRO A 390 4.49 -2.51 -55.99
CA PRO A 390 5.02 -1.17 -55.72
C PRO A 390 4.77 -0.19 -56.87
N ALA A 391 4.78 -0.71 -58.10
CA ALA A 391 4.54 0.11 -59.28
C ALA A 391 3.12 0.65 -59.27
N ALA A 392 2.14 -0.22 -59.00
CA ALA A 392 0.74 0.17 -58.94
C ALA A 392 0.52 1.21 -57.84
N ALA A 393 1.16 1.00 -56.69
CA ALA A 393 1.04 1.91 -55.57
C ALA A 393 1.54 3.31 -55.94
N ALA A 394 2.62 3.37 -56.71
CA ALA A 394 3.15 4.64 -57.20
C ALA A 394 2.14 5.31 -58.12
N GLN A 395 1.56 4.50 -59.03
CA GLN A 395 0.61 5.00 -60.01
C GLN A 395 -0.56 5.67 -59.29
N ALA A 396 -1.01 5.06 -58.20
CA ALA A 396 -2.24 5.46 -57.53
C ALA A 396 -2.06 6.84 -56.88
N LEU A 397 -0.84 7.11 -56.38
CA LEU A 397 -0.57 8.30 -55.61
C LEU A 397 -0.18 9.46 -56.52
N ALA A 398 0.14 9.12 -57.77
CA ALA A 398 0.85 10.03 -58.66
C ALA A 398 0.11 11.36 -58.77
N PRO A 399 -1.22 11.37 -58.99
CA PRO A 399 -1.95 12.64 -59.15
C PRO A 399 -2.37 13.33 -57.85
N LEU A 400 -1.73 12.95 -56.73
CA LEU A 400 -1.87 13.69 -55.49
C LEU A 400 -0.53 14.27 -55.04
N SER A 401 0.50 14.22 -55.90
CA SER A 401 1.50 15.28 -55.99
C SER A 401 0.85 16.59 -56.43
N ALA A 402 1.52 17.72 -56.14
CA ALA A 402 1.46 18.93 -56.96
C ALA A 402 0.13 19.65 -56.70
N GLY B 20 -23.61 -4.45 -1.13
CA GLY B 20 -24.24 -5.74 -0.74
C GLY B 20 -23.62 -6.30 0.53
N ARG B 21 -22.41 -6.84 0.42
CA ARG B 21 -22.09 -8.00 -0.41
C ARG B 21 -23.12 -9.12 -0.20
N LEU B 22 -23.54 -9.33 1.05
CA LEU B 22 -24.49 -10.37 1.38
C LEU B 22 -25.78 -10.23 0.58
N GLU B 23 -26.15 -8.98 0.24
CA GLU B 23 -27.35 -8.72 -0.54
C GLU B 23 -27.11 -9.02 -2.02
N GLU B 24 -25.89 -8.71 -2.51
N GLU B 24 -25.90 -8.71 -2.51
CA GLU B 24 -25.53 -8.96 -3.89
CA GLU B 24 -25.55 -8.96 -3.89
C GLU B 24 -25.60 -10.45 -4.19
C GLU B 24 -25.60 -10.46 -4.20
N ILE B 25 -25.25 -11.28 -3.20
CA ILE B 25 -25.34 -12.73 -3.32
C ILE B 25 -26.81 -13.14 -3.38
N HIS B 26 -27.62 -12.65 -2.43
CA HIS B 26 -29.04 -12.98 -2.37
C HIS B 26 -29.72 -12.56 -3.68
N ALA B 27 -29.32 -11.40 -4.23
CA ALA B 27 -29.86 -10.89 -5.48
C ALA B 27 -29.48 -11.78 -6.66
N ARG B 28 -28.17 -12.01 -6.83
CA ARG B 28 -27.60 -12.83 -7.89
C ARG B 28 -28.07 -14.27 -7.76
N GLY B 29 -28.42 -14.70 -6.54
CA GLY B 29 -29.13 -15.95 -6.30
C GLY B 29 -28.17 -17.13 -6.18
N VAL B 30 -26.86 -16.85 -6.08
CA VAL B 30 -25.83 -17.86 -6.16
C VAL B 30 -24.61 -17.43 -5.35
N LEU B 31 -24.09 -18.38 -4.56
CA LEU B 31 -22.83 -18.22 -3.84
C LEU B 31 -21.70 -18.83 -4.67
N ARG B 32 -20.77 -17.97 -5.11
CA ARG B 32 -19.60 -18.43 -5.85
C ARG B 32 -18.45 -18.70 -4.88
N VAL B 33 -17.96 -19.95 -4.86
CA VAL B 33 -16.96 -20.37 -3.90
C VAL B 33 -15.71 -20.86 -4.64
N GLY B 34 -14.57 -20.24 -4.39
CA GLY B 34 -13.30 -20.79 -4.81
C GLY B 34 -12.99 -22.13 -4.14
N SER B 35 -12.40 -23.05 -4.92
CA SER B 35 -11.82 -24.28 -4.38
C SER B 35 -10.72 -24.78 -5.33
N THR B 36 -9.60 -25.20 -4.76
CA THR B 36 -8.43 -25.56 -5.56
C THR B 36 -8.67 -26.91 -6.22
N GLY B 37 -9.37 -27.78 -5.48
CA GLY B 37 -9.69 -29.11 -5.98
C GLY B 37 -8.52 -30.08 -5.90
N ASP B 38 -7.43 -29.66 -5.23
CA ASP B 38 -6.17 -30.39 -5.26
C ASP B 38 -5.81 -30.90 -3.85
N TYR B 39 -6.67 -30.63 -2.86
CA TYR B 39 -6.31 -30.74 -1.47
C TYR B 39 -7.36 -31.58 -0.75
N LYS B 40 -7.20 -32.91 -0.88
CA LYS B 40 -7.89 -33.86 -0.01
C LYS B 40 -7.41 -33.67 1.41
N PRO B 41 -8.27 -33.74 2.45
CA PRO B 41 -9.69 -34.02 2.31
C PRO B 41 -10.64 -32.82 2.23
N PHE B 42 -10.09 -31.64 1.89
CA PHE B 42 -10.87 -30.41 1.98
C PHE B 42 -11.64 -30.19 0.69
N SER B 43 -10.97 -30.42 -0.44
CA SER B 43 -11.45 -29.98 -1.74
C SER B 43 -10.77 -30.81 -2.82
N TYR B 44 -11.55 -31.67 -3.49
CA TYR B 44 -11.03 -32.55 -4.54
C TYR B 44 -11.95 -32.50 -5.76
N ARG B 45 -11.34 -32.33 -6.93
CA ARG B 45 -12.05 -32.29 -8.20
C ARG B 45 -11.89 -33.64 -8.90
N ALA B 46 -12.93 -34.49 -8.81
CA ALA B 46 -12.87 -35.85 -9.32
C ALA B 46 -13.14 -35.87 -10.83
N GLY B 47 -13.98 -34.93 -11.28
CA GLY B 47 -13.80 -34.28 -12.56
C GLY B 47 -14.63 -33.01 -12.66
N ALA B 48 -14.89 -32.56 -13.90
CA ALA B 48 -16.24 -32.30 -14.36
C ALA B 48 -16.80 -31.05 -13.67
N ASN B 49 -18.09 -31.09 -13.30
CA ASN B 49 -18.61 -30.35 -12.18
C ASN B 49 -18.78 -31.28 -10.99
N ASP B 50 -17.67 -31.90 -10.55
CA ASP B 50 -17.73 -32.92 -9.51
C ASP B 50 -16.64 -32.66 -8.48
N PHE B 51 -16.89 -31.69 -7.59
CA PHE B 51 -16.04 -31.44 -6.43
C PHE B 51 -16.59 -32.20 -5.23
N ILE B 52 -15.71 -32.70 -4.35
CA ILE B 52 -16.12 -33.27 -3.07
C ILE B 52 -15.13 -32.88 -1.98
N GLY B 53 -15.59 -32.97 -0.72
CA GLY B 53 -14.71 -32.89 0.44
C GLY B 53 -15.32 -32.12 1.60
N LEU B 54 -14.54 -31.89 2.65
CA LEU B 54 -15.03 -31.21 3.84
C LEU B 54 -15.54 -29.82 3.48
N ASP B 55 -14.70 -29.06 2.76
CA ASP B 55 -14.95 -27.65 2.55
C ASP B 55 -15.95 -27.47 1.42
N VAL B 56 -16.12 -28.48 0.57
CA VAL B 56 -17.20 -28.48 -0.42
C VAL B 56 -18.54 -28.75 0.26
N GLU B 57 -18.55 -29.67 1.23
CA GLU B 57 -19.74 -29.93 2.04
C GLU B 57 -20.14 -28.66 2.79
N GLN B 58 -19.16 -27.92 3.31
CA GLN B 58 -19.41 -26.73 4.12
C GLN B 58 -19.96 -25.62 3.24
N ALA B 59 -19.31 -25.40 2.09
CA ALA B 59 -19.79 -24.47 1.08
C ALA B 59 -21.26 -24.74 0.80
N GLY B 60 -21.59 -26.03 0.65
CA GLY B 60 -22.97 -26.45 0.47
C GLY B 60 -23.88 -25.93 1.58
N GLU B 61 -23.47 -26.16 2.83
CA GLU B 61 -24.34 -25.88 3.97
C GLU B 61 -24.55 -24.38 4.09
N LEU B 62 -23.52 -23.61 3.74
CA LEU B 62 -23.56 -22.16 3.83
C LEU B 62 -24.50 -21.60 2.77
N ALA B 63 -24.40 -22.13 1.55
CA ALA B 63 -25.33 -21.78 0.47
C ALA B 63 -26.77 -22.01 0.90
N ARG B 64 -27.07 -23.23 1.39
CA ARG B 64 -28.39 -23.57 1.86
C ARG B 64 -28.86 -22.57 2.92
N ALA B 65 -27.95 -22.17 3.83
CA ALA B 65 -28.30 -21.32 4.94
C ALA B 65 -28.65 -19.91 4.47
N MET B 66 -27.94 -19.44 3.44
CA MET B 66 -28.24 -18.16 2.80
C MET B 66 -29.49 -18.27 1.91
N GLY B 67 -29.86 -19.51 1.56
CA GLY B 67 -31.02 -19.77 0.71
C GLY B 67 -30.71 -19.49 -0.75
N VAL B 68 -29.58 -20.01 -1.23
CA VAL B 68 -29.13 -19.77 -2.60
C VAL B 68 -28.47 -21.03 -3.14
N LYS B 69 -28.22 -21.04 -4.45
CA LYS B 69 -27.51 -22.12 -5.10
C LYS B 69 -26.01 -21.97 -4.83
N LEU B 70 -25.30 -23.10 -4.91
CA LEU B 70 -23.84 -23.14 -4.83
C LEU B 70 -23.27 -23.19 -6.25
N GLU B 71 -22.21 -22.42 -6.48
CA GLU B 71 -21.32 -22.65 -7.61
C GLU B 71 -19.88 -22.73 -7.12
N ILE B 72 -19.27 -23.91 -7.22
CA ILE B 72 -17.83 -24.04 -7.12
C ILE B 72 -17.19 -23.36 -8.32
N VAL B 73 -16.27 -22.43 -8.06
CA VAL B 73 -15.36 -21.90 -9.07
C VAL B 73 -13.98 -22.51 -8.86
N PRO B 74 -13.45 -23.28 -9.84
CA PRO B 74 -12.06 -23.75 -9.78
C PRO B 74 -11.04 -22.65 -9.56
N THR B 75 -10.03 -22.92 -8.72
CA THR B 75 -8.83 -22.09 -8.66
C THR B 75 -7.60 -22.97 -8.36
N SER B 76 -6.48 -22.31 -8.09
CA SER B 76 -5.26 -22.97 -7.62
C SER B 76 -4.48 -22.05 -6.70
N TRP B 77 -3.45 -22.59 -6.03
CA TRP B 77 -2.70 -21.82 -5.05
C TRP B 77 -1.95 -20.68 -5.73
N PRO B 78 -1.27 -20.90 -6.88
CA PRO B 78 -0.55 -19.83 -7.57
C PRO B 78 -1.46 -18.69 -8.05
N THR B 79 -2.73 -19.01 -8.34
CA THR B 79 -3.63 -18.05 -8.96
C THR B 79 -4.61 -17.51 -7.93
N LEU B 80 -4.40 -17.84 -6.65
CA LEU B 80 -5.48 -17.79 -5.68
C LEU B 80 -5.96 -16.35 -5.52
N MET B 81 -5.01 -15.43 -5.34
CA MET B 81 -5.31 -14.08 -4.89
C MET B 81 -5.62 -13.19 -6.10
N THR B 82 -4.98 -13.45 -7.25
CA THR B 82 -5.31 -12.75 -8.48
C THR B 82 -6.73 -13.10 -8.91
N ASP B 83 -7.14 -14.35 -8.75
CA ASP B 83 -8.50 -14.78 -9.02
C ASP B 83 -9.47 -14.08 -8.08
N PHE B 84 -9.04 -13.82 -6.84
CA PHE B 84 -9.83 -13.10 -5.86
C PHE B 84 -10.03 -11.65 -6.30
N GLY B 85 -8.93 -11.02 -6.73
CA GLY B 85 -8.94 -9.62 -7.12
C GLY B 85 -9.75 -9.37 -8.39
N ALA B 86 -9.88 -10.40 -9.23
CA ALA B 86 -10.69 -10.33 -10.44
C ALA B 86 -12.16 -10.61 -10.15
N ASP B 87 -12.51 -10.80 -8.86
CA ASP B 87 -13.87 -11.06 -8.45
C ASP B 87 -14.42 -12.25 -9.25
N LYS B 88 -13.71 -13.40 -9.16
CA LYS B 88 -14.13 -14.63 -9.81
C LYS B 88 -15.08 -15.41 -8.90
N PHE B 89 -15.01 -15.14 -7.59
CA PHE B 89 -15.87 -15.79 -6.61
C PHE B 89 -16.07 -14.86 -5.41
N ASP B 90 -16.98 -15.26 -4.52
CA ASP B 90 -17.34 -14.48 -3.35
C ASP B 90 -16.37 -14.81 -2.22
N ILE B 91 -16.19 -16.11 -1.94
CA ILE B 91 -15.37 -16.58 -0.83
C ILE B 91 -14.50 -17.74 -1.32
N VAL B 92 -13.61 -18.22 -0.44
CA VAL B 92 -12.82 -19.40 -0.71
C VAL B 92 -12.86 -20.33 0.49
N LEU B 93 -13.31 -21.57 0.24
CA LEU B 93 -13.34 -22.61 1.24
C LEU B 93 -12.57 -23.80 0.68
N SER B 94 -11.32 -23.98 1.14
CA SER B 94 -10.42 -24.92 0.49
C SER B 94 -9.24 -25.30 1.36
N GLY B 95 -9.44 -25.38 2.68
CA GLY B 95 -8.34 -25.57 3.61
C GLY B 95 -7.26 -24.49 3.51
N VAL B 96 -7.71 -23.23 3.43
CA VAL B 96 -6.84 -22.08 3.27
C VAL B 96 -6.26 -21.72 4.63
N SER B 97 -4.92 -21.65 4.72
CA SER B 97 -4.27 -21.12 5.90
C SER B 97 -4.42 -19.60 5.93
N VAL B 98 -4.71 -19.08 7.12
CA VAL B 98 -4.58 -17.67 7.41
C VAL B 98 -3.10 -17.30 7.35
N THR B 99 -2.74 -16.41 6.40
CA THR B 99 -1.42 -15.82 6.33
C THR B 99 -1.53 -14.33 6.05
N ALA B 100 -0.43 -13.62 6.33
CA ALA B 100 -0.41 -12.17 6.37
C ALA B 100 -0.50 -11.59 4.96
N GLU B 101 0.20 -12.22 4.00
CA GLU B 101 0.09 -11.86 2.59
C GLU B 101 -1.38 -11.84 2.16
N ARG B 102 -2.15 -12.84 2.62
CA ARG B 102 -3.52 -12.99 2.19
C ARG B 102 -4.40 -11.99 2.93
N GLN B 103 -4.01 -11.66 4.18
CA GLN B 103 -4.73 -10.70 5.01
C GLN B 103 -4.63 -9.29 4.44
N GLN B 104 -3.66 -9.07 3.52
CA GLN B 104 -3.44 -7.78 2.91
C GLN B 104 -4.65 -7.39 2.05
N GLN B 105 -5.22 -8.36 1.34
CA GLN B 105 -6.24 -8.09 0.34
C GLN B 105 -7.62 -8.48 0.89
N ALA B 106 -7.66 -9.24 1.98
CA ALA B 106 -8.81 -10.09 2.28
C ALA B 106 -9.04 -10.18 3.78
N LEU B 107 -10.30 -10.40 4.16
CA LEU B 107 -10.63 -10.81 5.52
C LEU B 107 -10.56 -12.33 5.62
N PHE B 108 -10.44 -12.83 6.86
CA PHE B 108 -10.67 -14.22 7.16
C PHE B 108 -11.80 -14.36 8.17
N SER B 109 -12.45 -15.52 8.15
CA SER B 109 -13.34 -15.93 9.23
C SER B 109 -12.52 -16.29 10.46
N VAL B 110 -13.23 -16.60 11.56
CA VAL B 110 -12.68 -17.38 12.65
C VAL B 110 -12.14 -18.70 12.09
N SER B 111 -11.13 -19.25 12.77
CA SER B 111 -10.55 -20.53 12.40
C SER B 111 -11.55 -21.65 12.68
N TYR B 112 -11.59 -22.66 11.79
CA TYR B 112 -12.26 -23.92 12.07
C TYR B 112 -11.25 -25.05 12.27
N LEU B 113 -9.95 -24.75 12.13
CA LEU B 113 -8.93 -25.72 12.45
C LEU B 113 -7.61 -25.05 12.76
N ARG B 114 -6.87 -25.68 13.68
CA ARG B 114 -5.52 -25.28 14.01
C ARG B 114 -4.56 -26.42 13.69
N ASP B 115 -3.57 -26.15 12.83
CA ASP B 115 -2.69 -27.17 12.31
C ASP B 115 -1.29 -26.57 12.17
N GLY B 116 -0.34 -27.35 11.64
CA GLY B 116 0.60 -26.84 10.65
C GLY B 116 1.61 -27.92 10.22
N LYS B 117 2.79 -27.48 9.77
CA LYS B 117 3.57 -28.26 8.82
C LYS B 117 4.34 -29.35 9.58
N THR B 118 4.37 -30.54 8.98
CA THR B 118 5.13 -31.67 9.48
C THR B 118 5.58 -32.50 8.28
N PRO B 119 6.65 -33.31 8.39
CA PRO B 119 7.16 -34.04 7.24
C PRO B 119 6.33 -35.28 6.95
N ILE B 120 6.37 -35.73 5.70
CA ILE B 120 5.94 -37.08 5.34
C ILE B 120 7.01 -37.72 4.46
N THR B 121 7.29 -38.99 4.74
CA THR B 121 8.38 -39.73 4.10
C THR B 121 8.12 -41.23 4.21
N ARG B 122 8.92 -42.02 3.49
CA ARG B 122 8.83 -43.47 3.52
C ARG B 122 9.12 -43.96 4.94
N CYS B 123 8.45 -45.06 5.33
CA CYS B 123 8.34 -45.47 6.73
C CYS B 123 9.70 -45.86 7.30
N GLU B 124 10.63 -46.30 6.43
CA GLU B 124 12.01 -46.53 6.83
C GLU B 124 12.62 -45.24 7.38
N ASN B 125 12.44 -44.12 6.67
CA ASN B 125 13.24 -42.92 6.94
C ASN B 125 12.55 -41.97 7.92
N GLN B 126 11.57 -42.48 8.71
CA GLN B 126 10.88 -41.65 9.68
C GLN B 126 11.89 -40.95 10.58
N LEU B 127 12.92 -41.71 10.99
CA LEU B 127 13.90 -41.26 11.96
C LEU B 127 14.93 -40.35 11.30
N ARG B 128 15.00 -40.36 9.97
CA ARG B 128 16.00 -39.57 9.25
C ARG B 128 15.54 -38.11 9.16
N PHE B 129 14.25 -37.85 9.42
CA PHE B 129 13.67 -36.54 9.19
C PHE B 129 12.78 -36.11 10.36
N GLN B 130 13.27 -36.33 11.59
CA GLN B 130 12.56 -35.90 12.79
C GLN B 130 12.62 -34.39 12.93
N THR B 131 13.74 -33.77 12.52
CA THR B 131 14.03 -32.38 12.87
C THR B 131 14.35 -31.58 11.61
N LEU B 132 14.15 -30.26 11.72
CA LEU B 132 14.40 -29.31 10.64
C LEU B 132 15.89 -29.24 10.32
N GLU B 133 16.73 -29.54 11.32
CA GLU B 133 18.17 -29.61 11.13
C GLU B 133 18.54 -30.81 10.26
N GLN B 134 17.97 -31.97 10.60
CA GLN B 134 18.14 -33.19 9.81
C GLN B 134 17.72 -32.98 8.36
N ILE B 135 16.70 -32.13 8.17
CA ILE B 135 16.05 -31.96 6.87
C ILE B 135 16.80 -30.91 6.07
N ASN B 136 17.33 -29.87 6.74
CA ASN B 136 17.87 -28.73 6.02
C ASN B 136 19.34 -28.96 5.71
N GLN B 137 19.62 -29.69 4.62
CA GLN B 137 21.00 -29.92 4.19
C GLN B 137 21.01 -30.48 2.76
N PRO B 138 22.13 -30.35 2.03
CA PRO B 138 22.11 -30.50 0.56
C PRO B 138 21.97 -31.94 0.07
N ALA B 139 22.12 -32.91 0.98
CA ALA B 139 21.92 -34.32 0.68
C ALA B 139 20.47 -34.62 0.32
N VAL B 140 19.52 -33.85 0.88
CA VAL B 140 18.13 -34.27 0.98
C VAL B 140 17.33 -33.69 -0.19
N ARG B 141 16.49 -34.53 -0.79
CA ARG B 141 15.66 -34.15 -1.93
C ARG B 141 14.24 -33.84 -1.43
N LEU B 142 13.91 -32.55 -1.38
CA LEU B 142 12.66 -32.08 -0.84
C LEU B 142 11.72 -31.77 -1.99
N ILE B 143 10.41 -31.96 -1.77
CA ILE B 143 9.43 -31.69 -2.80
C ILE B 143 8.24 -30.93 -2.19
N VAL B 144 7.74 -29.95 -2.96
CA VAL B 144 6.55 -29.20 -2.60
C VAL B 144 5.74 -28.87 -3.85
N ASN B 145 4.43 -28.72 -3.66
CA ASN B 145 3.56 -28.07 -4.62
C ASN B 145 3.76 -26.55 -4.58
N PRO B 146 3.57 -25.86 -5.72
CA PRO B 146 3.85 -24.43 -5.82
C PRO B 146 2.69 -23.54 -5.38
N GLY B 147 3.03 -22.26 -5.13
CA GLY B 147 2.04 -21.21 -4.86
C GLY B 147 1.83 -21.02 -3.37
N GLY B 148 2.25 -22.03 -2.59
CA GLY B 148 1.54 -22.46 -1.39
C GLY B 148 2.11 -21.76 -0.17
N THR B 149 1.56 -22.08 1.01
CA THR B 149 2.31 -21.99 2.25
C THR B 149 3.39 -23.07 2.29
N ASN B 150 3.15 -24.19 1.58
CA ASN B 150 4.06 -25.32 1.64
C ASN B 150 5.39 -24.96 0.97
N GLU B 151 5.31 -24.13 -0.09
CA GLU B 151 6.49 -23.65 -0.80
C GLU B 151 7.24 -22.63 0.03
N ARG B 152 6.48 -21.69 0.62
CA ARG B 152 7.10 -20.63 1.41
C ARG B 152 7.85 -21.24 2.60
N PHE B 153 7.24 -22.25 3.24
CA PHE B 153 7.80 -22.85 4.44
C PHE B 153 9.07 -23.63 4.13
N ALA B 154 9.12 -24.26 2.94
CA ALA B 154 10.26 -25.07 2.55
C ALA B 154 11.46 -24.18 2.19
N ARG B 155 11.18 -23.02 1.59
CA ARG B 155 12.22 -22.07 1.20
C ARG B 155 12.81 -21.39 2.42
N ALA B 156 11.96 -21.12 3.43
CA ALA B 156 12.38 -20.37 4.61
C ALA B 156 13.18 -21.26 5.56
N HIS B 157 12.74 -22.51 5.74
CA HIS B 157 13.18 -23.33 6.85
C HIS B 157 14.05 -24.50 6.39
N ALA B 158 14.35 -24.56 5.08
CA ALA B 158 15.15 -25.65 4.55
C ALA B 158 15.84 -25.27 3.24
N PRO B 159 16.52 -24.11 3.15
CA PRO B 159 17.04 -23.62 1.87
C PRO B 159 18.13 -24.51 1.25
N HIS B 160 18.90 -25.20 2.10
CA HIS B 160 20.11 -25.90 1.68
C HIS B 160 19.75 -27.19 0.95
N ALA B 161 18.54 -27.72 1.21
CA ALA B 161 18.07 -28.93 0.58
C ALA B 161 17.82 -28.72 -0.91
N GLN B 162 17.71 -29.83 -1.64
CA GLN B 162 17.37 -29.81 -3.06
C GLN B 162 15.84 -29.80 -3.22
N LEU B 163 15.34 -28.73 -3.84
CA LEU B 163 13.91 -28.46 -3.90
C LEU B 163 13.44 -28.57 -5.34
N THR B 164 12.73 -29.65 -5.66
CA THR B 164 11.91 -29.73 -6.87
C THR B 164 10.49 -29.27 -6.55
N VAL B 165 9.91 -28.51 -7.48
CA VAL B 165 8.59 -27.94 -7.36
C VAL B 165 7.66 -28.59 -8.38
N TYR B 166 6.72 -29.41 -7.87
CA TYR B 166 6.05 -30.41 -8.68
C TYR B 166 4.56 -30.08 -8.79
N PRO B 167 4.07 -29.55 -9.93
CA PRO B 167 2.86 -28.70 -9.92
C PRO B 167 1.55 -29.50 -9.99
N ASP B 168 1.50 -30.66 -9.32
CA ASP B 168 0.23 -31.36 -9.12
C ASP B 168 0.21 -32.02 -7.75
N ASN B 169 -0.77 -31.64 -6.93
CA ASN B 169 -0.70 -31.87 -5.50
C ASN B 169 -1.30 -33.24 -5.13
N VAL B 170 -2.04 -33.86 -6.06
CA VAL B 170 -2.73 -35.12 -5.77
C VAL B 170 -1.76 -36.29 -5.93
N THR B 171 -0.88 -36.22 -6.94
CA THR B 171 0.02 -37.34 -7.27
C THR B 171 1.44 -37.02 -6.84
N ILE B 172 1.61 -35.97 -6.03
CA ILE B 172 2.93 -35.56 -5.57
C ILE B 172 3.47 -36.56 -4.55
N PHE B 173 2.57 -37.25 -3.85
CA PHE B 173 2.98 -38.19 -2.82
C PHE B 173 3.44 -39.50 -3.43
N GLY B 174 3.06 -39.74 -4.69
CA GLY B 174 3.66 -40.80 -5.49
C GLY B 174 5.18 -40.66 -5.62
N GLN B 175 5.66 -39.41 -5.72
CA GLN B 175 7.07 -39.14 -5.96
C GLN B 175 7.93 -39.61 -4.80
N ILE B 176 7.36 -39.64 -3.59
CA ILE B 176 8.08 -40.06 -2.40
C ILE B 176 8.10 -41.59 -2.35
N VAL B 177 6.91 -42.19 -2.51
CA VAL B 177 6.77 -43.64 -2.62
C VAL B 177 7.85 -44.19 -3.55
N SER B 178 8.02 -43.54 -4.71
CA SER B 178 8.84 -44.08 -5.78
C SER B 178 10.29 -43.61 -5.66
N GLY B 179 10.64 -42.97 -4.53
CA GLY B 179 12.04 -42.66 -4.24
C GLY B 179 12.57 -41.45 -5.00
N ALA B 180 11.69 -40.79 -5.78
CA ALA B 180 12.09 -39.68 -6.64
C ALA B 180 12.35 -38.42 -5.81
N ALA B 181 11.69 -38.32 -4.65
CA ALA B 181 12.09 -37.39 -3.59
C ALA B 181 12.06 -38.08 -2.23
N ASP B 182 12.72 -37.45 -1.24
CA ASP B 182 13.00 -38.07 0.05
C ASP B 182 11.81 -37.88 0.99
N LEU B 183 11.31 -36.64 1.04
CA LEU B 183 10.17 -36.29 1.88
C LEU B 183 9.47 -35.06 1.31
N MET B 184 8.27 -34.79 1.85
CA MET B 184 7.57 -33.53 1.67
C MET B 184 7.18 -32.99 3.04
N MET B 185 7.07 -31.65 3.14
CA MET B 185 6.57 -31.00 4.33
C MET B 185 5.28 -30.23 4.01
N THR B 186 4.21 -30.60 4.74
CA THR B 186 2.86 -30.13 4.46
C THR B 186 2.03 -30.21 5.74
N ASP B 187 0.78 -29.75 5.68
CA ASP B 187 -0.10 -29.72 6.83
C ASP B 187 -0.22 -31.11 7.42
N ALA B 188 -0.18 -31.19 8.75
CA ALA B 188 -0.12 -32.46 9.47
C ALA B 188 -1.38 -33.30 9.18
N ILE B 189 -2.49 -32.63 8.86
CA ILE B 189 -3.74 -33.31 8.56
C ILE B 189 -3.69 -33.94 7.18
N GLU B 190 -3.09 -33.24 6.20
CA GLU B 190 -2.83 -33.82 4.89
C GLU B 190 -1.95 -35.07 5.05
N THR B 191 -0.98 -35.00 5.95
CA THR B 191 -0.04 -36.09 6.18
C THR B 191 -0.72 -37.30 6.84
N ARG B 192 -1.66 -37.05 7.75
CA ARG B 192 -2.39 -38.15 8.39
C ARG B 192 -3.15 -38.97 7.34
N LEU B 193 -3.66 -38.28 6.30
CA LEU B 193 -4.51 -38.86 5.29
C LEU B 193 -3.66 -39.64 4.28
N GLN B 194 -2.54 -39.05 3.87
CA GLN B 194 -1.75 -39.60 2.79
C GLN B 194 -1.01 -40.85 3.25
N GLN B 195 -0.81 -41.01 4.57
CA GLN B 195 -0.17 -42.19 5.11
C GLN B 195 -1.14 -43.38 5.08
N ARG B 196 -2.44 -43.09 5.15
CA ARG B 196 -3.47 -44.11 4.95
C ARG B 196 -3.53 -44.52 3.48
N LEU B 197 -3.44 -43.53 2.58
CA LEU B 197 -3.65 -43.77 1.16
C LEU B 197 -2.47 -44.52 0.57
N HIS B 198 -1.25 -44.07 0.88
CA HIS B 198 -0.04 -44.79 0.52
C HIS B 198 0.49 -45.51 1.75
N PRO B 199 0.25 -46.84 1.91
CA PRO B 199 0.72 -47.57 3.09
C PRO B 199 2.23 -47.50 3.30
N GLU B 200 2.96 -47.25 2.21
CA GLU B 200 4.42 -47.20 2.19
C GLU B 200 4.92 -45.89 2.81
N LEU B 201 4.05 -44.86 2.83
CA LEU B 201 4.39 -43.58 3.44
C LEU B 201 3.91 -43.53 4.89
N CYS B 202 4.60 -42.71 5.69
CA CYS B 202 4.37 -42.55 7.13
C CYS B 202 4.49 -41.08 7.48
N ALA B 203 3.56 -40.60 8.33
CA ALA B 203 3.59 -39.25 8.86
C ALA B 203 4.65 -39.13 9.95
N VAL B 204 5.38 -38.00 9.95
CA VAL B 204 6.41 -37.76 10.94
C VAL B 204 5.87 -36.84 12.04
N HIS B 205 5.80 -37.38 13.27
CA HIS B 205 5.28 -36.71 14.45
C HIS B 205 4.22 -35.67 14.10
N PRO B 206 3.04 -36.08 13.59
CA PRO B 206 1.98 -35.13 13.23
C PRO B 206 1.23 -34.52 14.42
N ASP B 207 1.34 -35.16 15.59
CA ASP B 207 0.85 -34.59 16.84
C ASP B 207 1.76 -33.47 17.35
N ALA B 208 2.96 -33.30 16.76
CA ALA B 208 3.89 -32.28 17.17
C ALA B 208 4.51 -31.60 15.95
N PRO B 209 3.74 -30.79 15.21
CA PRO B 209 4.23 -30.16 13.98
C PRO B 209 5.36 -29.18 14.28
N PHE B 210 6.03 -28.70 13.23
CA PHE B 210 7.09 -27.72 13.38
C PHE B 210 6.53 -26.34 13.73
N ASP B 211 5.26 -26.05 13.40
CA ASP B 211 4.73 -24.71 13.59
C ASP B 211 3.21 -24.78 13.77
N THR B 212 2.54 -23.60 13.70
CA THR B 212 1.10 -23.48 13.86
C THR B 212 0.51 -22.55 12.80
N ALA B 213 -0.71 -22.86 12.36
CA ALA B 213 -1.48 -21.99 11.47
C ALA B 213 -2.97 -22.27 11.66
N GLU B 214 -3.78 -21.24 11.43
CA GLU B 214 -5.22 -21.38 11.39
C GLU B 214 -5.64 -21.76 9.99
N LYS B 215 -6.67 -22.61 9.87
CA LYS B 215 -7.47 -22.71 8.66
C LYS B 215 -8.78 -21.95 8.84
N ALA B 216 -9.13 -21.13 7.84
CA ALA B 216 -10.32 -20.31 7.90
C ALA B 216 -10.82 -20.00 6.48
N ILE B 217 -11.96 -19.31 6.42
CA ILE B 217 -12.64 -18.99 5.17
C ILE B 217 -12.13 -17.64 4.68
N LEU B 218 -11.63 -17.60 3.45
CA LEU B 218 -11.23 -16.34 2.84
C LEU B 218 -12.48 -15.54 2.47
N LEU B 219 -12.54 -14.29 2.92
CA LEU B 219 -13.70 -13.45 2.70
C LEU B 219 -13.25 -12.14 2.07
N PRO B 220 -14.17 -11.40 1.40
CA PRO B 220 -13.86 -10.06 0.91
C PRO B 220 -14.08 -9.02 2.00
N ARG B 221 -13.61 -7.80 1.73
CA ARG B 221 -13.60 -6.73 2.72
C ARG B 221 -15.05 -6.22 2.87
N ASP B 222 -15.80 -6.92 3.72
CA ASP B 222 -17.19 -6.59 4.01
C ASP B 222 -17.56 -7.18 5.37
N ALA B 223 -17.86 -6.31 6.34
CA ALA B 223 -17.84 -6.70 7.74
C ALA B 223 -19.14 -7.41 8.10
N GLU B 224 -20.24 -7.08 7.41
CA GLU B 224 -21.54 -7.65 7.73
C GLU B 224 -21.54 -9.13 7.35
N LEU B 225 -20.89 -9.44 6.22
CA LEU B 225 -20.73 -10.80 5.75
C LEU B 225 -19.88 -11.60 6.73
N LYS B 226 -18.74 -11.03 7.13
CA LYS B 226 -17.85 -11.67 8.07
C LYS B 226 -18.60 -12.04 9.35
N ILE B 227 -19.48 -11.15 9.82
CA ILE B 227 -20.24 -11.41 11.02
C ILE B 227 -21.18 -12.58 10.77
N TYR B 228 -21.79 -12.61 9.58
CA TYR B 228 -22.71 -13.69 9.22
C TYR B 228 -21.98 -15.03 9.23
N VAL B 229 -20.87 -15.10 8.48
CA VAL B 229 -20.15 -16.35 8.32
C VAL B 229 -19.66 -16.83 9.68
N ASP B 230 -19.11 -15.90 10.47
CA ASP B 230 -18.51 -16.22 11.75
C ASP B 230 -19.57 -16.78 12.69
N THR B 231 -20.74 -16.13 12.74
CA THR B 231 -21.82 -16.61 13.59
C THR B 231 -22.20 -18.02 13.19
N TRP B 232 -22.28 -18.23 11.87
CA TRP B 232 -22.59 -19.53 11.32
C TRP B 232 -21.57 -20.57 11.78
N LEU B 233 -20.29 -20.21 11.62
CA LEU B 233 -19.19 -21.12 11.91
C LEU B 233 -19.13 -21.45 13.40
N GLN B 234 -19.25 -20.42 14.24
CA GLN B 234 -19.14 -20.60 15.68
C GLN B 234 -20.24 -21.54 16.15
N GLN B 235 -21.42 -21.44 15.52
CA GLN B 235 -22.50 -22.37 15.81
C GLN B 235 -22.08 -23.79 15.46
N ARG B 236 -21.57 -23.96 14.23
CA ARG B 236 -21.19 -25.28 13.73
C ARG B 236 -20.14 -25.90 14.66
N ILE B 237 -19.19 -25.06 15.11
CA ILE B 237 -18.10 -25.56 15.93
C ILE B 237 -18.63 -26.00 17.29
N SER B 238 -19.38 -25.11 17.95
CA SER B 238 -19.76 -25.33 19.34
C SER B 238 -20.71 -26.52 19.47
N SER B 239 -21.45 -26.82 18.40
CA SER B 239 -22.49 -27.83 18.42
C SER B 239 -21.94 -29.22 18.10
N GLY B 240 -20.66 -29.29 17.68
CA GLY B 240 -20.01 -30.56 17.40
C GLY B 240 -20.11 -30.94 15.92
N GLY B 241 -20.78 -30.08 15.13
CA GLY B 241 -21.12 -30.39 13.76
C GLY B 241 -19.88 -30.38 12.87
N LEU B 242 -18.91 -29.52 13.15
CA LEU B 242 -17.67 -29.51 12.40
C LEU B 242 -16.81 -30.71 12.79
N GLN B 243 -16.71 -30.99 14.09
CA GLN B 243 -16.00 -32.18 14.55
C GLN B 243 -16.54 -33.42 13.83
N LYS B 244 -17.88 -33.53 13.76
CA LYS B 244 -18.52 -34.63 13.06
C LYS B 244 -18.05 -34.66 11.61
N SER B 245 -18.14 -33.53 10.92
CA SER B 245 -17.76 -33.42 9.52
C SER B 245 -16.30 -33.80 9.30
N PHE B 246 -15.44 -33.52 10.28
CA PHE B 246 -14.04 -33.90 10.20
C PHE B 246 -13.88 -35.41 10.25
N ASP B 247 -14.65 -36.05 11.13
CA ASP B 247 -14.62 -37.50 11.28
C ASP B 247 -15.06 -38.17 9.97
N ARG B 248 -16.19 -37.71 9.43
N ARG B 248 -16.19 -37.71 9.43
CA ARG B 248 -16.71 -38.22 8.17
CA ARG B 248 -16.71 -38.22 8.17
C ARG B 248 -15.61 -38.21 7.11
C ARG B 248 -15.61 -38.21 7.11
N TRP B 249 -15.00 -37.04 6.88
CA TRP B 249 -14.25 -36.81 5.66
C TRP B 249 -12.81 -37.28 5.79
N LEU B 250 -12.38 -37.72 6.97
CA LEU B 250 -11.10 -38.40 7.13
C LEU B 250 -11.29 -39.91 7.03
N ASP B 251 -12.40 -40.44 7.58
CA ASP B 251 -12.73 -41.85 7.44
C ASP B 251 -13.31 -42.13 6.06
N TYR B 252 -13.53 -41.08 5.24
CA TYR B 252 -14.04 -41.27 3.89
C TYR B 252 -13.03 -42.07 3.06
N PRO B 253 -13.48 -43.09 2.30
CA PRO B 253 -12.60 -43.92 1.47
C PRO B 253 -12.10 -43.22 0.21
N TRP B 254 -11.12 -42.34 0.40
CA TRP B 254 -10.55 -41.58 -0.68
C TRP B 254 -9.92 -42.49 -1.72
N ALA B 255 -9.47 -43.66 -1.25
CA ALA B 255 -8.78 -44.63 -2.08
C ALA B 255 -9.63 -44.99 -3.31
N LEU B 256 -10.96 -44.92 -3.17
CA LEU B 256 -11.86 -45.47 -4.17
C LEU B 256 -12.04 -44.53 -5.35
N GLU B 257 -11.52 -43.31 -5.26
CA GLU B 257 -11.88 -42.26 -6.19
C GLU B 257 -11.27 -42.52 -7.57
N PRO B 258 -10.01 -43.01 -7.66
CA PRO B 258 -9.45 -43.49 -8.92
C PRO B 258 -10.17 -44.68 -9.56
N LEU B 259 -10.58 -45.64 -8.72
CA LEU B 259 -11.32 -46.78 -9.19
C LEU B 259 -12.59 -46.32 -9.89
N ARG B 260 -13.29 -45.40 -9.24
CA ARG B 260 -14.49 -44.80 -9.78
C ARG B 260 -14.19 -44.04 -11.07
N GLN B 261 -13.06 -43.33 -11.14
CA GLN B 261 -12.69 -42.63 -12.35
C GLN B 261 -12.50 -43.60 -13.51
N ALA B 262 -11.96 -44.79 -13.22
CA ALA B 262 -11.65 -45.74 -14.27
C ALA B 262 -12.92 -46.43 -14.78
N ILE B 263 -13.80 -46.84 -13.88
CA ILE B 263 -15.10 -47.38 -14.27
C ILE B 263 -15.82 -46.35 -15.11
N ASP B 264 -15.76 -45.08 -14.70
CA ASP B 264 -16.47 -44.02 -15.38
C ASP B 264 -15.90 -43.86 -16.80
N GLU B 265 -14.58 -43.68 -16.91
CA GLU B 265 -13.97 -43.38 -18.20
C GLU B 265 -14.27 -44.50 -19.20
N ARG B 266 -14.27 -45.74 -18.69
CA ARG B 266 -14.42 -46.93 -19.52
C ARG B 266 -15.82 -46.96 -20.11
N LEU B 267 -16.81 -46.61 -19.28
CA LEU B 267 -18.19 -46.63 -19.69
C LEU B 267 -18.45 -45.51 -20.71
N LEU B 268 -17.82 -44.35 -20.53
CA LEU B 268 -18.07 -43.23 -21.44
C LEU B 268 -17.59 -43.57 -22.84
N LEU B 269 -16.62 -44.49 -22.92
CA LEU B 269 -16.10 -44.96 -24.19
C LEU B 269 -17.10 -45.85 -24.93
N ALA B 270 -18.07 -46.44 -24.23
CA ALA B 270 -19.07 -47.28 -24.88
C ALA B 270 -19.81 -46.50 -25.96
N GLU B 271 -19.93 -45.18 -25.80
CA GLU B 271 -20.47 -44.30 -26.83
C GLU B 271 -19.69 -44.45 -28.14
N ALA B 272 -18.35 -44.38 -28.07
CA ALA B 272 -17.52 -44.55 -29.26
C ALA B 272 -17.66 -45.96 -29.83
N VAL B 273 -17.67 -46.97 -28.95
CA VAL B 273 -17.79 -48.36 -29.37
C VAL B 273 -19.05 -48.51 -30.22
N ALA B 274 -20.14 -47.89 -29.78
CA ALA B 274 -21.42 -48.01 -30.45
C ALA B 274 -21.35 -47.34 -31.82
N ARG B 275 -20.82 -46.12 -31.88
CA ARG B 275 -20.67 -45.39 -33.13
C ARG B 275 -19.97 -46.26 -34.16
N ALA B 276 -18.88 -46.92 -33.75
CA ALA B 276 -18.04 -47.67 -34.67
C ALA B 276 -18.76 -48.92 -35.17
N LYS B 277 -19.41 -49.63 -34.24
CA LYS B 277 -20.15 -50.83 -34.56
C LYS B 277 -21.36 -50.51 -35.44
N TRP B 278 -21.94 -49.31 -35.25
CA TRP B 278 -23.10 -48.88 -36.01
C TRP B 278 -22.75 -48.72 -37.47
N ASN B 279 -21.55 -48.19 -37.75
CA ASN B 279 -21.13 -47.89 -39.10
C ASN B 279 -21.02 -49.17 -39.92
N VAL B 280 -20.60 -50.27 -39.27
CA VAL B 280 -20.51 -51.56 -39.96
C VAL B 280 -21.75 -52.39 -39.67
N GLN B 281 -22.73 -51.80 -38.98
CA GLN B 281 -23.93 -52.48 -38.52
C GLN B 281 -23.57 -53.82 -37.85
N ALA B 282 -22.53 -53.82 -37.01
CA ALA B 282 -22.16 -54.99 -36.24
C ALA B 282 -23.21 -55.26 -35.17
N PRO B 283 -23.40 -56.53 -34.74
CA PRO B 283 -24.27 -56.84 -33.61
C PRO B 283 -23.58 -56.49 -32.29
N ILE B 284 -24.38 -56.33 -31.23
CA ILE B 284 -23.89 -55.76 -29.99
C ILE B 284 -23.19 -56.86 -29.19
N GLU B 285 -23.88 -57.99 -29.01
CA GLU B 285 -23.28 -59.13 -28.34
C GLU B 285 -22.15 -59.68 -29.21
N ASP B 286 -20.96 -59.83 -28.59
CA ASP B 286 -19.80 -60.42 -29.23
C ASP B 286 -19.12 -61.31 -28.21
N LEU B 287 -19.50 -62.59 -28.17
CA LEU B 287 -19.16 -63.46 -27.07
C LEU B 287 -17.65 -63.75 -27.04
N PRO B 288 -16.97 -63.85 -28.20
CA PRO B 288 -15.50 -63.89 -28.23
C PRO B 288 -14.83 -62.73 -27.50
N ARG B 289 -15.27 -61.50 -27.77
CA ARG B 289 -14.65 -60.33 -27.17
C ARG B 289 -14.84 -60.35 -25.65
N GLU B 290 -16.05 -60.77 -25.22
CA GLU B 290 -16.37 -60.85 -23.81
C GLU B 290 -15.42 -61.81 -23.11
N ALA B 291 -15.25 -63.02 -23.67
N ALA B 291 -15.24 -63.01 -23.66
CA ALA B 291 -14.40 -64.03 -23.05
CA ALA B 291 -14.39 -64.01 -23.06
C ALA B 291 -12.96 -63.51 -22.96
C ALA B 291 -12.95 -63.50 -22.96
N GLN B 292 -12.49 -62.79 -23.97
N GLN B 292 -12.48 -62.78 -23.98
CA GLN B 292 -11.10 -62.39 -24.02
CA GLN B 292 -11.10 -62.34 -24.02
C GLN B 292 -10.86 -61.27 -22.98
C GLN B 292 -10.87 -61.27 -22.96
N VAL B 293 -11.78 -60.30 -22.92
N VAL B 293 -11.79 -60.30 -22.91
CA VAL B 293 -11.68 -59.20 -21.99
CA VAL B 293 -11.70 -59.20 -21.97
C VAL B 293 -11.57 -59.75 -20.56
C VAL B 293 -11.58 -59.75 -20.56
N ILE B 294 -12.47 -60.67 -20.22
N ILE B 294 -12.48 -60.68 -20.21
CA ILE B 294 -12.53 -61.21 -18.88
CA ILE B 294 -12.53 -61.22 -18.87
C ILE B 294 -11.28 -62.05 -18.61
C ILE B 294 -11.28 -62.05 -18.61
N ALA B 295 -10.89 -62.87 -19.61
CA ALA B 295 -9.77 -63.78 -19.46
C ALA B 295 -8.49 -62.98 -19.22
N ALA B 296 -8.33 -61.89 -19.97
CA ALA B 296 -7.15 -61.04 -19.89
C ALA B 296 -7.13 -60.23 -18.58
N ALA B 297 -8.30 -59.78 -18.13
CA ALA B 297 -8.39 -59.08 -16.86
C ALA B 297 -7.98 -60.00 -15.70
N VAL B 298 -8.46 -61.24 -15.73
CA VAL B 298 -8.19 -62.20 -14.66
C VAL B 298 -6.68 -62.45 -14.58
N GLN B 299 -6.06 -62.67 -15.74
CA GLN B 299 -4.64 -62.94 -15.81
C GLN B 299 -3.86 -61.80 -15.17
N GLN B 300 -4.12 -60.57 -15.64
CA GLN B 300 -3.47 -59.39 -15.14
C GLN B 300 -3.72 -59.22 -13.64
N GLY B 301 -4.94 -59.54 -13.21
CA GLY B 301 -5.33 -59.46 -11.81
C GLY B 301 -4.55 -60.43 -10.91
N ARG B 302 -4.19 -61.60 -11.47
CA ARG B 302 -3.44 -62.58 -10.71
C ARG B 302 -2.04 -62.05 -10.40
N THR B 303 -1.47 -61.29 -11.33
CA THR B 303 -0.14 -60.72 -11.14
C THR B 303 -0.18 -59.66 -10.05
N LEU B 304 -1.35 -59.01 -9.86
CA LEU B 304 -1.53 -58.01 -8.82
C LEU B 304 -2.08 -58.65 -7.54
N GLY B 305 -2.26 -59.98 -7.53
CA GLY B 305 -2.68 -60.70 -6.34
C GLY B 305 -4.16 -60.51 -6.01
N LEU B 306 -4.93 -59.95 -6.95
CA LEU B 306 -6.40 -59.97 -6.86
C LEU B 306 -6.90 -61.40 -7.01
N PRO B 307 -7.99 -61.78 -6.31
CA PRO B 307 -8.65 -63.06 -6.58
C PRO B 307 -9.53 -63.00 -7.83
N ASP B 308 -9.57 -64.12 -8.55
CA ASP B 308 -10.01 -64.12 -9.94
C ASP B 308 -11.53 -64.02 -9.98
N ALA B 309 -12.21 -64.71 -9.05
CA ALA B 309 -13.66 -64.71 -9.00
C ALA B 309 -14.19 -63.28 -8.99
N TRP B 310 -13.52 -62.41 -8.22
CA TRP B 310 -13.95 -61.04 -8.03
C TRP B 310 -13.68 -60.22 -9.29
N VAL B 311 -12.46 -60.33 -9.83
CA VAL B 311 -12.11 -59.60 -11.04
C VAL B 311 -13.11 -59.93 -12.15
N ALA B 312 -13.46 -61.22 -12.26
CA ALA B 312 -14.37 -61.66 -13.30
C ALA B 312 -15.73 -60.99 -13.12
N ALA B 313 -16.26 -61.03 -11.90
CA ALA B 313 -17.52 -60.37 -11.60
C ALA B 313 -17.45 -58.90 -11.99
N VAL B 314 -16.38 -58.21 -11.57
CA VAL B 314 -16.29 -56.78 -11.80
C VAL B 314 -16.40 -56.51 -13.30
N PHE B 315 -15.73 -57.34 -14.10
CA PHE B 315 -15.54 -57.02 -15.51
C PHE B 315 -16.74 -57.50 -16.31
N LYS B 316 -17.33 -58.63 -15.93
CA LYS B 316 -18.67 -59.00 -16.40
C LYS B 316 -19.60 -57.80 -16.31
N ALA B 317 -19.59 -57.14 -15.15
CA ALA B 317 -20.50 -56.02 -14.92
C ALA B 317 -20.15 -54.88 -15.88
N GLN B 318 -18.86 -54.63 -16.07
CA GLN B 318 -18.41 -53.56 -16.94
C GLN B 318 -18.84 -53.82 -18.38
N ILE B 319 -18.80 -55.09 -18.78
CA ILE B 319 -19.19 -55.49 -20.13
C ILE B 319 -20.70 -55.31 -20.28
N GLU B 320 -21.46 -55.84 -19.31
CA GLU B 320 -22.91 -55.79 -19.40
C GLU B 320 -23.36 -54.32 -19.44
N ALA B 321 -22.62 -53.47 -18.73
CA ALA B 321 -22.96 -52.07 -18.64
C ALA B 321 -22.70 -51.38 -19.98
N SER B 322 -21.53 -51.63 -20.55
CA SER B 322 -21.21 -51.20 -21.90
C SER B 322 -22.34 -51.55 -22.86
N LYS B 323 -22.82 -52.80 -22.80
CA LYS B 323 -23.77 -53.30 -23.78
C LYS B 323 -25.12 -52.59 -23.61
N THR B 324 -25.43 -52.18 -22.38
CA THR B 324 -26.67 -51.45 -22.14
C THR B 324 -26.63 -50.08 -22.81
N VAL B 325 -25.49 -49.40 -22.70
CA VAL B 325 -25.26 -48.15 -23.40
C VAL B 325 -25.45 -48.38 -24.91
N GLN B 326 -24.76 -49.39 -25.45
CA GLN B 326 -24.83 -49.69 -26.87
C GLN B 326 -26.28 -49.87 -27.30
N ARG B 327 -27.05 -50.64 -26.54
CA ARG B 327 -28.40 -51.00 -26.93
C ARG B 327 -29.30 -49.76 -26.98
N GLU B 328 -29.11 -48.87 -26.01
CA GLU B 328 -29.88 -47.64 -25.93
C GLU B 328 -29.57 -46.77 -27.16
N LEU B 329 -28.31 -46.70 -27.55
CA LEU B 329 -27.92 -45.87 -28.68
C LEU B 329 -28.45 -46.47 -29.98
N TYR B 330 -28.32 -47.79 -30.14
CA TYR B 330 -28.78 -48.46 -31.34
C TYR B 330 -30.27 -48.19 -31.55
N ALA B 331 -31.05 -48.28 -30.48
CA ALA B 331 -32.48 -47.98 -30.51
C ALA B 331 -32.70 -46.55 -31.00
N LYS B 332 -31.98 -45.61 -30.38
CA LYS B 332 -32.08 -44.18 -30.71
C LYS B 332 -31.79 -43.96 -32.19
N TRP B 333 -30.74 -44.62 -32.69
CA TRP B 333 -30.25 -44.34 -34.03
C TRP B 333 -31.13 -45.02 -35.07
N LYS B 334 -31.75 -46.15 -34.74
CA LYS B 334 -32.68 -46.78 -35.65
C LYS B 334 -33.90 -45.88 -35.84
N ALA B 335 -34.34 -45.24 -34.76
CA ALA B 335 -35.49 -44.33 -34.81
C ALA B 335 -35.18 -43.10 -35.67
N GLN B 336 -33.93 -42.63 -35.63
CA GLN B 336 -33.53 -41.41 -36.32
C GLN B 336 -33.24 -41.68 -37.79
N GLN B 337 -33.16 -42.96 -38.17
CA GLN B 337 -32.38 -43.42 -39.30
C GLN B 337 -31.12 -42.57 -39.45
N ALA B 338 -30.29 -42.58 -38.40
CA ALA B 338 -28.96 -41.97 -38.48
C ALA B 338 -28.10 -42.77 -39.45
N GLY B 339 -27.05 -42.11 -39.98
CA GLY B 339 -26.38 -42.58 -41.18
C GLY B 339 -25.03 -43.19 -40.85
N HIS B 340 -23.96 -42.50 -41.25
CA HIS B 340 -22.59 -42.87 -40.96
C HIS B 340 -21.97 -41.78 -40.08
N PHE B 341 -21.28 -42.21 -39.03
CA PHE B 341 -20.52 -41.28 -38.18
C PHE B 341 -19.10 -41.13 -38.72
N ASP B 342 -18.73 -39.92 -39.13
CA ASP B 342 -17.62 -39.73 -40.05
C ASP B 342 -16.31 -39.74 -39.27
N ASP B 343 -16.29 -39.02 -38.13
CA ASP B 343 -15.14 -38.97 -37.25
C ASP B 343 -15.31 -39.95 -36.09
N ALA B 344 -15.83 -41.15 -36.38
CA ALA B 344 -15.83 -42.24 -35.44
C ALA B 344 -14.49 -42.96 -35.51
N PRO B 345 -13.79 -43.17 -34.36
CA PRO B 345 -12.49 -43.84 -34.36
C PRO B 345 -12.64 -45.31 -34.73
N ASP B 346 -11.51 -45.92 -35.10
CA ASP B 346 -11.46 -47.33 -35.42
C ASP B 346 -11.58 -48.14 -34.13
N LEU B 347 -12.31 -49.26 -34.21
CA LEU B 347 -12.55 -50.11 -33.06
C LEU B 347 -11.26 -50.84 -32.68
N ALA B 348 -10.69 -51.58 -33.64
CA ALA B 348 -9.55 -52.46 -33.38
C ALA B 348 -8.30 -51.65 -33.04
N ASN B 349 -8.16 -50.46 -33.65
CA ASN B 349 -6.87 -49.78 -33.74
C ASN B 349 -6.77 -48.63 -32.75
N THR B 350 -7.90 -48.01 -32.38
CA THR B 350 -7.89 -46.83 -31.53
C THR B 350 -8.57 -47.14 -30.20
N ILE B 351 -9.80 -47.66 -30.27
CA ILE B 351 -10.70 -47.67 -29.13
C ILE B 351 -10.31 -48.81 -28.20
N ARG B 352 -10.18 -50.02 -28.75
CA ARG B 352 -9.99 -51.21 -27.94
C ARG B 352 -8.68 -51.11 -27.16
N PRO B 353 -7.58 -50.60 -27.76
CA PRO B 353 -6.40 -50.16 -27.00
C PRO B 353 -6.68 -49.26 -25.80
N GLN B 354 -7.49 -48.21 -25.98
CA GLN B 354 -7.83 -47.30 -24.88
C GLN B 354 -8.52 -48.08 -23.76
N LEU B 355 -9.44 -48.99 -24.13
CA LEU B 355 -10.18 -49.78 -23.17
C LEU B 355 -9.24 -50.67 -22.35
N ASP B 356 -8.20 -51.19 -23.00
CA ASP B 356 -7.27 -52.10 -22.36
C ASP B 356 -6.37 -51.30 -21.41
N ARG B 357 -6.06 -50.06 -21.76
CA ARG B 357 -5.30 -49.17 -20.90
C ARG B 357 -6.09 -48.92 -19.61
N ILE B 358 -7.40 -48.79 -19.74
CA ILE B 358 -8.24 -48.39 -18.60
C ILE B 358 -8.46 -49.60 -17.69
N THR B 359 -8.56 -50.77 -18.30
CA THR B 359 -8.60 -52.02 -17.57
C THR B 359 -7.41 -52.12 -16.61
N THR B 360 -6.21 -51.83 -17.11
CA THR B 360 -5.02 -51.74 -16.29
C THR B 360 -5.27 -50.81 -15.10
N GLN B 361 -5.63 -49.55 -15.40
CA GLN B 361 -5.86 -48.58 -14.35
C GLN B 361 -6.84 -49.13 -13.33
N LEU B 362 -7.94 -49.72 -13.82
CA LEU B 362 -9.02 -50.17 -12.97
C LEU B 362 -8.52 -51.26 -12.02
N LEU B 363 -7.77 -52.22 -12.57
CA LEU B 363 -7.27 -53.34 -11.80
C LEU B 363 -6.33 -52.86 -10.70
N ARG B 364 -5.48 -51.88 -11.02
CA ARG B 364 -4.51 -51.37 -10.06
C ARG B 364 -5.23 -50.68 -8.90
N ALA B 365 -6.29 -49.94 -9.22
CA ALA B 365 -7.13 -49.31 -8.21
C ALA B 365 -7.80 -50.36 -7.32
N MET B 366 -8.21 -51.49 -7.91
CA MET B 366 -8.78 -52.56 -7.12
C MET B 366 -7.71 -53.13 -6.18
N ALA B 367 -6.49 -53.25 -6.71
CA ALA B 367 -5.41 -53.94 -6.02
C ALA B 367 -4.98 -53.17 -4.78
N ASP B 368 -4.98 -51.84 -4.88
CA ASP B 368 -4.66 -50.96 -3.77
C ASP B 368 -5.73 -51.05 -2.67
N ASN B 369 -7.00 -51.12 -3.05
CA ASN B 369 -8.10 -50.82 -2.15
C ASN B 369 -8.90 -52.07 -1.82
N GLN B 370 -8.22 -53.15 -1.45
CA GLN B 370 -8.91 -54.40 -1.13
C GLN B 370 -9.51 -54.30 0.28
N ALA B 371 -8.73 -53.68 1.19
CA ALA B 371 -9.18 -53.41 2.55
C ALA B 371 -10.32 -52.40 2.54
N THR B 372 -10.09 -51.27 1.85
CA THR B 372 -11.04 -50.17 1.78
C THR B 372 -12.39 -50.63 1.25
N LEU B 373 -12.41 -51.76 0.52
CA LEU B 373 -13.62 -52.26 -0.13
C LEU B 373 -14.40 -53.19 0.80
N LYS B 374 -14.06 -53.20 2.09
CA LYS B 374 -14.91 -53.82 3.10
C LYS B 374 -15.89 -52.82 3.72
N ASP B 375 -15.58 -51.52 3.64
CA ASP B 375 -16.51 -50.49 4.08
C ASP B 375 -17.57 -50.28 3.00
N THR B 376 -18.72 -49.74 3.39
CA THR B 376 -19.49 -48.80 2.57
C THR B 376 -20.25 -49.58 1.50
N ILE B 380 -23.07 -43.90 -2.62
CA ILE B 380 -22.18 -43.21 -3.60
C ILE B 380 -23.03 -42.25 -4.43
N ARG B 381 -22.39 -41.20 -4.95
CA ARG B 381 -23.00 -40.25 -5.88
C ARG B 381 -23.00 -40.85 -7.29
N PRO B 382 -23.64 -40.20 -8.29
CA PRO B 382 -23.67 -40.71 -9.66
C PRO B 382 -22.33 -40.57 -10.38
N LEU B 383 -22.07 -41.47 -11.34
CA LEU B 383 -21.03 -41.33 -12.34
C LEU B 383 -21.42 -40.26 -13.36
N GLU B 384 -20.42 -39.75 -14.10
CA GLU B 384 -20.67 -38.85 -15.23
C GLU B 384 -21.54 -39.54 -16.27
N ALA B 385 -21.42 -40.88 -16.34
CA ALA B 385 -21.99 -41.65 -17.43
C ALA B 385 -23.42 -42.09 -17.10
N ALA B 386 -23.97 -41.62 -15.97
CA ALA B 386 -25.40 -41.65 -15.75
C ALA B 386 -26.13 -40.68 -16.69
N ALA B 387 -25.41 -39.65 -17.18
CA ALA B 387 -25.87 -38.82 -18.27
C ALA B 387 -26.20 -39.66 -19.50
N LEU B 388 -25.39 -40.69 -19.73
CA LEU B 388 -25.47 -41.52 -20.93
C LEU B 388 -26.55 -42.58 -20.74
N SER B 389 -26.42 -43.37 -19.67
CA SER B 389 -27.41 -44.35 -19.29
C SER B 389 -27.35 -44.61 -17.79
N PRO B 390 -28.35 -44.17 -16.99
CA PRO B 390 -28.36 -44.43 -15.55
C PRO B 390 -28.39 -45.91 -15.20
N ALA B 391 -29.04 -46.71 -16.06
CA ALA B 391 -29.14 -48.15 -15.85
C ALA B 391 -27.75 -48.78 -15.94
N ALA B 392 -27.00 -48.42 -16.99
CA ALA B 392 -25.67 -48.93 -17.21
C ALA B 392 -24.75 -48.55 -16.05
N ALA B 393 -24.87 -47.30 -15.58
CA ALA B 393 -24.06 -46.80 -14.48
C ALA B 393 -24.30 -47.63 -13.22
N ALA B 394 -25.55 -48.02 -12.98
CA ALA B 394 -25.90 -48.86 -11.85
C ALA B 394 -25.25 -50.23 -12.00
N GLN B 395 -25.33 -50.78 -13.21
CA GLN B 395 -24.79 -52.11 -13.51
C GLN B 395 -23.30 -52.13 -13.18
N ALA B 396 -22.59 -51.05 -13.53
CA ALA B 396 -21.15 -51.03 -13.47
C ALA B 396 -20.67 -51.05 -12.02
N LEU B 397 -21.45 -50.41 -11.12
CA LEU B 397 -21.06 -50.24 -9.73
C LEU B 397 -21.50 -51.43 -8.90
N ALA B 398 -22.40 -52.24 -9.46
CA ALA B 398 -23.18 -53.20 -8.70
C ALA B 398 -22.25 -54.12 -7.91
N PRO B 399 -21.18 -54.69 -8.50
CA PRO B 399 -20.31 -55.61 -7.77
C PRO B 399 -19.22 -54.96 -6.91
N LEU B 400 -19.39 -53.67 -6.60
CA LEU B 400 -18.55 -53.00 -5.61
C LEU B 400 -19.38 -52.50 -4.43
N SER B 401 -20.67 -52.87 -4.37
CA SER B 401 -21.39 -52.94 -3.12
C SER B 401 -20.76 -54.00 -2.22
N ALA B 402 -20.73 -53.70 -0.91
CA ALA B 402 -20.01 -54.48 0.07
C ALA B 402 -20.38 -55.95 -0.04
N HIS B 403 -21.68 -56.23 -0.24
CA HIS B 403 -22.22 -57.57 -0.09
C HIS B 403 -21.63 -58.52 -1.14
N VAL B 404 -21.33 -57.99 -2.34
CA VAL B 404 -20.76 -58.82 -3.41
C VAL B 404 -19.29 -59.12 -3.13
N VAL B 405 -18.59 -58.22 -2.42
CA VAL B 405 -17.22 -58.51 -1.98
C VAL B 405 -17.26 -59.58 -0.87
N VAL B 406 -17.92 -60.73 -1.13
CA VAL B 406 -18.62 -61.50 -0.10
C VAL B 406 -17.70 -61.67 1.11
N ARG C 21 -8.75 -30.88 36.89
CA ARG C 21 -8.17 -29.56 37.28
C ARG C 21 -9.27 -28.59 37.67
N LEU C 22 -10.37 -28.57 36.90
CA LEU C 22 -11.44 -27.62 37.14
C LEU C 22 -11.99 -27.76 38.55
N GLU C 23 -11.94 -28.98 39.11
CA GLU C 23 -12.41 -29.23 40.47
C GLU C 23 -11.40 -28.72 41.50
N GLU C 24 -10.10 -28.88 41.20
N GLU C 24 -10.10 -28.88 41.19
CA GLU C 24 -9.04 -28.42 42.09
CA GLU C 24 -9.03 -28.47 42.09
C GLU C 24 -9.14 -26.91 42.29
C GLU C 24 -9.09 -26.96 42.29
N ILE C 25 -9.54 -26.19 41.22
N ILE C 25 -9.51 -26.24 41.25
CA ILE C 25 -9.76 -24.75 41.29
CA ILE C 25 -9.71 -24.81 41.33
C ILE C 25 -10.95 -24.44 42.18
C ILE C 25 -10.81 -24.49 42.36
N HIS C 26 -12.08 -25.12 41.92
N HIS C 26 -12.03 -25.02 42.19
CA HIS C 26 -13.31 -24.91 42.67
CA HIS C 26 -13.10 -24.59 43.09
C HIS C 26 -13.08 -25.22 44.15
C HIS C 26 -13.12 -25.42 44.37
N ALA C 27 -12.27 -26.26 44.42
N ALA C 27 -12.12 -26.32 44.50
CA ALA C 27 -11.94 -26.67 45.77
CA ALA C 27 -11.65 -26.76 45.80
C ALA C 27 -11.09 -25.61 46.47
C ALA C 27 -10.86 -25.63 46.47
N ARG C 28 -9.96 -25.26 45.83
N ARG C 28 -9.78 -25.20 45.81
CA ARG C 28 -9.02 -24.28 46.36
CA ARG C 28 -8.92 -24.17 46.36
C ARG C 28 -9.67 -22.90 46.45
C ARG C 28 -9.67 -22.86 46.48
N GLY C 29 -10.70 -22.66 45.63
CA GLY C 29 -11.56 -21.49 45.74
C GLY C 29 -10.99 -20.27 45.02
N VAL C 30 -9.95 -20.49 44.21
CA VAL C 30 -9.14 -19.40 43.66
C VAL C 30 -8.58 -19.85 42.31
N LEU C 31 -8.70 -18.94 41.32
CA LEU C 31 -8.06 -19.09 40.02
C LEU C 31 -6.71 -18.37 40.02
N ARG C 32 -5.63 -19.14 39.89
CA ARG C 32 -4.29 -18.58 39.80
C ARG C 32 -3.94 -18.36 38.34
N VAL C 33 -3.66 -17.11 37.97
CA VAL C 33 -3.45 -16.72 36.59
C VAL C 33 -2.05 -16.12 36.46
N GLY C 34 -1.21 -16.74 35.61
CA GLY C 34 0.03 -16.11 35.17
C GLY C 34 -0.24 -14.80 34.41
N SER C 35 0.59 -13.78 34.72
CA SER C 35 0.62 -12.56 33.94
C SER C 35 2.01 -11.95 34.06
N THR C 36 2.57 -11.54 32.92
CA THR C 36 3.95 -11.09 32.87
C THR C 36 4.04 -9.71 33.49
N GLY C 37 2.99 -8.90 33.27
CA GLY C 37 2.92 -7.55 33.80
C GLY C 37 3.78 -6.56 33.00
N ASP C 38 4.31 -7.01 31.85
CA ASP C 38 5.31 -6.26 31.11
C ASP C 38 4.77 -5.85 29.74
N TYR C 39 3.51 -6.20 29.46
CA TYR C 39 2.99 -6.19 28.10
C TYR C 39 1.67 -5.42 28.08
N LYS C 40 1.78 -4.09 28.01
CA LYS C 40 0.67 -3.23 27.63
C LYS C 40 0.24 -3.55 26.20
N PRO C 41 -1.07 -3.58 25.86
CA PRO C 41 -2.17 -3.30 26.78
C PRO C 41 -2.80 -4.51 27.47
N PHE C 42 -2.08 -5.64 27.50
CA PHE C 42 -2.68 -6.89 27.92
C PHE C 42 -2.57 -7.03 29.43
N SER C 43 -1.38 -6.74 29.94
CA SER C 43 -1.01 -7.08 31.30
C SER C 43 0.13 -6.16 31.73
N TYR C 44 -0.18 -5.24 32.64
CA TYR C 44 0.79 -4.24 33.10
C TYR C 44 0.74 -4.16 34.63
N ARG C 45 1.91 -4.18 35.26
CA ARG C 45 2.03 -4.01 36.70
C ARG C 45 2.39 -2.56 37.04
N ALA C 46 1.39 -1.76 37.42
CA ALA C 46 1.53 -0.32 37.60
C ALA C 46 2.08 -0.03 38.99
N GLY C 47 1.74 -0.87 39.97
CA GLY C 47 2.66 -1.27 41.02
C GLY C 47 2.18 -2.54 41.72
N ALA C 48 2.69 -2.78 42.94
CA ALA C 48 1.84 -3.00 44.11
C ALA C 48 1.16 -4.37 44.01
N ASN C 49 -0.11 -4.45 44.42
CA ASN C 49 -1.06 -5.39 43.84
C ASN C 49 -1.97 -4.64 42.86
N ASP C 50 -1.36 -4.06 41.82
CA ASP C 50 -2.09 -3.27 40.84
C ASP C 50 -1.65 -3.72 39.44
N PHE C 51 -2.22 -4.84 38.97
CA PHE C 51 -2.17 -5.21 37.57
C PHE C 51 -3.38 -4.61 36.85
N ILE C 52 -3.16 -4.16 35.62
CA ILE C 52 -4.25 -3.66 34.78
C ILE C 52 -4.05 -4.17 33.37
N GLY C 53 -5.16 -4.22 32.64
CA GLY C 53 -5.13 -4.37 31.20
C GLY C 53 -6.25 -5.29 30.71
N LEU C 54 -6.21 -5.58 29.40
CA LEU C 54 -7.24 -6.36 28.76
C LEU C 54 -7.32 -7.74 29.42
N ASP C 55 -6.17 -8.42 29.53
CA ASP C 55 -6.15 -9.81 29.91
C ASP C 55 -6.28 -9.96 31.43
N VAL C 56 -6.02 -8.87 32.17
CA VAL C 56 -6.30 -8.83 33.59
C VAL C 56 -7.82 -8.71 33.80
N GLU C 57 -8.47 -7.87 32.99
CA GLU C 57 -9.91 -7.72 33.04
C GLU C 57 -10.59 -9.05 32.70
N GLN C 58 -10.03 -9.77 31.72
CA GLN C 58 -10.61 -11.02 31.26
C GLN C 58 -10.46 -12.10 32.32
N ALA C 59 -9.25 -12.21 32.88
CA ALA C 59 -9.00 -13.10 34.00
C ALA C 59 -10.05 -12.87 35.08
N GLY C 60 -10.33 -11.59 35.35
CA GLY C 60 -11.39 -11.21 36.27
C GLY C 60 -12.73 -11.86 35.92
N GLU C 61 -13.14 -11.72 34.66
CA GLU C 61 -14.46 -12.12 34.24
C GLU C 61 -14.58 -13.65 34.31
N LEU C 62 -13.47 -14.33 34.04
CA LEU C 62 -13.43 -15.79 34.04
C LEU C 62 -13.55 -16.31 35.47
N ALA C 63 -12.82 -15.68 36.40
CA ALA C 63 -12.92 -15.99 37.81
C ALA C 63 -14.36 -15.86 38.28
N ARG C 64 -14.98 -14.71 38.02
CA ARG C 64 -16.37 -14.47 38.38
C ARG C 64 -17.27 -15.58 37.84
N ALA C 65 -17.03 -15.99 36.58
CA ALA C 65 -17.90 -16.94 35.92
C ALA C 65 -17.77 -18.33 36.55
N MET C 66 -16.56 -18.69 36.98
CA MET C 66 -16.32 -19.92 37.72
C MET C 66 -16.81 -19.81 39.17
N GLY C 67 -17.03 -18.57 39.63
CA GLY C 67 -17.48 -18.30 40.98
C GLY C 67 -16.35 -18.47 42.00
N VAL C 68 -15.20 -17.85 41.71
CA VAL C 68 -14.02 -17.96 42.57
C VAL C 68 -13.29 -16.63 42.57
N LYS C 69 -12.33 -16.52 43.49
CA LYS C 69 -11.47 -15.34 43.59
C LYS C 69 -10.40 -15.42 42.49
N LEU C 70 -9.88 -14.25 42.10
CA LEU C 70 -8.75 -14.15 41.18
C LEU C 70 -7.47 -13.94 42.00
N GLU C 71 -6.40 -14.64 41.60
CA GLU C 71 -5.06 -14.26 42.00
C GLU C 71 -4.16 -14.19 40.76
N ILE C 72 -3.71 -12.98 40.45
CA ILE C 72 -2.57 -12.78 39.55
C ILE C 72 -1.33 -13.38 40.20
N VAL C 73 -0.66 -14.28 39.48
CA VAL C 73 0.69 -14.71 39.82
C VAL C 73 1.65 -14.08 38.82
N PRO C 74 2.60 -13.23 39.28
CA PRO C 74 3.67 -12.73 38.42
C PRO C 74 4.43 -13.82 37.69
N THR C 75 4.74 -13.57 36.40
CA THR C 75 5.71 -14.37 35.68
C THR C 75 6.47 -13.47 34.71
N SER C 76 7.29 -14.11 33.86
CA SER C 76 7.96 -13.45 32.76
C SER C 76 8.12 -14.43 31.61
N TRP C 77 8.54 -13.92 30.45
CA TRP C 77 8.64 -14.73 29.26
C TRP C 77 9.74 -15.78 29.44
N PRO C 78 10.94 -15.43 29.97
CA PRO C 78 12.00 -16.42 30.17
C PRO C 78 11.64 -17.55 31.11
N THR C 79 10.74 -17.27 32.07
CA THR C 79 10.43 -18.21 33.13
C THR C 79 9.08 -18.87 32.88
N LEU C 80 8.50 -18.63 31.70
CA LEU C 80 7.06 -18.80 31.52
C LEU C 80 6.71 -20.27 31.73
N MET C 81 7.46 -21.17 31.07
CA MET C 81 7.06 -22.56 30.94
C MET C 81 7.56 -23.36 32.15
N THR C 82 8.72 -22.99 32.69
CA THR C 82 9.22 -23.59 33.91
C THR C 82 8.28 -23.28 35.08
N ASP C 83 7.77 -22.04 35.13
CA ASP C 83 6.79 -21.65 36.13
C ASP C 83 5.50 -22.45 35.95
N PHE C 84 5.16 -22.78 34.70
CA PHE C 84 4.00 -23.59 34.41
C PHE C 84 4.19 -25.02 34.91
N GLY C 85 5.37 -25.58 34.66
CA GLY C 85 5.69 -26.95 35.04
C GLY C 85 5.76 -27.14 36.56
N ALA C 86 6.08 -26.05 37.27
CA ALA C 86 6.12 -26.07 38.73
C ALA C 86 4.72 -25.86 39.32
N ASP C 87 3.70 -25.74 38.47
CA ASP C 87 2.33 -25.50 38.91
C ASP C 87 2.31 -24.29 39.85
N LYS C 88 2.79 -23.14 39.34
CA LYS C 88 2.72 -21.87 40.06
C LYS C 88 1.39 -21.18 39.81
N PHE C 89 0.71 -21.56 38.71
CA PHE C 89 -0.61 -21.02 38.38
C PHE C 89 -1.38 -22.05 37.56
N ASP C 90 -2.67 -21.76 37.34
CA ASP C 90 -3.57 -22.66 36.65
C ASP C 90 -3.47 -22.40 35.14
N ILE C 91 -3.58 -21.12 34.76
CA ILE C 91 -3.60 -20.72 33.35
C ILE C 91 -2.71 -19.50 33.19
N VAL C 92 -2.54 -19.05 31.94
CA VAL C 92 -1.85 -17.80 31.66
C VAL C 92 -2.67 -16.97 30.68
N LEU C 93 -3.00 -15.74 31.11
CA LEU C 93 -3.73 -14.78 30.29
C LEU C 93 -2.91 -13.50 30.24
N SER C 94 -2.17 -13.29 29.14
CA SER C 94 -1.12 -12.29 29.13
C SER C 94 -0.68 -11.95 27.69
N GLY C 95 -1.60 -11.96 26.74
CA GLY C 95 -1.25 -11.79 25.35
C GLY C 95 -0.29 -12.86 24.83
N VAL C 96 -0.55 -14.13 25.19
CA VAL C 96 0.34 -15.23 24.84
C VAL C 96 0.02 -15.67 23.41
N SER C 97 1.05 -15.70 22.56
CA SER C 97 0.90 -16.28 21.23
C SER C 97 0.87 -17.80 21.33
N VAL C 98 -0.05 -18.39 20.57
CA VAL C 98 -0.03 -19.83 20.28
C VAL C 98 1.20 -20.12 19.42
N THR C 99 2.10 -20.95 19.97
CA THR C 99 3.22 -21.49 19.22
C THR C 99 3.40 -22.96 19.53
N ALA C 100 4.15 -23.64 18.65
CA ALA C 100 4.24 -25.09 18.64
C ALA C 100 5.07 -25.60 19.81
N GLU C 101 6.17 -24.89 20.11
CA GLU C 101 6.98 -25.17 21.29
C GLU C 101 6.10 -25.22 22.54
N ARG C 102 5.16 -24.26 22.64
CA ARG C 102 4.33 -24.13 23.82
C ARG C 102 3.25 -25.21 23.80
N GLN C 103 2.80 -25.60 22.60
CA GLN C 103 1.80 -26.64 22.42
C GLN C 103 2.32 -28.00 22.85
N GLN C 104 3.66 -28.13 22.96
CA GLN C 104 4.28 -29.39 23.36
C GLN C 104 3.89 -29.74 24.80
N GLN C 105 3.84 -28.73 25.68
CA GLN C 105 3.66 -28.96 27.10
C GLN C 105 2.23 -28.64 27.53
N ALA C 106 1.47 -27.95 26.67
CA ALA C 106 0.32 -27.17 27.09
C ALA C 106 -0.79 -27.20 26.04
N LEU C 107 -2.03 -27.04 26.49
CA LEU C 107 -3.13 -26.74 25.61
C LEU C 107 -3.27 -25.23 25.43
N PHE C 108 -3.95 -24.83 24.36
CA PHE C 108 -4.44 -23.47 24.21
C PHE C 108 -5.95 -23.44 24.08
N SER C 109 -6.56 -22.31 24.43
CA SER C 109 -7.93 -22.01 24.09
C SER C 109 -8.04 -21.71 22.59
N VAL C 110 -9.28 -21.51 22.14
CA VAL C 110 -9.53 -20.79 20.91
C VAL C 110 -8.90 -19.40 21.00
N SER C 111 -8.53 -18.86 19.84
CA SER C 111 -7.96 -17.53 19.75
C SER C 111 -9.01 -16.48 20.11
N TYR C 112 -8.58 -15.41 20.80
CA TYR C 112 -9.39 -14.21 20.94
C TYR C 112 -8.84 -13.07 20.10
N LEU C 113 -7.69 -13.28 19.44
CA LEU C 113 -7.06 -12.20 18.72
C LEU C 113 -6.03 -12.73 17.73
N ARG C 114 -5.87 -11.99 16.63
CA ARG C 114 -4.96 -12.33 15.57
C ARG C 114 -3.98 -11.18 15.39
N ASP C 115 -2.67 -11.47 15.47
CA ASP C 115 -1.64 -10.44 15.34
C ASP C 115 -0.43 -11.03 14.63
N GLY C 116 0.63 -10.24 14.46
CA GLY C 116 1.98 -10.73 14.65
C GLY C 116 3.05 -9.66 14.38
N LYS C 117 4.27 -10.11 14.05
CA LYS C 117 5.47 -9.33 14.35
C LYS C 117 5.66 -8.26 13.29
N THR C 118 6.04 -7.06 13.75
CA THR C 118 6.40 -5.96 12.87
C THR C 118 7.49 -5.14 13.57
N PRO C 119 8.33 -4.37 12.85
CA PRO C 119 9.44 -3.66 13.48
C PRO C 119 8.95 -2.39 14.17
N ILE C 120 9.74 -1.95 15.17
CA ILE C 120 9.63 -0.61 15.70
C ILE C 120 11.02 0.02 15.78
N THR C 121 11.09 1.28 15.35
CA THR C 121 12.36 1.99 15.21
C THR C 121 12.08 3.49 15.27
N ARG C 122 13.17 4.27 15.36
CA ARG C 122 13.08 5.73 15.37
C ARG C 122 12.48 6.20 14.04
N CYS C 123 11.73 7.31 14.09
CA CYS C 123 10.82 7.72 13.04
C CYS C 123 11.59 8.07 11.75
N GLU C 124 12.85 8.51 11.90
CA GLU C 124 13.73 8.71 10.76
C GLU C 124 13.92 7.40 9.99
N ASN C 125 14.18 6.28 10.68
CA ASN C 125 14.65 5.07 10.02
C ASN C 125 13.50 4.13 9.65
N GLN C 126 12.26 4.64 9.58
CA GLN C 126 11.14 3.80 9.24
C GLN C 126 11.39 3.15 7.88
N LEU C 127 12.00 3.89 6.95
CA LEU C 127 12.21 3.42 5.59
C LEU C 127 13.41 2.50 5.52
N ARG C 128 14.26 2.50 6.55
CA ARG C 128 15.48 1.70 6.56
C ARG C 128 15.15 0.24 6.92
N PHE C 129 13.95 0.00 7.47
CA PHE C 129 13.61 -1.31 8.02
C PHE C 129 12.20 -1.71 7.60
N GLN C 130 11.87 -1.51 6.32
CA GLN C 130 10.58 -1.92 5.77
C GLN C 130 10.52 -3.45 5.64
N THR C 131 11.67 -4.07 5.32
CA THR C 131 11.69 -5.46 4.89
C THR C 131 12.67 -6.27 5.74
N LEU C 132 12.43 -7.58 5.80
CA LEU C 132 13.26 -8.50 6.56
C LEU C 132 14.65 -8.63 5.93
N GLU C 133 14.75 -8.35 4.63
CA GLU C 133 16.01 -8.32 3.93
C GLU C 133 16.83 -7.12 4.39
N GLN C 134 16.20 -5.94 4.43
CA GLN C 134 16.81 -4.72 4.94
C GLN C 134 17.33 -4.92 6.36
N ILE C 135 16.61 -5.74 7.13
CA ILE C 135 16.84 -5.88 8.56
C ILE C 135 17.92 -6.95 8.79
N ASN C 136 17.92 -7.99 7.96
CA ASN C 136 18.77 -9.14 8.24
C ASN C 136 20.15 -8.94 7.62
N GLN C 137 21.02 -8.23 8.34
CA GLN C 137 22.38 -8.01 7.87
C GLN C 137 23.25 -7.46 9.01
N PRO C 138 24.59 -7.61 8.94
CA PRO C 138 25.45 -7.45 10.13
C PRO C 138 25.66 -6.00 10.59
N ALA C 139 25.25 -5.03 9.75
CA ALA C 139 25.27 -3.61 10.09
C ALA C 139 24.32 -3.30 11.25
N VAL C 140 23.22 -4.06 11.37
CA VAL C 140 22.04 -3.61 12.09
C VAL C 140 22.08 -4.17 13.52
N ARG C 141 21.75 -3.30 14.48
CA ARG C 141 21.77 -3.64 15.90
C ARG C 141 20.34 -3.93 16.35
N LEU C 142 20.03 -5.21 16.55
CA LEU C 142 18.68 -5.66 16.85
C LEU C 142 18.60 -5.92 18.34
N ILE C 143 17.41 -5.70 18.92
CA ILE C 143 17.21 -5.92 20.34
C ILE C 143 15.89 -6.65 20.57
N VAL C 144 15.91 -7.59 21.52
CA VAL C 144 14.72 -8.31 21.95
C VAL C 144 14.82 -8.60 23.45
N ASN C 145 13.65 -8.72 24.09
CA ASN C 145 13.54 -9.35 25.40
C ASN C 145 13.65 -10.85 25.26
N PRO C 146 14.19 -11.55 26.29
CA PRO C 146 14.48 -12.99 26.19
C PRO C 146 13.30 -13.87 26.53
N GLY C 147 13.40 -15.14 26.11
CA GLY C 147 12.46 -16.19 26.45
C GLY C 147 11.37 -16.37 25.40
N GLY C 148 11.21 -15.34 24.55
CA GLY C 148 9.92 -14.95 24.03
C GLY C 148 9.62 -15.63 22.70
N THR C 149 8.49 -15.30 22.09
CA THR C 149 8.35 -15.41 20.65
C THR C 149 9.21 -14.36 19.94
N ASN C 150 9.45 -13.23 20.63
CA ASN C 150 10.17 -12.12 20.03
C ASN C 150 11.63 -12.51 19.79
N GLU C 151 12.19 -13.31 20.71
CA GLU C 151 13.55 -13.82 20.59
C GLU C 151 13.63 -14.88 19.49
N ARG C 152 12.67 -15.80 19.47
N ARG C 152 12.67 -15.80 19.47
CA ARG C 152 12.67 -16.87 18.50
CA ARG C 152 12.68 -16.87 18.49
C ARG C 152 12.58 -16.30 17.08
C ARG C 152 12.57 -16.30 17.09
N PHE C 153 11.73 -15.27 16.91
CA PHE C 153 11.49 -14.67 15.60
C PHE C 153 12.71 -13.94 15.09
N ALA C 154 13.46 -13.29 16.01
CA ALA C 154 14.64 -12.52 15.64
C ALA C 154 15.80 -13.44 15.24
N ARG C 155 15.91 -14.60 15.91
CA ARG C 155 16.95 -15.57 15.64
C ARG C 155 16.69 -16.28 14.31
N ALA C 156 15.41 -16.53 14.00
CA ALA C 156 15.04 -17.31 12.83
C ALA C 156 15.14 -16.45 11.57
N HIS C 157 14.70 -15.18 11.66
CA HIS C 157 14.40 -14.38 10.48
C HIS C 157 15.41 -13.25 10.32
N ALA C 158 16.42 -13.18 11.19
CA ALA C 158 17.42 -12.12 11.10
C ALA C 158 18.73 -12.52 11.78
N PRO C 159 19.31 -13.71 11.48
CA PRO C 159 20.48 -14.20 12.21
C PRO C 159 21.74 -13.35 12.05
N HIS C 160 21.88 -12.67 10.89
CA HIS C 160 23.12 -12.00 10.52
C HIS C 160 23.26 -10.69 11.30
N ALA C 161 22.12 -10.14 11.77
CA ALA C 161 22.12 -8.91 12.55
C ALA C 161 22.75 -9.14 13.91
N GLN C 162 23.12 -8.02 14.55
CA GLN C 162 23.73 -8.05 15.87
C GLN C 162 22.63 -7.99 16.93
N LEU C 163 22.59 -9.03 17.77
CA LEU C 163 21.47 -9.25 18.67
C LEU C 163 21.95 -9.10 20.12
N THR C 164 21.58 -7.98 20.76
CA THR C 164 21.62 -7.87 22.21
C THR C 164 20.27 -8.30 22.79
N VAL C 165 20.34 -9.05 23.89
CA VAL C 165 19.17 -9.64 24.55
C VAL C 165 19.05 -8.99 25.92
N TYR C 166 18.03 -8.16 26.10
CA TYR C 166 18.03 -7.12 27.12
C TYR C 166 16.93 -7.41 28.14
N PRO C 167 17.26 -7.93 29.35
CA PRO C 167 16.30 -8.75 30.12
C PRO C 167 15.37 -7.92 31.00
N ASP C 168 14.97 -6.74 30.51
CA ASP C 168 13.98 -5.88 31.14
C ASP C 168 13.26 -5.25 29.96
N ASN C 169 12.37 -4.29 30.17
CA ASN C 169 11.13 -4.30 29.41
C ASN C 169 10.19 -3.24 29.98
N VAL C 170 9.42 -2.57 29.13
CA VAL C 170 8.96 -1.20 29.35
C VAL C 170 10.14 -0.24 29.12
N THR C 171 11.34 -0.63 29.58
CA THR C 171 12.51 0.21 29.39
C THR C 171 13.39 -0.34 28.26
N ILE C 172 12.94 -1.39 27.58
CA ILE C 172 13.67 -1.90 26.43
C ILE C 172 13.45 -0.94 25.26
N PHE C 173 12.31 -0.24 25.23
CA PHE C 173 12.00 0.64 24.12
C PHE C 173 12.77 1.97 24.26
N GLY C 174 13.22 2.26 25.49
CA GLY C 174 14.20 3.30 25.74
C GLY C 174 15.49 3.11 24.95
N GLN C 175 15.93 1.86 24.77
CA GLN C 175 17.21 1.56 24.14
C GLN C 175 17.22 1.99 22.68
N ILE C 176 16.04 2.01 22.05
CA ILE C 176 15.93 2.40 20.65
C ILE C 176 15.92 3.93 20.58
N VAL C 177 15.06 4.55 21.39
CA VAL C 177 15.02 5.99 21.55
C VAL C 177 16.44 6.53 21.64
N SER C 178 17.28 5.90 22.47
CA SER C 178 18.58 6.45 22.82
C SER C 178 19.67 5.95 21.87
N GLY C 179 19.28 5.30 20.77
CA GLY C 179 20.20 4.96 19.71
C GLY C 179 21.08 3.74 20.03
N ALA C 180 20.85 3.11 21.19
CA ALA C 180 21.68 2.02 21.67
C ALA C 180 21.39 0.74 20.89
N ALA C 181 20.17 0.63 20.35
CA ALA C 181 19.88 -0.31 19.26
C ALA C 181 19.05 0.36 18.17
N ASP C 182 19.00 -0.29 16.99
CA ASP C 182 18.47 0.29 15.77
C ASP C 182 16.95 0.12 15.73
N LEU C 183 16.51 -1.12 16.00
CA LEU C 183 15.09 -1.46 16.01
C LEU C 183 14.85 -2.66 16.92
N MET C 184 13.56 -2.92 17.19
CA MET C 184 13.08 -4.17 17.75
C MET C 184 11.94 -4.69 16.88
N MET C 185 11.73 -6.00 16.89
CA MET C 185 10.58 -6.61 16.23
C MET C 185 9.70 -7.32 17.26
N THR C 186 8.42 -6.94 17.28
CA THR C 186 7.47 -7.39 18.30
C THR C 186 6.05 -7.33 17.74
N ASP C 187 5.08 -7.78 18.54
CA ASP C 187 3.69 -7.81 18.09
C ASP C 187 3.23 -6.42 17.67
N ALA C 188 2.49 -6.36 16.56
CA ALA C 188 2.15 -5.10 15.91
C ALA C 188 1.31 -4.22 16.85
N ILE C 189 0.58 -4.85 17.79
CA ILE C 189 -0.26 -4.12 18.71
C ILE C 189 0.59 -3.47 19.80
N GLU C 190 1.62 -4.19 20.28
CA GLU C 190 2.61 -3.60 21.18
C GLU C 190 3.26 -2.39 20.52
N THR C 191 3.52 -2.49 19.21
CA THR C 191 4.18 -1.44 18.46
C THR C 191 3.27 -0.22 18.29
N ARG C 192 1.97 -0.44 18.08
CA ARG C 192 1.03 0.67 17.97
C ARG C 192 1.04 1.51 19.24
N LEU C 193 1.22 0.85 20.38
CA LEU C 193 1.10 1.48 21.68
C LEU C 193 2.39 2.20 22.06
N GLN C 194 3.53 1.58 21.77
CA GLN C 194 4.81 2.13 22.17
C GLN C 194 5.15 3.36 21.34
N GLN C 195 4.54 3.51 20.15
CA GLN C 195 4.76 4.69 19.32
C GLN C 195 4.00 5.89 19.91
N ARG C 196 2.88 5.62 20.61
CA ARG C 196 2.17 6.62 21.37
C ARG C 196 2.98 7.04 22.60
N LEU C 197 3.58 6.07 23.29
CA LEU C 197 4.27 6.33 24.55
C LEU C 197 5.58 7.08 24.30
N HIS C 198 6.38 6.60 23.35
CA HIS C 198 7.58 7.30 22.92
C HIS C 198 7.30 8.00 21.59
N PRO C 199 7.02 9.33 21.56
CA PRO C 199 6.72 10.02 20.30
C PRO C 199 7.83 9.92 19.26
N GLU C 200 9.06 9.68 19.74
CA GLU C 200 10.26 9.60 18.90
C GLU C 200 10.33 8.25 18.19
N LEU C 201 9.61 7.24 18.69
CA LEU C 201 9.51 5.94 18.03
C LEU C 201 8.28 5.90 17.13
N CYS C 202 8.38 5.04 16.08
CA CYS C 202 7.37 4.88 15.06
C CYS C 202 7.22 3.39 14.73
N ALA C 203 5.96 2.95 14.59
CA ALA C 203 5.63 1.62 14.14
C ALA C 203 5.88 1.47 12.65
N VAL C 204 6.44 0.33 12.24
CA VAL C 204 6.70 0.07 10.84
C VAL C 204 5.60 -0.84 10.26
N HIS C 205 4.84 -0.30 9.30
CA HIS C 205 3.71 -0.96 8.64
C HIS C 205 3.03 -1.97 9.57
N PRO C 206 2.38 -1.53 10.67
CA PRO C 206 1.71 -2.44 11.60
C PRO C 206 0.39 -3.03 11.09
N ASP C 207 -0.19 -2.40 10.05
CA ASP C 207 -1.33 -2.95 9.33
C ASP C 207 -0.92 -4.09 8.39
N ALA C 208 0.39 -4.30 8.19
CA ALA C 208 0.89 -5.34 7.31
C ALA C 208 2.10 -6.03 7.95
N PRO C 209 1.89 -6.83 9.03
CA PRO C 209 3.02 -7.44 9.75
C PRO C 209 3.72 -8.46 8.87
N PHE C 210 4.88 -8.94 9.34
CA PHE C 210 5.65 -9.95 8.61
C PHE C 210 4.99 -11.32 8.69
N ASP C 211 4.14 -11.57 9.70
CA ASP C 211 3.56 -12.89 9.87
C ASP C 211 2.22 -12.76 10.60
N THR C 212 1.68 -13.92 11.02
CA THR C 212 0.42 -14.02 11.75
C THR C 212 0.57 -15.03 12.89
N ALA C 213 -0.13 -14.73 13.99
CA ALA C 213 -0.22 -15.64 15.11
C ALA C 213 -1.55 -15.40 15.84
N GLU C 214 -2.02 -16.45 16.51
CA GLU C 214 -3.16 -16.35 17.39
C GLU C 214 -2.66 -15.91 18.76
N LYS C 215 -3.46 -15.09 19.45
CA LYS C 215 -3.41 -14.95 20.89
C LYS C 215 -4.53 -15.78 21.53
N ALA C 216 -4.15 -16.56 22.54
CA ALA C 216 -5.09 -17.42 23.23
C ALA C 216 -4.62 -17.64 24.67
N ILE C 217 -5.44 -18.38 25.43
CA ILE C 217 -5.20 -18.65 26.83
C ILE C 217 -4.39 -19.94 26.96
N LEU C 218 -3.26 -19.87 27.65
CA LEU C 218 -2.46 -21.06 27.93
C LEU C 218 -3.17 -21.88 29.00
N LEU C 219 -3.37 -23.17 28.71
CA LEU C 219 -4.08 -24.06 29.62
C LEU C 219 -3.22 -25.29 29.88
N PRO C 220 -3.47 -26.04 30.98
CA PRO C 220 -2.81 -27.32 31.22
C PRO C 220 -3.51 -28.44 30.51
N ARG C 221 -2.88 -29.62 30.50
CA ARG C 221 -3.37 -30.77 29.75
C ARG C 221 -4.58 -31.35 30.48
N ASP C 222 -5.74 -30.74 30.22
CA ASP C 222 -7.01 -31.14 30.84
C ASP C 222 -8.14 -30.65 29.95
N ALA C 223 -8.89 -31.61 29.38
CA ALA C 223 -9.75 -31.34 28.24
C ALA C 223 -11.05 -30.73 28.70
N GLU C 224 -11.48 -31.05 29.94
CA GLU C 224 -12.76 -30.58 30.45
C GLU C 224 -12.66 -29.06 30.69
N LEU C 225 -11.50 -28.63 31.19
CA LEU C 225 -11.22 -27.23 31.41
C LEU C 225 -11.20 -26.47 30.09
N LYS C 226 -10.49 -27.02 29.10
CA LYS C 226 -10.40 -26.41 27.79
C LYS C 226 -11.81 -26.18 27.23
N ILE C 227 -12.69 -27.15 27.41
CA ILE C 227 -14.05 -27.03 26.90
C ILE C 227 -14.76 -25.91 27.65
N TYR C 228 -14.53 -25.82 28.96
CA TYR C 228 -15.14 -24.78 29.77
C TYR C 228 -14.71 -23.40 29.28
N VAL C 229 -13.39 -23.19 29.18
CA VAL C 229 -12.85 -21.89 28.85
C VAL C 229 -13.33 -21.50 27.45
N ASP C 230 -13.28 -22.46 26.52
CA ASP C 230 -13.62 -22.20 25.13
C ASP C 230 -15.09 -21.78 25.02
N THR C 231 -15.98 -22.50 25.73
CA THR C 231 -17.40 -22.17 25.73
C THR C 231 -17.57 -20.74 26.25
N TRP C 232 -16.84 -20.43 27.33
CA TRP C 232 -16.85 -19.11 27.94
C TRP C 232 -16.45 -18.07 26.90
N LEU C 233 -15.32 -18.33 26.21
CA LEU C 233 -14.74 -17.37 25.29
C LEU C 233 -15.67 -17.13 24.11
N GLN C 234 -16.21 -18.22 23.54
CA GLN C 234 -17.06 -18.12 22.36
C GLN C 234 -18.29 -17.27 22.70
N GLN C 235 -18.80 -17.44 23.93
CA GLN C 235 -19.90 -16.62 24.41
C GLN C 235 -19.48 -15.15 24.41
N ARG C 236 -18.32 -14.86 25.03
CA ARG C 236 -17.87 -13.49 25.20
C ARG C 236 -17.69 -12.85 23.84
N ILE C 237 -17.17 -13.62 22.87
CA ILE C 237 -16.91 -13.09 21.53
C ILE C 237 -18.23 -12.76 20.85
N SER C 238 -19.14 -13.74 20.80
CA SER C 238 -20.32 -13.62 19.98
C SER C 238 -21.25 -12.52 20.51
N SER C 239 -21.17 -12.23 21.82
CA SER C 239 -22.07 -11.29 22.49
C SER C 239 -21.56 -9.85 22.40
N GLY C 240 -20.33 -9.66 21.90
CA GLY C 240 -19.76 -8.33 21.70
C GLY C 240 -18.91 -7.89 22.90
N GLY C 241 -18.83 -8.74 23.93
CA GLY C 241 -18.23 -8.36 25.19
C GLY C 241 -16.71 -8.22 25.10
N LEU C 242 -16.09 -9.07 24.28
CA LEU C 242 -14.66 -8.99 24.04
C LEU C 242 -14.36 -7.79 23.16
N GLN C 243 -15.16 -7.60 22.09
CA GLN C 243 -15.00 -6.44 21.22
C GLN C 243 -15.01 -5.17 22.06
N LYS C 244 -16.00 -5.07 22.96
CA LYS C 244 -16.10 -3.93 23.86
C LYS C 244 -14.80 -3.76 24.65
N SER C 245 -14.35 -4.84 25.29
CA SER C 245 -13.15 -4.82 26.13
C SER C 245 -11.93 -4.37 25.33
N PHE C 246 -11.88 -4.75 24.05
CA PHE C 246 -10.76 -4.38 23.20
C PHE C 246 -10.77 -2.87 22.94
N ASP C 247 -11.98 -2.32 22.71
CA ASP C 247 -12.13 -0.89 22.46
C ASP C 247 -11.67 -0.10 23.68
N ARG C 248 -12.17 -0.49 24.86
CA ARG C 248 -11.80 0.15 26.12
C ARG C 248 -10.28 0.25 26.21
N TRP C 249 -9.58 -0.89 26.10
CA TRP C 249 -8.22 -0.99 26.61
C TRP C 249 -7.19 -0.55 25.57
N LEU C 250 -7.65 -0.30 24.34
CA LEU C 250 -6.78 0.32 23.34
C LEU C 250 -6.99 1.83 23.32
N ASP C 251 -8.22 2.29 23.53
CA ASP C 251 -8.48 3.72 23.66
C ASP C 251 -8.11 4.20 25.07
N TYR C 252 -7.69 3.29 25.95
CA TYR C 252 -7.28 3.67 27.30
C TYR C 252 -6.03 4.54 27.20
N PRO C 253 -6.02 5.72 27.89
CA PRO C 253 -4.90 6.64 27.80
C PRO C 253 -3.72 6.18 28.64
N TRP C 254 -2.95 5.23 28.09
CA TRP C 254 -1.81 4.66 28.77
C TRP C 254 -0.79 5.77 29.06
N ALA C 255 -0.80 6.81 28.21
CA ALA C 255 0.16 7.90 28.32
C ALA C 255 -0.10 8.73 29.58
N LEU C 256 -1.37 8.86 29.97
CA LEU C 256 -1.77 9.66 31.11
C LEU C 256 -1.61 8.90 32.42
N GLU C 257 -1.07 7.68 32.39
CA GLU C 257 -1.03 6.83 33.57
C GLU C 257 -0.05 7.40 34.61
N PRO C 258 1.12 7.95 34.20
CA PRO C 258 1.97 8.71 35.13
C PRO C 258 1.36 9.97 35.74
N LEU C 259 0.63 10.73 34.91
CA LEU C 259 -0.05 11.93 35.37
C LEU C 259 -1.00 11.55 36.50
N ARG C 260 -1.77 10.48 36.27
CA ARG C 260 -2.71 9.96 37.23
C ARG C 260 -1.97 9.51 38.49
N GLN C 261 -0.82 8.85 38.32
N GLN C 261 -0.82 8.83 38.32
CA GLN C 261 -0.05 8.38 39.46
CA GLN C 261 -0.04 8.38 39.46
C GLN C 261 0.39 9.55 40.33
C GLN C 261 0.39 9.55 40.33
N ALA C 262 0.72 10.69 39.70
CA ALA C 262 1.25 11.86 40.41
C ALA C 262 0.13 12.53 41.21
N ILE C 263 -1.00 12.79 40.56
CA ILE C 263 -2.14 13.38 41.24
C ILE C 263 -2.53 12.48 42.41
N ASP C 264 -2.54 11.17 42.15
CA ASP C 264 -2.99 10.20 43.13
C ASP C 264 -2.05 10.22 44.34
N GLU C 265 -0.75 10.04 44.08
CA GLU C 265 0.22 9.86 45.16
C GLU C 265 0.21 11.10 46.04
N ARG C 266 0.04 12.28 45.42
CA ARG C 266 0.14 13.56 46.10
C ARG C 266 -1.01 13.69 47.09
N LEU C 267 -2.21 13.27 46.64
CA LEU C 267 -3.40 13.38 47.45
C LEU C 267 -3.32 12.43 48.64
N LEU C 268 -2.79 11.22 48.42
CA LEU C 268 -2.75 10.22 49.47
C LEU C 268 -1.86 10.71 50.62
N LEU C 269 -0.90 11.56 50.26
CA LEU C 269 0.04 12.12 51.23
C LEU C 269 -0.63 13.14 52.15
N ALA C 270 -1.78 13.71 51.75
CA ALA C 270 -2.47 14.68 52.59
C ALA C 270 -2.81 14.10 53.96
N GLU C 271 -3.01 12.76 54.02
CA GLU C 271 -3.17 12.04 55.28
C GLU C 271 -1.98 12.30 56.22
N ALA C 272 -0.77 12.13 55.70
CA ALA C 272 0.43 12.34 56.50
C ALA C 272 0.56 13.82 56.90
N VAL C 273 0.28 14.71 55.95
CA VAL C 273 0.37 16.14 56.18
C VAL C 273 -0.50 16.51 57.38
N ALA C 274 -1.71 15.93 57.43
CA ALA C 274 -2.66 16.25 58.48
C ALA C 274 -2.14 15.75 59.83
N ARG C 275 -1.68 14.48 59.87
CA ARG C 275 -1.12 13.89 61.08
C ARG C 275 -0.05 14.82 61.67
N ALA C 276 0.85 15.32 60.83
CA ALA C 276 1.99 16.10 61.29
C ALA C 276 1.55 17.46 61.81
N LYS C 277 0.64 18.13 61.07
CA LYS C 277 0.10 19.42 61.48
C LYS C 277 -0.72 19.29 62.76
N TRP C 278 -1.36 18.13 62.95
CA TRP C 278 -2.18 17.90 64.12
C TRP C 278 -1.33 17.86 65.38
N ASN C 279 -0.15 17.25 65.28
CA ASN C 279 0.74 17.07 66.42
C ASN C 279 1.21 18.42 66.95
N VAL C 280 1.40 19.40 66.06
CA VAL C 280 1.82 20.74 66.43
C VAL C 280 0.59 21.65 66.54
N GLN C 281 -0.60 21.07 66.36
CA GLN C 281 -1.85 21.82 66.31
C GLN C 281 -1.74 23.04 65.40
N ALA C 282 -1.14 22.84 64.22
CA ALA C 282 -1.11 23.89 63.21
C ALA C 282 -2.49 24.07 62.62
N PRO C 283 -2.85 25.26 62.09
CA PRO C 283 -4.06 25.41 61.27
C PRO C 283 -3.86 24.81 59.88
N ILE C 284 -4.96 24.60 59.17
CA ILE C 284 -4.91 23.90 57.89
C ILE C 284 -4.47 24.85 56.79
N GLU C 285 -5.08 26.03 56.71
CA GLU C 285 -4.61 27.05 55.78
C GLU C 285 -3.20 27.48 56.18
N ASP C 286 -2.27 27.40 55.21
CA ASP C 286 -0.90 27.86 55.37
C ASP C 286 -0.55 28.65 54.12
N LEU C 287 -0.82 29.96 54.18
CA LEU C 287 -0.89 30.76 52.99
C LEU C 287 0.50 30.93 52.39
N PRO C 288 1.58 31.03 53.21
CA PRO C 288 2.94 30.97 52.70
C PRO C 288 3.22 29.76 51.82
N ARG C 289 2.87 28.56 52.30
CA ARG C 289 3.19 27.34 51.57
C ARG C 289 2.42 27.31 50.25
N GLU C 290 1.17 27.77 50.28
CA GLU C 290 0.35 27.79 49.09
C GLU C 290 0.97 28.69 48.02
N ALA C 291 1.36 29.91 48.41
CA ALA C 291 1.95 30.84 47.46
C ALA C 291 3.22 30.26 46.85
N GLN C 292 4.03 29.57 47.67
CA GLN C 292 5.33 29.06 47.22
C GLN C 292 5.10 27.93 46.22
N VAL C 293 4.21 27.00 46.56
CA VAL C 293 3.91 25.85 45.74
C VAL C 293 3.49 26.33 44.35
N ILE C 294 2.55 27.27 44.33
CA ILE C 294 1.98 27.73 43.06
C ILE C 294 3.05 28.53 42.31
N ALA C 295 3.80 29.36 43.03
CA ALA C 295 4.79 30.22 42.39
C ALA C 295 5.87 29.36 41.74
N ALA C 296 6.29 28.31 42.45
CA ALA C 296 7.33 27.39 41.98
C ALA C 296 6.83 26.54 40.82
N ALA C 297 5.56 26.11 40.87
CA ALA C 297 4.98 25.34 39.78
C ALA C 297 4.94 26.18 38.51
N VAL C 298 4.54 27.45 38.64
CA VAL C 298 4.39 28.33 37.48
C VAL C 298 5.76 28.52 36.83
N GLN C 299 6.78 28.78 37.66
CA GLN C 299 8.13 28.98 37.17
C GLN C 299 8.58 27.77 36.37
N GLN C 300 8.50 26.58 36.99
CA GLN C 300 8.87 25.32 36.37
C GLN C 300 8.08 25.10 35.08
N GLY C 301 6.79 25.47 35.11
CA GLY C 301 5.91 25.32 33.97
C GLY C 301 6.31 26.21 32.80
N ARG C 302 6.86 27.40 33.09
CA ARG C 302 7.30 28.30 32.03
C ARG C 302 8.46 27.69 31.26
N THR C 303 9.34 26.96 31.97
CA THR C 303 10.47 26.32 31.33
C THR C 303 10.00 25.20 30.41
N LEU C 304 8.84 24.60 30.72
CA LEU C 304 8.26 23.55 29.89
C LEU C 304 7.28 24.14 28.88
N GLY C 305 7.14 25.48 28.85
CA GLY C 305 6.30 26.15 27.87
C GLY C 305 4.80 26.01 28.15
N LEU C 306 4.43 25.50 29.33
CA LEU C 306 3.05 25.56 29.80
C LEU C 306 2.65 27.02 30.04
N PRO C 307 1.39 27.39 29.77
CA PRO C 307 0.87 28.70 30.18
C PRO C 307 0.54 28.74 31.67
N ASP C 308 0.77 29.90 32.28
CA ASP C 308 0.86 30.03 33.72
C ASP C 308 -0.54 29.96 34.32
N ALA C 309 -1.51 30.59 33.66
CA ALA C 309 -2.88 30.61 34.15
C ALA C 309 -3.36 29.19 34.43
N TRP C 310 -3.02 28.27 33.53
CA TRP C 310 -3.49 26.90 33.61
C TRP C 310 -2.77 26.15 34.74
N VAL C 311 -1.44 26.28 34.79
CA VAL C 311 -0.65 25.64 35.83
C VAL C 311 -1.17 26.07 37.20
N ALA C 312 -1.47 27.36 37.35
CA ALA C 312 -1.94 27.88 38.62
C ALA C 312 -3.25 27.22 39.00
N ALA C 313 -4.20 27.19 38.05
CA ALA C 313 -5.47 26.52 38.28
C ALA C 313 -5.24 25.08 38.71
N VAL C 314 -4.40 24.35 37.99
CA VAL C 314 -4.20 22.94 38.25
C VAL C 314 -3.76 22.76 39.71
N PHE C 315 -2.85 23.65 40.15
CA PHE C 315 -2.17 23.42 41.42
C PHE C 315 -3.01 23.94 42.57
N LYS C 316 -3.69 25.07 42.34
CA LYS C 316 -4.76 25.50 43.23
C LYS C 316 -5.67 24.33 43.54
N ALA C 317 -6.08 23.59 42.51
CA ALA C 317 -7.00 22.48 42.68
C ALA C 317 -6.35 21.40 43.54
N GLN C 318 -5.06 21.11 43.28
CA GLN C 318 -4.35 20.08 44.02
C GLN C 318 -4.29 20.45 45.51
N ILE C 319 -4.08 21.75 45.77
CA ILE C 319 -3.97 22.25 47.13
C ILE C 319 -5.34 22.17 47.78
N GLU C 320 -6.38 22.67 47.12
CA GLU C 320 -7.72 22.69 47.69
C GLU C 320 -8.16 21.26 47.99
N ALA C 321 -7.73 20.31 47.16
CA ALA C 321 -8.13 18.92 47.33
C ALA C 321 -7.47 18.33 48.58
N SER C 322 -6.15 18.57 48.69
CA SER C 322 -5.41 18.22 49.88
C SER C 322 -6.12 18.76 51.14
N LYS C 323 -6.54 20.02 51.07
CA LYS C 323 -7.05 20.71 52.26
C LYS C 323 -8.40 20.12 52.63
N THR C 324 -9.15 19.58 51.66
CA THR C 324 -10.42 18.95 51.96
C THR C 324 -10.19 17.68 52.78
N VAL C 325 -9.19 16.89 52.39
CA VAL C 325 -8.78 15.72 53.15
C VAL C 325 -8.41 16.15 54.58
N GLN C 326 -7.54 17.16 54.68
CA GLN C 326 -7.08 17.64 55.98
C GLN C 326 -8.28 18.02 56.86
N ARG C 327 -9.25 18.74 56.28
CA ARG C 327 -10.37 19.28 57.05
C ARG C 327 -11.22 18.14 57.60
N GLU C 328 -11.41 17.09 56.79
CA GLU C 328 -12.21 15.95 57.19
C GLU C 328 -11.53 15.26 58.37
N LEU C 329 -10.20 15.11 58.31
CA LEU C 329 -9.47 14.43 59.37
C LEU C 329 -9.50 15.26 60.66
N TYR C 330 -9.26 16.57 60.52
CA TYR C 330 -9.23 17.46 61.67
C TYR C 330 -10.56 17.40 62.42
N ALA C 331 -11.68 17.42 61.68
CA ALA C 331 -12.99 17.28 62.27
C ALA C 331 -13.08 15.97 63.06
N LYS C 332 -12.68 14.87 62.43
CA LYS C 332 -12.73 13.55 63.04
C LYS C 332 -11.93 13.54 64.35
N TRP C 333 -10.75 14.13 64.30
CA TRP C 333 -9.80 14.03 65.41
C TRP C 333 -10.22 14.96 66.54
N LYS C 334 -10.85 16.09 66.23
CA LYS C 334 -11.35 16.99 67.26
C LYS C 334 -12.48 16.29 68.03
N ALA C 335 -13.30 15.52 67.33
CA ALA C 335 -14.39 14.80 67.97
C ALA C 335 -13.86 13.71 68.90
N GLN C 336 -12.71 13.09 68.53
CA GLN C 336 -12.15 11.99 69.30
C GLN C 336 -11.35 12.52 70.50
N GLN C 337 -11.08 13.83 70.53
CA GLN C 337 -9.90 14.39 71.19
C GLN C 337 -8.72 13.42 71.09
N ALA C 338 -8.32 13.13 69.86
CA ALA C 338 -7.18 12.24 69.62
C ALA C 338 -5.90 12.95 70.06
N GLY C 339 -4.85 12.15 70.28
CA GLY C 339 -3.64 12.62 70.92
C GLY C 339 -2.51 12.88 69.92
N HIS C 340 -1.46 12.07 70.00
CA HIS C 340 -0.22 12.32 69.27
C HIS C 340 0.06 11.13 68.36
N PHE C 341 0.36 11.41 67.08
CA PHE C 341 0.68 10.37 66.12
C PHE C 341 2.20 10.16 66.10
N ASP C 342 2.64 8.95 66.47
CA ASP C 342 4.00 8.75 66.94
C ASP C 342 4.94 8.59 65.75
N ASP C 343 4.51 7.77 64.76
CA ASP C 343 5.24 7.56 63.54
C ASP C 343 4.66 8.43 62.42
N ALA C 344 4.38 9.70 62.74
CA ALA C 344 4.05 10.70 61.74
C ALA C 344 5.34 11.27 61.15
N PRO C 345 5.52 11.27 59.81
CA PRO C 345 6.78 11.71 59.21
C PRO C 345 6.95 13.21 59.34
N ASP C 346 8.20 13.67 59.16
CA ASP C 346 8.50 15.09 59.31
C ASP C 346 7.97 15.84 58.09
N LEU C 347 7.37 17.02 58.34
CA LEU C 347 6.75 17.79 57.28
C LEU C 347 7.83 18.42 56.41
N ALA C 348 8.73 19.19 57.04
CA ALA C 348 9.73 19.97 56.33
C ALA C 348 10.75 19.06 55.63
N ASN C 349 11.07 17.91 56.24
CA ASN C 349 12.27 17.16 55.92
C ASN C 349 11.97 15.93 55.05
N THR C 350 10.75 15.37 55.16
CA THR C 350 10.42 14.12 54.47
C THR C 350 9.33 14.38 53.44
N ILE C 351 8.23 14.99 53.88
CA ILE C 351 6.98 14.96 53.14
C ILE C 351 7.05 16.01 52.03
N ARG C 352 7.40 17.24 52.42
CA ARG C 352 7.31 18.37 51.51
C ARG C 352 8.25 18.18 50.33
N PRO C 353 9.49 17.67 50.55
CA PRO C 353 10.32 17.14 49.46
C PRO C 353 9.63 16.19 48.48
N GLN C 354 8.93 15.18 49.01
CA GLN C 354 8.21 14.24 48.16
C GLN C 354 7.20 14.98 47.29
N LEU C 355 6.48 15.93 47.89
CA LEU C 355 5.44 16.69 47.20
C LEU C 355 6.04 17.49 46.06
N ASP C 356 7.25 18.02 46.27
CA ASP C 356 7.90 18.87 45.28
C ASP C 356 8.41 18.01 44.13
N ARG C 357 8.83 16.77 44.43
CA ARG C 357 9.23 15.81 43.42
C ARG C 357 8.04 15.51 42.50
N ILE C 358 6.85 15.41 43.10
CA ILE C 358 5.66 14.96 42.39
C ILE C 358 5.14 16.09 41.51
N THR C 359 5.27 17.33 42.02
CA THR C 359 4.95 18.51 41.25
C THR C 359 5.67 18.48 39.91
N THR C 360 6.99 18.23 39.97
CA THR C 360 7.80 18.07 38.77
C THR C 360 7.16 17.03 37.85
N GLN C 361 6.97 15.82 38.37
CA GLN C 361 6.43 14.72 37.59
C GLN C 361 5.12 15.17 36.93
N LEU C 362 4.25 15.80 37.72
CA LEU C 362 2.92 16.15 37.25
C LEU C 362 3.02 17.16 36.11
N LEU C 363 3.88 18.17 36.26
CA LEU C 363 4.04 19.20 35.23
C LEU C 363 4.54 18.60 33.92
N ARG C 364 5.48 17.66 34.01
CA ARG C 364 6.07 17.06 32.82
C ARG C 364 5.01 16.25 32.07
N ALA C 365 4.16 15.55 32.82
CA ALA C 365 3.06 14.80 32.24
C ALA C 365 2.07 15.75 31.57
N MET C 366 1.83 16.93 32.15
CA MET C 366 0.97 17.92 31.53
C MET C 366 1.60 18.37 30.21
N ALA C 367 2.92 18.56 30.23
CA ALA C 367 3.63 19.16 29.11
C ALA C 367 3.58 18.22 27.89
N ASP C 368 3.74 16.92 28.14
CA ASP C 368 3.90 15.95 27.05
C ASP C 368 2.54 15.69 26.41
N ASN C 369 1.48 15.52 27.23
CA ASN C 369 0.27 14.85 26.80
C ASN C 369 -0.89 15.85 26.74
N GLN C 370 -0.68 16.93 25.99
CA GLN C 370 -1.66 18.00 25.87
C GLN C 370 -2.75 17.55 24.92
N ALA C 371 -2.37 16.82 23.85
CA ALA C 371 -3.31 16.26 22.89
C ALA C 371 -4.18 15.20 23.55
N THR C 372 -3.53 14.24 24.23
CA THR C 372 -4.21 13.11 24.86
C THR C 372 -5.24 13.60 25.87
N LEU C 373 -5.04 14.82 26.38
CA LEU C 373 -5.84 15.34 27.48
C LEU C 373 -7.09 16.05 26.95
N LYS C 374 -7.22 16.16 25.63
CA LYS C 374 -8.35 16.83 25.01
C LYS C 374 -9.39 15.79 24.54
N ASP C 375 -8.97 14.53 24.42
CA ASP C 375 -9.90 13.44 24.15
C ASP C 375 -10.69 13.13 25.41
N THR C 376 -11.88 12.56 25.23
CA THR C 376 -13.05 12.87 26.05
C THR C 376 -13.75 11.58 26.49
N ALA C 377 -14.12 10.74 25.52
CA ALA C 377 -14.32 9.31 25.75
C ALA C 377 -13.05 8.55 25.42
N ARG C 378 -11.89 9.12 25.79
CA ARG C 378 -10.71 8.36 26.16
C ARG C 378 -10.22 8.82 27.54
N LEU C 379 -10.54 8.03 28.58
CA LEU C 379 -10.69 8.56 29.93
C LEU C 379 -9.93 7.68 30.93
N ILE C 380 -9.36 8.33 31.95
CA ILE C 380 -8.49 7.71 32.94
C ILE C 380 -9.33 6.82 33.88
N ARG C 381 -8.69 5.81 34.50
CA ARG C 381 -9.36 4.99 35.50
C ARG C 381 -9.38 5.74 36.84
N PRO C 382 -10.23 5.32 37.81
CA PRO C 382 -10.50 6.12 39.00
C PRO C 382 -9.36 6.08 40.02
N LEU C 383 -9.20 7.16 40.80
CA LEU C 383 -8.05 7.30 41.68
C LEU C 383 -8.22 6.41 42.90
N GLU C 384 -7.08 5.91 43.41
CA GLU C 384 -7.05 5.17 44.65
C GLU C 384 -7.61 6.02 45.80
N ALA C 385 -7.46 7.35 45.67
CA ALA C 385 -7.70 8.26 46.78
C ALA C 385 -9.16 8.74 46.79
N ALA C 386 -10.00 8.19 45.91
CA ALA C 386 -11.45 8.27 46.10
C ALA C 386 -11.89 7.43 47.30
N ALA C 387 -11.10 6.41 47.65
CA ALA C 387 -11.25 5.69 48.92
C ALA C 387 -11.17 6.66 50.10
N LEU C 388 -10.28 7.64 49.99
CA LEU C 388 -9.96 8.56 51.06
C LEU C 388 -11.01 9.67 51.13
N SER C 389 -11.22 10.36 50.00
CA SER C 389 -12.27 11.35 49.86
C SER C 389 -12.66 11.48 48.40
N PRO C 390 -13.86 11.01 47.98
CA PRO C 390 -14.29 11.15 46.59
C PRO C 390 -14.43 12.61 46.14
N ALA C 391 -14.78 13.49 47.10
CA ALA C 391 -14.92 14.90 46.81
C ALA C 391 -13.57 15.50 46.43
N ALA C 392 -12.54 15.20 47.23
CA ALA C 392 -11.19 15.70 46.99
C ALA C 392 -10.68 15.19 45.64
N ALA C 393 -10.95 13.93 45.34
CA ALA C 393 -10.51 13.30 44.10
C ALA C 393 -11.11 14.04 42.90
N ALA C 394 -12.38 14.44 43.01
CA ALA C 394 -13.06 15.19 41.97
C ALA C 394 -12.39 16.56 41.81
N GLN C 395 -12.11 17.22 42.94
CA GLN C 395 -11.51 18.54 42.94
C GLN C 395 -10.21 18.51 42.16
N ALA C 396 -9.40 17.45 42.39
CA ALA C 396 -8.04 17.40 41.89
C ALA C 396 -8.05 17.25 40.37
N LEU C 397 -9.04 16.55 39.83
CA LEU C 397 -9.07 16.22 38.41
C LEU C 397 -9.74 17.34 37.63
N ALA C 398 -10.44 18.24 38.34
CA ALA C 398 -11.40 19.13 37.71
C ALA C 398 -10.74 19.93 36.59
N PRO C 399 -9.55 20.54 36.81
CA PRO C 399 -8.91 21.36 35.78
C PRO C 399 -8.06 20.59 34.77
N LEU C 400 -8.27 19.28 34.66
CA LEU C 400 -7.66 18.46 33.62
C LEU C 400 -8.72 17.78 32.77
N SER C 401 -9.99 18.14 33.01
CA SER C 401 -11.06 17.80 32.10
C SER C 401 -10.84 18.55 30.80
N ALA C 402 -11.20 17.89 29.68
CA ALA C 402 -10.83 18.32 28.35
C ALA C 402 -11.23 19.78 28.14
N HIS C 403 -12.43 20.15 28.63
CA HIS C 403 -13.05 21.41 28.29
C HIS C 403 -12.24 22.58 28.84
N VAL C 404 -11.61 22.40 30.00
CA VAL C 404 -10.82 23.47 30.60
C VAL C 404 -9.43 23.47 29.96
N VAL C 405 -8.94 22.30 29.54
CA VAL C 405 -7.64 22.19 28.91
C VAL C 405 -7.67 22.89 27.55
N VAL C 406 -8.80 22.76 26.84
CA VAL C 406 -9.04 23.45 25.57
C VAL C 406 -9.27 24.94 25.84
N ARG C 407 -9.97 25.25 26.94
CA ARG C 407 -10.25 26.61 27.32
C ARG C 407 -8.96 27.42 27.45
N PHE C 408 -7.84 26.75 27.75
CA PHE C 408 -6.64 27.45 28.16
C PHE C 408 -5.64 27.63 27.01
N LEU C 409 -5.79 26.88 25.90
CA LEU C 409 -4.69 26.60 25.00
C LEU C 409 -4.98 27.10 23.58
N ARG D 21 12.81 42.91 -20.15
CA ARG D 21 12.91 42.89 -18.66
C ARG D 21 14.34 42.57 -18.23
N LEU D 22 14.98 41.64 -18.93
CA LEU D 22 16.32 41.18 -18.56
C LEU D 22 17.30 42.35 -18.54
N GLU D 23 17.05 43.37 -19.37
CA GLU D 23 17.89 44.57 -19.42
C GLU D 23 17.61 45.48 -18.23
N GLU D 24 16.34 45.58 -17.83
CA GLU D 24 15.93 46.41 -16.71
C GLU D 24 16.59 45.90 -15.42
N ILE D 25 16.76 44.58 -15.32
CA ILE D 25 17.46 43.97 -14.20
C ILE D 25 18.95 44.34 -14.24
N HIS D 26 19.59 44.15 -15.39
N HIS D 26 19.58 44.18 -15.40
CA HIS D 26 21.00 44.45 -15.57
CA HIS D 26 21.01 44.44 -15.52
C HIS D 26 21.25 45.93 -15.28
C HIS D 26 21.27 45.93 -15.30
N ALA D 27 20.31 46.79 -15.69
CA ALA D 27 20.40 48.23 -15.47
C ALA D 27 20.29 48.56 -13.97
N ARG D 28 19.21 48.10 -13.35
CA ARG D 28 18.93 48.31 -11.93
C ARG D 28 20.01 47.66 -11.07
N GLY D 29 20.66 46.62 -11.60
CA GLY D 29 21.85 46.03 -10.99
C GLY D 29 21.51 44.99 -9.91
N VAL D 30 20.24 44.60 -9.86
CA VAL D 30 19.69 43.84 -8.74
C VAL D 30 18.53 42.97 -9.24
N LEU D 31 18.56 41.70 -8.84
CA LEU D 31 17.46 40.77 -9.04
C LEU D 31 16.56 40.76 -7.80
N ARG D 32 15.31 41.22 -7.97
CA ARG D 32 14.34 41.21 -6.88
C ARG D 32 13.54 39.91 -6.95
N VAL D 33 13.61 39.13 -5.87
CA VAL D 33 13.01 37.79 -5.83
C VAL D 33 11.98 37.74 -4.71
N GLY D 34 10.73 37.44 -5.08
CA GLY D 34 9.74 37.07 -4.08
C GLY D 34 10.10 35.78 -3.34
N SER D 35 9.86 35.79 -2.03
CA SER D 35 9.95 34.57 -1.22
C SER D 35 9.02 34.72 -0.02
N THR D 36 8.25 33.67 0.26
CA THR D 36 7.22 33.75 1.27
C THR D 36 7.87 33.71 2.65
N GLY D 37 8.96 32.94 2.74
CA GLY D 37 9.71 32.80 3.99
C GLY D 37 9.03 31.88 4.99
N ASP D 38 7.98 31.18 4.55
CA ASP D 38 7.11 30.43 5.45
C ASP D 38 7.18 28.93 5.12
N TYR D 39 8.01 28.54 4.15
CA TYR D 39 7.92 27.24 3.50
C TYR D 39 9.31 26.61 3.50
N LYS D 40 9.68 26.01 4.63
CA LYS D 40 10.79 25.07 4.71
C LYS D 40 10.48 23.85 3.84
N PRO D 41 11.45 23.27 3.10
CA PRO D 41 12.85 23.73 3.06
C PRO D 41 13.22 24.70 1.94
N PHE D 42 12.21 25.36 1.35
CA PHE D 42 12.43 26.15 0.14
C PHE D 42 12.86 27.55 0.52
N SER D 43 12.15 28.14 1.50
CA SER D 43 12.24 29.56 1.78
C SER D 43 11.78 29.79 3.21
N TYR D 44 12.74 30.16 4.08
CA TYR D 44 12.47 30.38 5.50
C TYR D 44 13.12 31.68 5.95
N ARG D 45 12.35 32.50 6.68
CA ARG D 45 12.86 33.73 7.25
C ARG D 45 13.22 33.53 8.73
N ALA D 46 14.52 33.33 9.00
CA ALA D 46 14.99 32.93 10.32
C ALA D 46 15.16 34.16 11.21
N GLY D 47 15.50 35.30 10.61
CA GLY D 47 14.92 36.58 10.99
C GLY D 47 15.14 37.63 9.91
N ALA D 48 15.07 38.92 10.28
CA ALA D 48 16.17 39.85 10.04
C ALA D 48 16.23 40.19 8.56
N ASN D 49 17.45 40.31 8.02
CA ASN D 49 17.72 40.03 6.62
C ASN D 49 18.36 38.65 6.50
N ASP D 50 17.66 37.61 6.97
CA ASP D 50 18.19 36.26 7.01
C ASP D 50 17.14 35.29 6.47
N PHE D 51 17.03 35.21 5.13
CA PHE D 51 16.32 34.12 4.48
C PHE D 51 17.29 32.98 4.19
N ILE D 52 16.80 31.74 4.32
CA ILE D 52 17.59 30.57 3.95
C ILE D 52 16.70 29.55 3.27
N GLY D 53 17.33 28.66 2.50
CA GLY D 53 16.69 27.45 2.01
C GLY D 53 17.12 27.15 0.57
N LEU D 54 16.47 26.13 -0.01
CA LEU D 54 16.82 25.66 -1.34
C LEU D 54 16.65 26.81 -2.34
N ASP D 55 15.49 27.46 -2.31
CA ASP D 55 15.11 28.39 -3.37
C ASP D 55 15.78 29.74 -3.12
N VAL D 56 16.23 30.00 -1.88
CA VAL D 56 17.04 31.15 -1.59
C VAL D 56 18.45 30.96 -2.13
N GLU D 57 18.99 29.74 -1.98
CA GLU D 57 20.27 29.39 -2.54
C GLU D 57 20.25 29.51 -4.06
N GLN D 58 19.14 29.09 -4.68
CA GLN D 58 19.01 29.10 -6.12
C GLN D 58 18.90 30.53 -6.64
N ALA D 59 18.07 31.33 -5.98
CA ALA D 59 17.98 32.75 -6.27
C ALA D 59 19.38 33.37 -6.26
N GLY D 60 20.19 32.98 -5.27
CA GLY D 60 21.58 33.37 -5.20
C GLY D 60 22.35 33.04 -6.47
N GLU D 61 22.23 31.80 -6.93
CA GLU D 61 23.05 31.29 -8.02
C GLU D 61 22.65 31.99 -9.32
N LEU D 62 21.35 32.31 -9.43
CA LEU D 62 20.82 32.96 -10.61
C LEU D 62 21.31 34.41 -10.68
N ALA D 63 21.29 35.10 -9.53
CA ALA D 63 21.83 36.43 -9.42
C ALA D 63 23.29 36.46 -9.86
N ARG D 64 24.11 35.58 -9.28
CA ARG D 64 25.52 35.47 -9.64
C ARG D 64 25.67 35.28 -11.15
N ALA D 65 24.83 34.43 -11.74
CA ALA D 65 24.97 34.07 -13.14
C ALA D 65 24.64 35.27 -14.04
N MET D 66 23.65 36.07 -13.64
CA MET D 66 23.32 37.31 -14.32
C MET D 66 24.34 38.40 -14.03
N GLY D 67 25.15 38.21 -12.97
CA GLY D 67 26.15 39.17 -12.57
C GLY D 67 25.55 40.38 -11.86
N VAL D 68 24.66 40.12 -10.90
CA VAL D 68 23.95 41.17 -10.18
C VAL D 68 23.79 40.76 -8.72
N LYS D 69 23.38 41.73 -7.89
CA LYS D 69 23.08 41.47 -6.49
C LYS D 69 21.71 40.82 -6.38
N LEU D 70 21.51 40.10 -5.28
CA LEU D 70 20.22 39.53 -4.92
C LEU D 70 19.53 40.43 -3.91
N GLU D 71 18.22 40.63 -4.09
CA GLU D 71 17.37 41.14 -3.02
C GLU D 71 16.14 40.23 -2.88
N ILE D 72 16.06 39.55 -1.74
CA ILE D 72 14.82 38.93 -1.29
C ILE D 72 13.81 40.04 -1.02
N VAL D 73 12.64 39.95 -1.67
CA VAL D 73 11.46 40.71 -1.29
C VAL D 73 10.48 39.77 -0.59
N PRO D 74 10.15 40.01 0.70
CA PRO D 74 9.07 39.27 1.37
C PRO D 74 7.75 39.27 0.61
N THR D 75 7.09 38.10 0.59
CA THR D 75 5.70 38.03 0.21
C THR D 75 4.99 36.95 1.04
N SER D 76 3.74 36.68 0.66
CA SER D 76 2.97 35.59 1.22
C SER D 76 2.03 35.04 0.15
N TRP D 77 1.41 33.89 0.45
CA TRP D 77 0.55 33.23 -0.51
C TRP D 77 -0.68 34.09 -0.81
N PRO D 78 -1.36 34.67 0.20
CA PRO D 78 -2.53 35.51 -0.05
C PRO D 78 -2.25 36.75 -0.89
N THR D 79 -1.01 37.25 -0.81
CA THR D 79 -0.67 38.52 -1.43
C THR D 79 0.14 38.28 -2.69
N LEU D 80 0.25 37.02 -3.13
CA LEU D 80 1.34 36.62 -4.01
C LEU D 80 1.24 37.35 -5.33
N MET D 81 0.03 37.35 -5.90
CA MET D 81 -0.16 37.74 -7.28
C MET D 81 -0.41 39.24 -7.36
N THR D 82 -1.06 39.81 -6.34
CA THR D 82 -1.22 41.26 -6.25
C THR D 82 0.15 41.93 -6.10
N ASP D 83 1.04 41.33 -5.30
CA ASP D 83 2.40 41.82 -5.15
C ASP D 83 3.14 41.73 -6.48
N PHE D 84 2.83 40.70 -7.27
CA PHE D 84 3.42 40.54 -8.59
C PHE D 84 2.96 41.65 -9.53
N GLY D 85 1.64 41.94 -9.50
CA GLY D 85 1.03 42.94 -10.37
C GLY D 85 1.49 44.35 -10.06
N ALA D 86 1.89 44.58 -8.80
CA ALA D 86 2.42 45.86 -8.36
C ALA D 86 3.91 45.99 -8.69
N ASP D 87 4.49 44.97 -9.35
CA ASP D 87 5.90 44.97 -9.69
C ASP D 87 6.73 45.23 -8.44
N LYS D 88 6.54 44.37 -7.41
CA LYS D 88 7.33 44.43 -6.20
C LYS D 88 8.61 43.61 -6.35
N PHE D 89 8.61 42.66 -7.30
CA PHE D 89 9.78 41.84 -7.57
C PHE D 89 9.76 41.38 -9.03
N ASP D 90 10.88 40.78 -9.46
CA ASP D 90 11.05 40.35 -10.84
C ASP D 90 10.47 38.95 -11.01
N ILE D 91 10.87 38.03 -10.10
CA ILE D 91 10.46 36.64 -10.17
C ILE D 91 10.07 36.18 -8.78
N VAL D 92 9.58 34.93 -8.69
CA VAL D 92 9.32 34.31 -7.40
C VAL D 92 9.92 32.91 -7.38
N LEU D 93 10.80 32.67 -6.40
CA LEU D 93 11.42 31.39 -6.19
C LEU D 93 11.16 30.96 -4.75
N SER D 94 10.17 30.08 -4.54
CA SER D 94 9.63 29.87 -3.21
C SER D 94 8.83 28.57 -3.10
N GLY D 95 9.24 27.53 -3.84
CA GLY D 95 8.45 26.31 -3.93
C GLY D 95 7.04 26.56 -4.49
N VAL D 96 6.95 27.36 -5.57
CA VAL D 96 5.68 27.74 -6.15
C VAL D 96 5.21 26.61 -7.08
N SER D 97 3.99 26.12 -6.84
CA SER D 97 3.37 25.19 -7.78
C SER D 97 2.91 25.93 -9.04
N VAL D 98 3.16 25.31 -10.19
CA VAL D 98 2.52 25.70 -11.43
C VAL D 98 1.03 25.36 -11.33
N THR D 99 0.19 26.40 -11.41
CA THR D 99 -1.25 26.24 -11.52
C THR D 99 -1.80 27.19 -12.58
N ALA D 100 -3.03 26.90 -13.02
CA ALA D 100 -3.62 27.53 -14.19
C ALA D 100 -4.03 28.97 -13.86
N GLU D 101 -4.58 29.19 -12.66
CA GLU D 101 -4.88 30.53 -12.19
C GLU D 101 -3.65 31.42 -12.28
N ARG D 102 -2.48 30.87 -11.92
CA ARG D 102 -1.25 31.65 -11.89
C ARG D 102 -0.73 31.84 -13.31
N GLN D 103 -0.99 30.87 -14.19
CA GLN D 103 -0.58 30.92 -15.59
C GLN D 103 -1.34 32.02 -16.34
N GLN D 104 -2.45 32.48 -15.76
CA GLN D 104 -3.27 33.51 -16.37
C GLN D 104 -2.51 34.83 -16.46
N GLN D 105 -1.75 35.14 -15.40
CA GLN D 105 -1.11 36.43 -15.27
C GLN D 105 0.39 36.34 -15.61
N ALA D 106 0.94 35.11 -15.65
CA ALA D 106 2.35 34.89 -15.43
C ALA D 106 2.86 33.74 -16.29
N LEU D 107 4.15 33.78 -16.64
CA LEU D 107 4.85 32.61 -17.17
C LEU D 107 5.43 31.78 -16.03
N PHE D 108 5.73 30.51 -16.33
CA PHE D 108 6.55 29.68 -15.47
C PHE D 108 7.79 29.21 -16.22
N SER D 109 8.85 28.92 -15.47
CA SER D 109 10.00 28.18 -15.97
C SER D 109 9.61 26.72 -16.20
N VAL D 110 10.56 25.96 -16.74
CA VAL D 110 10.55 24.51 -16.63
C VAL D 110 10.52 24.14 -15.16
N SER D 111 9.94 22.97 -14.86
CA SER D 111 9.88 22.45 -13.51
C SER D 111 11.29 22.06 -13.05
N TYR D 112 11.57 22.30 -11.76
CA TYR D 112 12.74 21.70 -11.11
C TYR D 112 12.33 20.60 -10.13
N LEU D 113 11.02 20.39 -9.95
CA LEU D 113 10.57 19.42 -8.98
C LEU D 113 9.12 19.02 -9.23
N ARG D 114 8.80 17.76 -8.92
CA ARG D 114 7.48 17.21 -9.11
C ARG D 114 6.97 16.70 -7.76
N ASP D 115 5.80 17.19 -7.36
CA ASP D 115 5.25 16.84 -6.05
C ASP D 115 3.74 16.75 -6.12
N GLY D 116 3.10 16.43 -4.99
CA GLY D 116 1.86 17.09 -4.61
C GLY D 116 1.28 16.55 -3.30
N LYS D 117 -0.03 16.70 -3.12
CA LYS D 117 -0.61 16.86 -1.79
C LYS D 117 -0.77 15.49 -1.13
N THR D 118 -0.42 15.41 0.15
CA THR D 118 -0.62 14.22 0.96
C THR D 118 -0.90 14.66 2.39
N PRO D 119 -1.55 13.84 3.24
CA PRO D 119 -1.89 14.26 4.59
C PRO D 119 -0.69 14.18 5.52
N ILE D 120 -0.73 14.97 6.59
CA ILE D 120 0.11 14.76 7.76
C ILE D 120 -0.75 14.81 9.02
N THR D 121 -0.49 13.86 9.94
CA THR D 121 -1.29 13.68 11.13
C THR D 121 -0.45 12.97 12.20
N ARG D 122 -0.99 12.91 13.43
CA ARG D 122 -0.35 12.21 14.52
C ARG D 122 -0.22 10.73 14.18
N CYS D 123 0.86 10.09 14.67
CA CYS D 123 1.32 8.81 14.17
C CYS D 123 0.30 7.70 14.49
N GLU D 124 -0.49 7.88 15.56
CA GLU D 124 -1.65 7.03 15.82
C GLU D 124 -2.59 6.97 14.62
N ASN D 125 -2.95 8.14 14.08
CA ASN D 125 -4.10 8.26 13.19
C ASN D 125 -3.69 8.15 11.73
N GLN D 126 -2.48 7.60 11.45
CA GLN D 126 -2.04 7.41 10.08
C GLN D 126 -3.10 6.65 9.28
N LEU D 127 -3.70 5.64 9.93
CA LEU D 127 -4.61 4.72 9.27
C LEU D 127 -5.99 5.35 9.15
N ARG D 128 -6.25 6.41 9.92
CA ARG D 128 -7.56 7.05 9.94
C ARG D 128 -7.72 7.96 8.72
N PHE D 129 -6.62 8.30 8.05
CA PHE D 129 -6.63 9.31 7.01
C PHE D 129 -5.81 8.84 5.80
N GLN D 130 -5.99 7.58 5.39
CA GLN D 130 -5.32 7.03 4.23
C GLN D 130 -5.93 7.62 2.95
N THR D 131 -7.25 7.87 2.96
CA THR D 131 -7.98 8.16 1.74
C THR D 131 -8.76 9.47 1.90
N LEU D 132 -9.05 10.10 0.76
CA LEU D 132 -9.81 11.34 0.69
C LEU D 132 -11.25 11.13 1.15
N GLU D 133 -11.75 9.89 1.02
CA GLU D 133 -13.08 9.53 1.52
C GLU D 133 -13.08 9.53 3.04
N GLN D 134 -12.07 8.88 3.64
CA GLN D 134 -11.88 8.87 5.08
C GLN D 134 -11.80 10.30 5.63
N ILE D 135 -11.21 11.20 4.84
CA ILE D 135 -10.88 12.54 5.29
C ILE D 135 -12.08 13.45 5.09
N ASN D 136 -12.86 13.23 4.03
CA ASN D 136 -13.91 14.16 3.67
C ASN D 136 -15.21 13.81 4.40
N GLN D 137 -15.32 14.26 5.65
CA GLN D 137 -16.54 14.04 6.42
C GLN D 137 -16.54 14.92 7.67
N PRO D 138 -17.73 15.22 8.27
CA PRO D 138 -17.87 16.34 9.19
C PRO D 138 -17.25 16.14 10.57
N ALA D 139 -16.88 14.88 10.88
CA ALA D 139 -16.20 14.53 12.13
C ALA D 139 -14.81 15.17 12.21
N VAL D 140 -14.16 15.38 11.04
CA VAL D 140 -12.72 15.56 10.97
C VAL D 140 -12.38 17.05 10.97
N ARG D 141 -11.38 17.43 11.76
N ARG D 141 -11.39 17.45 11.79
CA ARG D 141 -10.94 18.80 11.90
CA ARG D 141 -10.97 18.84 11.88
C ARG D 141 -9.69 19.03 11.04
C ARG D 141 -9.71 19.04 11.05
N LEU D 142 -9.89 19.71 9.90
CA LEU D 142 -8.83 19.89 8.92
C LEU D 142 -8.26 21.29 9.10
N ILE D 143 -6.97 21.45 8.80
CA ILE D 143 -6.33 22.75 8.90
C ILE D 143 -5.47 23.00 7.66
N VAL D 144 -5.50 24.25 7.19
CA VAL D 144 -4.64 24.71 6.11
C VAL D 144 -4.21 26.15 6.35
N ASN D 145 -3.04 26.49 5.82
CA ASN D 145 -2.64 27.88 5.62
C ASN D 145 -3.40 28.50 4.46
N PRO D 146 -3.67 29.82 4.49
CA PRO D 146 -4.48 30.49 3.48
C PRO D 146 -3.72 30.92 2.24
N GLY D 147 -4.47 31.21 1.18
CA GLY D 147 -3.96 31.82 -0.03
C GLY D 147 -3.60 30.78 -1.09
N GLY D 148 -3.45 29.52 -0.64
CA GLY D 148 -2.47 28.59 -1.18
C GLY D 148 -3.10 27.74 -2.27
N THR D 149 -2.31 26.82 -2.82
CA THR D 149 -2.87 25.60 -3.39
C THR D 149 -3.42 24.69 -2.29
N ASN D 150 -2.88 24.81 -1.07
CA ASN D 150 -3.25 23.94 0.03
C ASN D 150 -4.70 24.20 0.45
N GLU D 151 -5.10 25.48 0.37
CA GLU D 151 -6.44 25.90 0.70
C GLU D 151 -7.41 25.48 -0.40
N ARG D 152 -7.02 25.69 -1.66
CA ARG D 152 -7.88 25.36 -2.78
C ARG D 152 -8.15 23.85 -2.80
N PHE D 153 -7.11 23.05 -2.52
CA PHE D 153 -7.21 21.59 -2.57
C PHE D 153 -8.11 21.05 -1.47
N ALA D 154 -8.08 21.69 -0.29
CA ALA D 154 -8.86 21.24 0.86
C ALA D 154 -10.34 21.57 0.66
N ARG D 155 -10.62 22.71 0.03
CA ARG D 155 -12.00 23.15 -0.24
C ARG D 155 -12.64 22.29 -1.32
N ALA D 156 -11.82 21.88 -2.32
CA ALA D 156 -12.33 21.15 -3.47
C ALA D 156 -12.57 19.69 -3.12
N HIS D 157 -11.67 19.09 -2.33
CA HIS D 157 -11.60 17.64 -2.21
C HIS D 157 -12.04 17.18 -0.82
N ALA D 158 -12.46 18.10 0.05
CA ALA D 158 -12.85 17.74 1.41
C ALA D 158 -13.80 18.77 2.02
N PRO D 159 -14.89 19.19 1.32
CA PRO D 159 -15.73 20.28 1.81
C PRO D 159 -16.47 20.00 3.12
N HIS D 160 -16.78 18.72 3.37
CA HIS D 160 -17.66 18.33 4.47
C HIS D 160 -16.92 18.40 5.80
N ALA D 161 -15.58 18.34 5.75
CA ALA D 161 -14.76 18.42 6.95
C ALA D 161 -14.83 19.83 7.55
N GLN D 162 -14.41 19.93 8.81
CA GLN D 162 -14.32 21.22 9.50
C GLN D 162 -12.96 21.86 9.21
N LEU D 163 -12.98 23.04 8.58
CA LEU D 163 -11.79 23.67 8.06
C LEU D 163 -11.54 24.97 8.84
N THR D 164 -10.52 24.95 9.70
CA THR D 164 -9.94 26.16 10.24
C THR D 164 -8.76 26.60 9.36
N VAL D 165 -8.66 27.92 9.15
CA VAL D 165 -7.68 28.52 8.26
C VAL D 165 -6.72 29.35 9.11
N TYR D 166 -5.47 28.89 9.24
CA TYR D 166 -4.60 29.29 10.34
C TYR D 166 -3.39 30.03 9.78
N PRO D 167 -3.31 31.38 9.88
CA PRO D 167 -2.52 32.18 8.93
C PRO D 167 -1.04 32.31 9.30
N ASP D 168 -0.44 31.22 9.80
CA ASP D 168 1.01 31.14 9.92
C ASP D 168 1.50 29.72 9.67
N ASN D 169 2.36 29.54 8.67
CA ASN D 169 2.59 28.23 8.08
C ASN D 169 3.72 27.49 8.80
N VAL D 170 4.50 28.20 9.63
CA VAL D 170 5.65 27.59 10.31
C VAL D 170 5.18 26.85 11.56
N THR D 171 4.22 27.42 12.29
CA THR D 171 3.77 26.88 13.57
C THR D 171 2.41 26.20 13.43
N ILE D 172 1.98 25.97 12.19
CA ILE D 172 0.68 25.37 11.92
C ILE D 172 0.70 23.89 12.30
N PHE D 173 1.88 23.27 12.21
CA PHE D 173 2.00 21.84 12.45
C PHE D 173 2.02 21.56 13.95
N GLY D 174 2.29 22.59 14.77
CA GLY D 174 2.03 22.55 16.19
C GLY D 174 0.57 22.21 16.54
N GLN D 175 -0.37 22.73 15.73
CA GLN D 175 -1.79 22.59 16.02
C GLN D 175 -2.23 21.13 15.93
N ILE D 176 -1.52 20.32 15.13
CA ILE D 176 -1.84 18.91 14.98
C ILE D 176 -1.25 18.14 16.16
N VAL D 177 0.04 18.38 16.44
CA VAL D 177 0.71 17.82 17.61
C VAL D 177 -0.20 17.96 18.83
N SER D 178 -0.79 19.16 19.01
CA SER D 178 -1.47 19.50 20.24
C SER D 178 -2.96 19.14 20.15
N GLY D 179 -3.37 18.41 19.10
CA GLY D 179 -4.72 17.87 19.04
C GLY D 179 -5.77 18.91 18.63
N ALA D 180 -5.35 20.13 18.34
CA ALA D 180 -6.25 21.23 18.03
C ALA D 180 -6.84 21.08 16.63
N ALA D 181 -6.11 20.38 15.74
CA ALA D 181 -6.68 19.82 14.51
C ALA D 181 -6.20 18.39 14.31
N ASP D 182 -6.88 17.66 13.42
CA ASP D 182 -6.71 16.23 13.24
C ASP D 182 -5.57 15.96 12.26
N LEU D 183 -5.58 16.67 11.13
CA LEU D 183 -4.57 16.53 10.10
C LEU D 183 -4.48 17.81 9.28
N MET D 184 -3.42 17.89 8.46
CA MET D 184 -3.29 18.87 7.41
C MET D 184 -2.93 18.15 6.11
N MET D 185 -3.33 18.75 4.97
CA MET D 185 -2.94 18.25 3.66
C MET D 185 -2.11 19.30 2.92
N THR D 186 -0.89 18.89 2.54
CA THR D 186 0.12 19.78 1.99
C THR D 186 1.10 18.99 1.13
N ASP D 187 2.04 19.69 0.50
CA ASP D 187 3.00 19.06 -0.40
C ASP D 187 3.75 17.96 0.35
N ALA D 188 3.94 16.82 -0.32
CA ALA D 188 4.48 15.62 0.30
C ALA D 188 5.90 15.87 0.83
N ILE D 189 6.62 16.82 0.24
CA ILE D 189 7.98 17.11 0.64
C ILE D 189 7.96 17.93 1.93
N GLU D 190 7.02 18.88 2.04
CA GLU D 190 6.80 19.58 3.30
C GLU D 190 6.49 18.58 4.41
N THR D 191 5.71 17.55 4.08
CA THR D 191 5.29 16.54 5.04
C THR D 191 6.47 15.65 5.46
N ARG D 192 7.37 15.32 4.54
CA ARG D 192 8.54 14.52 4.87
C ARG D 192 9.40 15.25 5.92
N LEU D 193 9.43 16.58 5.84
CA LEU D 193 10.29 17.41 6.67
C LEU D 193 9.66 17.60 8.05
N GLN D 194 8.35 17.84 8.09
CA GLN D 194 7.68 18.18 9.33
C GLN D 194 7.56 16.95 10.24
N GLN D 195 7.63 15.74 9.66
CA GLN D 195 7.60 14.52 10.44
C GLN D 195 8.95 14.32 11.15
N ARG D 196 10.03 14.84 10.56
CA ARG D 196 11.34 14.86 11.18
C ARG D 196 11.35 15.88 12.33
N LEU D 197 10.72 17.05 12.11
CA LEU D 197 10.79 18.15 13.07
C LEU D 197 9.94 17.82 14.29
N HIS D 198 8.71 17.37 14.06
CA HIS D 198 7.84 16.90 15.13
C HIS D 198 7.82 15.38 15.11
N PRO D 199 8.57 14.67 16.00
CA PRO D 199 8.60 13.21 16.00
C PRO D 199 7.23 12.57 16.21
N GLU D 200 6.30 13.32 16.83
CA GLU D 200 4.96 12.86 17.15
C GLU D 200 4.07 12.89 15.90
N LEU D 201 4.46 13.67 14.88
CA LEU D 201 3.76 13.68 13.61
C LEU D 201 4.39 12.68 12.63
N CYS D 202 3.54 12.19 11.71
CA CYS D 202 3.89 11.20 10.72
C CYS D 202 3.28 11.58 9.38
N ALA D 203 4.07 11.42 8.31
CA ALA D 203 3.61 11.62 6.95
C ALA D 203 2.74 10.45 6.51
N VAL D 204 1.64 10.75 5.79
CA VAL D 204 0.75 9.71 5.30
C VAL D 204 1.05 9.43 3.82
N HIS D 205 1.50 8.19 3.55
CA HIS D 205 1.89 7.71 2.24
C HIS D 205 2.41 8.85 1.36
N PRO D 206 3.58 9.46 1.69
CA PRO D 206 4.12 10.55 0.88
C PRO D 206 4.76 10.11 -0.44
N ASP D 207 5.06 8.81 -0.56
CA ASP D 207 5.48 8.20 -1.81
C ASP D 207 4.31 8.02 -2.77
N ALA D 208 3.07 8.20 -2.30
CA ALA D 208 1.88 8.04 -3.12
C ALA D 208 0.89 9.15 -2.84
N PRO D 209 1.18 10.41 -3.24
CA PRO D 209 0.30 11.54 -2.94
C PRO D 209 -1.04 11.40 -3.65
N PHE D 210 -1.99 12.27 -3.29
CA PHE D 210 -3.31 12.26 -3.92
C PHE D 210 -3.24 12.86 -5.33
N ASP D 211 -2.23 13.68 -5.65
CA ASP D 211 -2.19 14.31 -6.96
C ASP D 211 -0.74 14.63 -7.35
N THR D 212 -0.57 15.43 -8.43
CA THR D 212 0.74 15.83 -8.95
C THR D 212 0.71 17.31 -9.33
N ALA D 213 1.86 17.98 -9.15
CA ALA D 213 2.09 19.34 -9.61
C ALA D 213 3.58 19.55 -9.85
N GLU D 214 3.89 20.51 -10.73
CA GLU D 214 5.25 20.96 -10.93
C GLU D 214 5.54 22.07 -9.93
N LYS D 215 6.78 22.11 -9.44
CA LYS D 215 7.36 23.33 -8.88
C LYS D 215 8.26 23.99 -9.91
N ALA D 216 8.08 25.31 -10.08
CA ALA D 216 8.85 26.08 -11.05
C ALA D 216 8.94 27.53 -10.59
N ILE D 217 9.67 28.32 -11.38
CA ILE D 217 9.93 29.72 -11.08
C ILE D 217 8.84 30.57 -11.73
N LEU D 218 8.18 31.41 -10.93
CA LEU D 218 7.20 32.34 -11.47
C LEU D 218 7.93 33.47 -12.17
N LEU D 219 7.55 33.73 -13.43
CA LEU D 219 8.20 34.74 -14.24
C LEU D 219 7.14 35.69 -14.79
N PRO D 220 7.53 36.92 -15.22
CA PRO D 220 6.60 37.83 -15.89
C PRO D 220 6.54 37.51 -17.38
N ARG D 221 5.55 38.11 -18.05
N ARG D 221 5.57 38.15 -18.07
CA ARG D 221 5.29 37.81 -19.46
CA ARG D 221 5.28 37.85 -19.45
C ARG D 221 6.38 38.46 -20.32
C ARG D 221 6.36 38.45 -20.36
N ASP D 222 7.51 37.76 -20.42
CA ASP D 222 8.67 38.21 -21.18
C ASP D 222 9.47 36.97 -21.58
N ALA D 223 9.54 36.73 -22.89
CA ALA D 223 9.92 35.42 -23.41
C ALA D 223 11.45 35.26 -23.39
N GLU D 224 12.17 36.38 -23.50
CA GLU D 224 13.62 36.31 -23.57
C GLU D 224 14.16 35.91 -22.19
N LEU D 225 13.51 36.42 -21.14
CA LEU D 225 13.86 36.06 -19.77
C LEU D 225 13.59 34.58 -19.52
N LYS D 226 12.40 34.13 -19.92
CA LYS D 226 12.02 32.73 -19.75
C LYS D 226 13.07 31.82 -20.39
N ILE D 227 13.56 32.21 -21.57
CA ILE D 227 14.56 31.42 -22.26
C ILE D 227 15.85 31.41 -21.44
N TYR D 228 16.20 32.57 -20.87
CA TYR D 228 17.40 32.69 -20.07
C TYR D 228 17.32 31.76 -18.86
N VAL D 229 16.23 31.89 -18.09
CA VAL D 229 16.09 31.15 -16.84
C VAL D 229 16.09 29.65 -17.15
N ASP D 230 15.36 29.27 -18.20
CA ASP D 230 15.20 27.87 -18.55
C ASP D 230 16.55 27.25 -18.93
N THR D 231 17.33 27.99 -19.74
CA THR D 231 18.66 27.53 -20.13
C THR D 231 19.51 27.35 -18.88
N TRP D 232 19.42 28.33 -17.97
CA TRP D 232 20.13 28.29 -16.70
C TRP D 232 19.75 27.03 -15.94
N LEU D 233 18.44 26.79 -15.82
CA LEU D 233 17.93 25.69 -15.00
C LEU D 233 18.36 24.35 -15.59
N GLN D 234 18.20 24.20 -16.90
CA GLN D 234 18.52 22.94 -17.56
C GLN D 234 19.99 22.61 -17.36
N GLN D 235 20.85 23.64 -17.37
CA GLN D 235 22.25 23.48 -17.08
C GLN D 235 22.42 22.94 -15.66
N ARG D 236 21.77 23.62 -14.69
CA ARG D 236 21.93 23.27 -13.29
C ARG D 236 21.47 21.83 -13.06
N ILE D 237 20.39 21.43 -13.74
CA ILE D 237 19.84 20.10 -13.55
C ILE D 237 20.81 19.06 -14.11
N SER D 238 21.22 19.25 -15.37
CA SER D 238 21.97 18.21 -16.06
C SER D 238 23.35 18.01 -15.43
N SER D 239 23.88 19.06 -14.77
CA SER D 239 25.24 19.03 -14.23
C SER D 239 25.28 18.45 -12.81
N GLY D 240 24.10 18.20 -12.22
CA GLY D 240 24.00 17.60 -10.90
C GLY D 240 23.89 18.64 -9.79
N GLY D 241 23.92 19.92 -10.16
CA GLY D 241 24.02 21.01 -9.20
C GLY D 241 22.73 21.19 -8.39
N LEU D 242 21.58 20.97 -9.05
CA LEU D 242 20.31 21.02 -8.37
C LEU D 242 20.15 19.81 -7.46
N GLN D 243 20.47 18.62 -7.99
CA GLN D 243 20.43 17.40 -7.20
C GLN D 243 21.23 17.60 -5.92
N LYS D 244 22.46 18.14 -6.04
CA LYS D 244 23.30 18.41 -4.90
C LYS D 244 22.56 19.31 -3.92
N SER D 245 22.03 20.44 -4.41
CA SER D 245 21.35 21.41 -3.58
C SER D 245 20.17 20.78 -2.85
N PHE D 246 19.49 19.84 -3.49
CA PHE D 246 18.37 19.16 -2.87
C PHE D 246 18.83 18.30 -1.70
N ASP D 247 19.95 17.61 -1.89
CA ASP D 247 20.51 16.75 -0.85
C ASP D 247 20.90 17.60 0.37
N ARG D 248 21.63 18.69 0.13
CA ARG D 248 22.03 19.61 1.17
C ARG D 248 20.83 19.99 2.03
N TRP D 249 19.78 20.52 1.40
CA TRP D 249 18.77 21.30 2.10
C TRP D 249 17.68 20.41 2.69
N LEU D 250 17.69 19.10 2.36
CA LEU D 250 16.82 18.14 3.02
C LEU D 250 17.56 17.51 4.21
N ASP D 251 18.85 17.24 4.05
CA ASP D 251 19.67 16.74 5.14
C ASP D 251 20.05 17.87 6.10
N TYR D 252 19.68 19.12 5.75
CA TYR D 252 19.98 20.25 6.62
C TYR D 252 19.21 20.12 7.93
N PRO D 253 19.86 20.26 9.10
CA PRO D 253 19.19 20.08 10.39
C PRO D 253 18.32 21.29 10.76
N TRP D 254 17.14 21.35 10.15
CA TRP D 254 16.20 22.42 10.38
C TRP D 254 15.79 22.45 11.84
N ALA D 255 15.84 21.28 12.50
CA ALA D 255 15.41 21.17 13.89
C ALA D 255 16.33 21.98 14.81
N LEU D 256 17.62 22.00 14.46
CA LEU D 256 18.65 22.60 15.30
C LEU D 256 18.72 24.10 15.06
N GLU D 257 17.86 24.66 14.21
CA GLU D 257 17.98 26.05 13.78
C GLU D 257 17.67 26.99 14.95
N PRO D 258 16.67 26.71 15.81
CA PRO D 258 16.47 27.48 17.05
C PRO D 258 17.61 27.40 18.07
N LEU D 259 18.18 26.21 18.23
CA LEU D 259 19.30 25.99 19.12
C LEU D 259 20.43 26.90 18.71
N ARG D 260 20.72 26.89 17.40
CA ARG D 260 21.75 27.71 16.80
C ARG D 260 21.42 29.19 17.00
N GLN D 261 20.16 29.57 16.86
CA GLN D 261 19.77 30.96 17.02
C GLN D 261 20.05 31.41 18.45
N ALA D 262 19.86 30.52 19.43
CA ALA D 262 20.01 30.87 20.84
C ALA D 262 21.48 31.04 21.20
N ILE D 263 22.31 30.06 20.81
CA ILE D 263 23.74 30.15 21.03
C ILE D 263 24.26 31.42 20.38
N ASP D 264 23.79 31.67 19.15
CA ASP D 264 24.27 32.80 18.36
C ASP D 264 23.90 34.09 19.07
N GLU D 265 22.61 34.28 19.38
CA GLU D 265 22.14 35.56 19.88
C GLU D 265 22.84 35.88 21.19
N ARG D 266 23.09 34.85 22.00
CA ARG D 266 23.64 35.00 23.33
C ARG D 266 25.08 35.52 23.23
N LEU D 267 25.82 34.97 22.26
CA LEU D 267 27.21 35.33 22.07
C LEU D 267 27.31 36.75 21.53
N LEU D 268 26.40 37.13 20.62
CA LEU D 268 26.47 38.45 20.01
C LEU D 268 26.26 39.52 21.07
N LEU D 269 25.56 39.16 22.14
CA LEU D 269 25.29 40.07 23.25
C LEU D 269 26.55 40.32 24.07
N ALA D 270 27.56 39.45 24.00
CA ALA D 270 28.78 39.66 24.75
C ALA D 270 29.44 41.00 24.36
N GLU D 271 29.21 41.45 23.12
CA GLU D 271 29.62 42.77 22.67
C GLU D 271 29.05 43.86 23.57
N ALA D 272 27.74 43.81 23.83
CA ALA D 272 27.09 44.78 24.71
C ALA D 272 27.63 44.67 26.13
N VAL D 273 27.78 43.42 26.62
CA VAL D 273 28.27 43.17 27.96
C VAL D 273 29.62 43.86 28.14
N ALA D 274 30.49 43.76 27.13
CA ALA D 274 31.83 44.33 27.18
C ALA D 274 31.75 45.84 27.23
N ARG D 275 30.95 46.44 26.34
CA ARG D 275 30.75 47.88 26.30
C ARG D 275 30.40 48.40 27.69
N ALA D 276 29.46 47.73 28.36
CA ALA D 276 28.93 48.21 29.63
C ALA D 276 29.98 48.08 30.73
N LYS D 277 30.67 46.94 30.77
CA LYS D 277 31.71 46.69 31.75
C LYS D 277 32.90 47.64 31.52
N TRP D 278 33.15 48.01 30.26
CA TRP D 278 34.25 48.89 29.92
C TRP D 278 34.04 50.28 30.52
N ASN D 279 32.78 50.74 30.50
CA ASN D 279 32.45 52.08 30.95
C ASN D 279 32.72 52.21 32.44
N VAL D 280 32.51 51.13 33.20
CA VAL D 280 32.77 51.11 34.64
C VAL D 280 34.16 50.55 34.90
N GLN D 281 34.91 50.21 33.84
CA GLN D 281 36.17 49.49 33.91
C GLN D 281 36.07 48.30 34.87
N ALA D 282 34.97 47.54 34.76
CA ALA D 282 34.79 46.32 35.53
C ALA D 282 35.75 45.25 35.01
N PRO D 283 36.17 44.29 35.86
CA PRO D 283 36.92 43.12 35.39
C PRO D 283 36.01 42.14 34.68
N ILE D 284 36.61 41.24 33.90
CA ILE D 284 35.85 40.39 32.99
C ILE D 284 35.29 39.20 33.78
N GLU D 285 36.15 38.53 34.55
CA GLU D 285 35.70 37.47 35.45
C GLU D 285 34.73 38.05 36.49
N ASP D 286 33.54 37.44 36.58
CA ASP D 286 32.59 37.71 37.64
C ASP D 286 32.07 36.37 38.18
N LEU D 287 32.76 35.84 39.20
CA LEU D 287 32.61 34.45 39.57
C LEU D 287 31.23 34.21 40.19
N PRO D 288 30.65 35.18 40.93
CA PRO D 288 29.25 35.09 41.35
C PRO D 288 28.28 34.85 40.20
N ARG D 289 28.39 35.66 39.13
CA ARG D 289 27.45 35.56 38.02
C ARG D 289 27.60 34.20 37.33
N GLU D 290 28.83 33.72 37.21
CA GLU D 290 29.10 32.44 36.59
C GLU D 290 28.40 31.32 37.37
N ALA D 291 28.58 31.30 38.69
CA ALA D 291 27.98 30.26 39.50
C ALA D 291 26.46 30.29 39.38
N GLN D 292 25.85 31.50 39.31
CA GLN D 292 24.41 31.64 39.29
C GLN D 292 23.86 31.13 37.96
N VAL D 293 24.50 31.54 36.87
CA VAL D 293 24.09 31.17 35.53
C VAL D 293 24.05 29.65 35.43
N ILE D 294 25.14 29.00 35.86
CA ILE D 294 25.26 27.56 35.74
C ILE D 294 24.24 26.89 36.68
N ALA D 295 24.12 27.42 37.90
CA ALA D 295 23.24 26.83 38.90
C ALA D 295 21.79 26.87 38.43
N ALA D 296 21.41 28.02 37.84
CA ALA D 296 20.05 28.23 37.35
C ALA D 296 19.77 27.38 36.11
N ALA D 297 20.77 27.24 35.23
CA ALA D 297 20.62 26.41 34.05
C ALA D 297 20.40 24.95 34.46
N VAL D 298 21.17 24.47 35.43
CA VAL D 298 21.09 23.08 35.86
C VAL D 298 19.70 22.81 36.43
N GLN D 299 19.21 23.72 37.27
CA GLN D 299 17.90 23.57 37.89
C GLN D 299 16.84 23.44 36.80
N GLN D 300 16.81 24.41 35.88
CA GLN D 300 15.86 24.44 34.78
C GLN D 300 15.99 23.17 33.93
N GLY D 301 17.22 22.71 33.74
CA GLY D 301 17.50 21.52 32.96
C GLY D 301 16.96 20.25 33.60
N ARG D 302 16.95 20.21 34.94
CA ARG D 302 16.43 19.05 35.65
C ARG D 302 14.93 18.91 35.40
N THR D 303 14.23 20.05 35.30
CA THR D 303 12.80 20.03 35.05
C THR D 303 12.51 19.52 33.64
N LEU D 304 13.46 19.71 32.71
CA LEU D 304 13.34 19.22 31.35
C LEU D 304 13.94 17.82 31.20
N GLY D 305 14.46 17.26 32.30
CA GLY D 305 14.99 15.91 32.30
C GLY D 305 16.35 15.80 31.59
N LEU D 306 16.99 16.94 31.30
CA LEU D 306 18.39 16.96 30.89
C LEU D 306 19.25 16.51 32.06
N PRO D 307 20.37 15.78 31.81
CA PRO D 307 21.35 15.49 32.86
C PRO D 307 22.25 16.69 33.16
N ASP D 308 22.60 16.84 34.43
CA ASP D 308 23.11 18.10 34.94
C ASP D 308 24.56 18.28 34.48
N ALA D 309 25.33 17.20 34.49
CA ALA D 309 26.73 17.26 34.10
C ALA D 309 26.86 17.91 32.71
N TRP D 310 25.95 17.55 31.82
CA TRP D 310 26.01 18.01 30.43
C TRP D 310 25.60 19.48 30.35
N VAL D 311 24.49 19.84 30.99
CA VAL D 311 24.03 21.22 31.01
C VAL D 311 25.14 22.12 31.53
N ALA D 312 25.81 21.69 32.59
CA ALA D 312 26.88 22.49 33.19
C ALA D 312 27.99 22.72 32.18
N ALA D 313 28.44 21.63 31.53
CA ALA D 313 29.46 21.74 30.50
C ALA D 313 29.03 22.73 29.43
N VAL D 314 27.79 22.59 28.94
CA VAL D 314 27.32 23.42 27.85
C VAL D 314 27.45 24.88 28.24
N PHE D 315 27.09 25.19 29.49
CA PHE D 315 26.90 26.57 29.90
C PHE D 315 28.24 27.17 30.31
N LYS D 316 29.08 26.36 30.96
CA LYS D 316 30.49 26.70 31.12
C LYS D 316 31.05 27.19 29.78
N ALA D 317 30.79 26.45 28.71
CA ALA D 317 31.32 26.79 27.40
C ALA D 317 30.74 28.12 26.93
N GLN D 318 29.45 28.34 27.16
CA GLN D 318 28.79 29.57 26.73
C GLN D 318 29.41 30.77 27.47
N ILE D 319 29.73 30.57 28.75
CA ILE D 319 30.32 31.62 29.56
C ILE D 319 31.74 31.88 29.07
N GLU D 320 32.54 30.81 28.92
CA GLU D 320 33.93 30.96 28.52
C GLU D 320 33.98 31.65 27.16
N ALA D 321 32.99 31.38 26.30
CA ALA D 321 32.96 31.94 24.97
C ALA D 321 32.66 33.42 25.03
N SER D 322 31.65 33.79 25.81
CA SER D 322 31.38 35.19 26.09
C SER D 322 32.65 35.91 26.55
N LYS D 323 33.40 35.29 27.46
CA LYS D 323 34.54 35.95 28.09
C LYS D 323 35.66 36.15 27.07
N THR D 324 35.75 35.26 26.08
CA THR D 324 36.74 35.39 25.02
C THR D 324 36.44 36.61 24.18
N VAL D 325 35.16 36.81 23.84
CA VAL D 325 34.73 38.00 23.13
C VAL D 325 35.12 39.24 23.95
N GLN D 326 34.75 39.25 25.23
CA GLN D 326 35.04 40.38 26.10
C GLN D 326 36.52 40.70 26.07
N ARG D 327 37.37 39.67 26.19
CA ARG D 327 38.80 39.86 26.34
C ARG D 327 39.38 40.47 25.08
N GLU D 328 38.89 40.02 23.92
CA GLU D 328 39.35 40.52 22.64
C GLU D 328 39.01 41.99 22.52
N LEU D 329 37.80 42.38 22.95
CA LEU D 329 37.37 43.76 22.84
C LEU D 329 38.17 44.64 23.80
N TYR D 330 38.36 44.17 25.04
CA TYR D 330 39.10 44.94 26.03
C TYR D 330 40.50 45.27 25.51
N ALA D 331 41.15 44.26 24.92
CA ALA D 331 42.46 44.45 24.33
C ALA D 331 42.41 45.53 23.24
N LYS D 332 41.44 45.40 22.34
CA LYS D 332 41.27 46.33 21.23
C LYS D 332 41.08 47.74 21.76
N TRP D 333 40.26 47.89 22.80
CA TRP D 333 39.87 49.20 23.28
C TRP D 333 40.99 49.85 24.09
N LYS D 334 41.83 49.03 24.76
CA LYS D 334 42.98 49.57 25.46
C LYS D 334 43.95 50.17 24.44
N ALA D 335 44.11 49.49 23.30
CA ALA D 335 45.00 49.95 22.26
C ALA D 335 44.51 51.26 21.64
N GLN D 336 43.19 51.44 21.54
CA GLN D 336 42.60 52.60 20.88
C GLN D 336 42.54 53.79 21.82
N GLN D 337 42.80 53.54 23.12
CA GLN D 337 42.26 54.37 24.20
C GLN D 337 40.86 54.85 23.84
N ALA D 338 39.94 53.91 23.61
CA ALA D 338 38.53 54.23 23.43
C ALA D 338 37.95 54.73 24.77
N GLY D 339 36.85 55.46 24.67
CA GLY D 339 36.41 56.34 25.76
C GLY D 339 35.22 55.76 26.50
N HIS D 340 34.06 56.40 26.34
CA HIS D 340 32.81 55.98 26.95
C HIS D 340 31.82 55.65 25.83
N PHE D 341 31.13 54.51 25.96
CA PHE D 341 30.09 54.13 25.01
C PHE D 341 28.74 54.65 25.52
N ASP D 342 28.11 55.55 24.75
CA ASP D 342 27.13 56.46 25.31
C ASP D 342 25.77 55.77 25.41
N ASP D 343 25.39 55.06 24.33
CA ASP D 343 24.15 54.30 24.29
C ASP D 343 24.43 52.83 24.56
N ALA D 344 25.26 52.56 25.58
CA ALA D 344 25.50 51.19 26.02
C ALA D 344 24.42 50.75 27.00
N PRO D 345 23.72 49.62 26.76
CA PRO D 345 22.56 49.23 27.59
C PRO D 345 22.98 48.83 28.99
N ASP D 346 22.02 48.82 29.91
CA ASP D 346 22.30 48.51 31.30
C ASP D 346 22.50 47.00 31.43
N LEU D 347 23.48 46.60 32.24
CA LEU D 347 23.82 45.20 32.40
C LEU D 347 22.74 44.50 33.21
N ALA D 348 22.47 45.01 34.42
CA ALA D 348 21.57 44.38 35.37
C ALA D 348 20.14 44.38 34.86
N ASN D 349 19.75 45.44 34.13
CA ASN D 349 18.34 45.78 33.93
C ASN D 349 17.87 45.39 32.53
N THR D 350 18.76 45.37 31.54
CA THR D 350 18.37 45.12 30.15
C THR D 350 18.98 43.81 29.67
N ILE D 351 20.30 43.68 29.82
CA ILE D 351 21.06 42.69 29.08
C ILE D 351 20.88 41.34 29.76
N ARG D 352 21.13 41.31 31.08
CA ARG D 352 21.20 40.05 31.81
C ARG D 352 19.85 39.34 31.77
N PRO D 353 18.70 40.06 31.90
CA PRO D 353 17.39 39.53 31.52
C PRO D 353 17.31 38.82 30.17
N GLN D 354 17.80 39.47 29.12
CA GLN D 354 17.78 38.89 27.78
C GLN D 354 18.56 37.58 27.78
N LEU D 355 19.71 37.56 28.45
CA LEU D 355 20.58 36.39 28.49
C LEU D 355 19.85 35.21 29.16
N ASP D 356 19.06 35.52 30.19
CA ASP D 356 18.37 34.50 30.96
C ASP D 356 17.20 33.94 30.15
N ARG D 357 16.58 34.81 29.34
CA ARG D 357 15.53 34.37 28.42
C ARG D 357 16.08 33.36 27.42
N ILE D 358 17.31 33.60 26.97
CA ILE D 358 17.91 32.83 25.89
C ILE D 358 18.38 31.48 26.45
N THR D 359 18.85 31.50 27.69
CA THR D 359 19.19 30.28 28.40
C THR D 359 18.01 29.31 28.36
N THR D 360 16.82 29.81 28.71
CA THR D 360 15.60 29.03 28.63
C THR D 360 15.47 28.43 27.23
N GLN D 361 15.47 29.30 26.20
CA GLN D 361 15.31 28.84 24.83
C GLN D 361 16.32 27.75 24.52
N LEU D 362 17.58 27.99 24.91
CA LEU D 362 18.67 27.09 24.57
C LEU D 362 18.45 25.72 25.20
N LEU D 363 18.04 25.70 26.48
CA LEU D 363 17.82 24.45 27.20
C LEU D 363 16.69 23.64 26.54
N ARG D 364 15.62 24.32 26.11
CA ARG D 364 14.49 23.64 25.53
C ARG D 364 14.89 23.00 24.20
N ALA D 365 15.71 23.70 23.43
CA ALA D 365 16.25 23.19 22.18
C ALA D 365 17.14 21.97 22.45
N MET D 366 17.90 21.98 23.55
CA MET D 366 18.70 20.83 23.92
C MET D 366 17.78 19.66 24.26
N ALA D 367 16.67 19.96 24.94
CA ALA D 367 15.79 18.93 25.46
C ALA D 367 15.11 18.18 24.31
N ASP D 368 14.69 18.92 23.27
CA ASP D 368 13.90 18.34 22.20
C ASP D 368 14.80 17.49 21.30
N ASN D 369 15.98 18.02 20.96
CA ASN D 369 16.73 17.55 19.80
C ASN D 369 18.00 16.83 20.23
N GLN D 370 17.85 15.84 21.11
CA GLN D 370 18.98 15.08 21.63
C GLN D 370 19.44 14.08 20.57
N ALA D 371 18.46 13.48 19.87
CA ALA D 371 18.73 12.57 18.77
C ALA D 371 19.37 13.31 17.60
N THR D 372 18.76 14.43 17.19
CA THR D 372 19.21 15.21 16.04
C THR D 372 20.64 15.68 16.25
N LEU D 373 21.09 15.75 17.51
CA LEU D 373 22.39 16.31 17.85
C LEU D 373 23.48 15.24 17.82
N LYS D 374 23.10 13.99 17.55
CA LYS D 374 24.05 12.89 17.47
C LYS D 374 24.41 12.61 16.01
N ASP D 375 23.59 13.08 15.06
CA ASP D 375 23.92 13.02 13.65
C ASP D 375 25.01 14.06 13.33
N THR D 376 25.79 13.78 12.29
CA THR D 376 27.22 14.08 12.27
C THR D 376 27.61 14.75 10.95
N ALA D 377 27.31 14.08 9.83
CA ALA D 377 27.17 14.73 8.54
C ALA D 377 25.68 15.06 8.30
N ARG D 378 25.01 15.55 9.35
CA ARG D 378 24.01 16.59 9.22
C ARG D 378 24.37 17.73 10.18
N LEU D 379 24.88 18.84 9.60
CA LEU D 379 25.62 19.83 10.36
C LEU D 379 25.06 21.23 10.08
N ILE D 380 25.10 22.07 11.13
CA ILE D 380 24.49 23.39 11.19
C ILE D 380 25.29 24.35 10.32
N ARG D 381 24.64 25.45 9.86
CA ARG D 381 25.35 26.51 9.15
C ARG D 381 26.11 27.39 10.15
N PRO D 382 27.08 28.21 9.68
CA PRO D 382 28.02 28.89 10.58
C PRO D 382 27.39 30.07 11.30
N LEU D 383 27.89 30.37 12.51
CA LEU D 383 27.26 31.38 13.36
C LEU D 383 27.60 32.77 12.84
N GLU D 384 26.66 33.71 13.02
CA GLU D 384 26.88 35.11 12.72
C GLU D 384 28.07 35.63 13.52
N ALA D 385 28.30 35.04 14.71
CA ALA D 385 29.22 35.59 15.69
C ALA D 385 30.63 35.04 15.49
N ALA D 386 30.85 34.24 14.44
CA ALA D 386 32.21 33.98 13.97
C ALA D 386 32.80 35.23 13.33
N ALA D 387 31.94 36.14 12.85
CA ALA D 387 32.36 37.48 12.44
C ALA D 387 33.02 38.21 13.61
N LEU D 388 32.51 37.99 14.82
CA LEU D 388 32.94 38.70 16.01
C LEU D 388 34.23 38.06 16.55
N SER D 389 34.16 36.74 16.83
CA SER D 389 35.31 35.97 17.26
C SER D 389 35.12 34.52 16.85
N PRO D 390 35.86 34.01 15.85
CA PRO D 390 35.77 32.60 15.46
C PRO D 390 36.16 31.65 16.57
N ALA D 391 37.09 32.07 17.45
CA ALA D 391 37.54 31.25 18.56
C ALA D 391 36.39 31.03 19.54
N ALA D 392 35.70 32.13 19.89
CA ALA D 392 34.58 32.06 20.82
C ALA D 392 33.47 31.19 20.25
N ALA D 393 33.21 31.33 18.95
CA ALA D 393 32.17 30.57 18.27
C ALA D 393 32.45 29.07 18.37
N ALA D 394 33.73 28.71 18.23
CA ALA D 394 34.15 27.32 18.36
C ALA D 394 33.91 26.83 19.78
N GLN D 395 34.30 27.66 20.76
CA GLN D 395 34.17 27.32 22.17
C GLN D 395 32.72 26.97 22.47
N ALA D 396 31.79 27.78 21.93
CA ALA D 396 30.39 27.71 22.32
C ALA D 396 29.77 26.40 21.83
N LEU D 397 30.23 25.92 20.66
CA LEU D 397 29.62 24.78 20.01
C LEU D 397 30.26 23.49 20.52
N ALA D 398 31.40 23.60 21.19
CA ALA D 398 32.28 22.46 21.40
C ALA D 398 31.52 21.34 22.11
N PRO D 399 30.76 21.61 23.19
CA PRO D 399 30.05 20.55 23.92
C PRO D 399 28.69 20.16 23.35
N LEU D 400 28.43 20.51 22.09
CA LEU D 400 27.27 20.02 21.37
C LEU D 400 27.67 19.24 20.13
N SER D 401 28.98 18.99 19.99
CA SER D 401 29.47 18.01 19.03
C SER D 401 28.99 16.63 19.45
N ALA D 402 28.68 15.79 18.46
CA ALA D 402 27.96 14.55 18.67
C ALA D 402 28.68 13.71 19.72
N HIS D 403 30.00 13.69 19.66
CA HIS D 403 30.81 12.74 20.44
C HIS D 403 30.66 13.01 21.93
N VAL D 404 30.52 14.29 22.32
CA VAL D 404 30.39 14.64 23.73
C VAL D 404 28.93 14.44 24.15
N VAL D 405 27.99 14.63 23.21
CA VAL D 405 26.58 14.46 23.50
C VAL D 405 26.28 13.00 23.79
N VAL D 406 26.95 12.10 23.05
CA VAL D 406 26.86 10.66 23.23
C VAL D 406 27.62 10.27 24.49
N ARG D 407 28.74 10.93 24.75
CA ARG D 407 29.55 10.70 25.94
C ARG D 407 28.70 10.86 27.21
N PHE D 408 27.64 11.68 27.15
CA PHE D 408 26.94 12.12 28.36
C PHE D 408 25.70 11.28 28.63
N LEU D 409 25.19 10.53 27.64
CA LEU D 409 23.79 10.13 27.62
C LEU D 409 23.65 8.59 27.59
#